data_1LU4
# 
_entry.id   1LU4 
# 
_audit_conform.dict_name       mmcif_pdbx.dic 
_audit_conform.dict_version    5.386 
_audit_conform.dict_location   http://mmcif.pdb.org/dictionaries/ascii/mmcif_pdbx.dic 
# 
loop_
_database_2.database_id 
_database_2.database_code 
_database_2.pdbx_database_accession 
_database_2.pdbx_DOI 
PDB   1LU4         pdb_00001lu4 10.2210/pdb1lu4/pdb 
RCSB  RCSB016270   ?            ?                   
WWPDB D_1000016270 ?            ?                   
# 
loop_
_pdbx_audit_revision_history.ordinal 
_pdbx_audit_revision_history.data_content_type 
_pdbx_audit_revision_history.major_revision 
_pdbx_audit_revision_history.minor_revision 
_pdbx_audit_revision_history.revision_date 
1 'Structure model' 1 0 2003-10-14 
2 'Structure model' 1 1 2008-04-28 
3 'Structure model' 1 2 2011-07-13 
4 'Structure model' 1 3 2024-02-14 
# 
_pdbx_audit_revision_details.ordinal             1 
_pdbx_audit_revision_details.revision_ordinal    1 
_pdbx_audit_revision_details.data_content_type   'Structure model' 
_pdbx_audit_revision_details.provider            repository 
_pdbx_audit_revision_details.type                'Initial release' 
_pdbx_audit_revision_details.description         ? 
_pdbx_audit_revision_details.details             ? 
# 
loop_
_pdbx_audit_revision_group.ordinal 
_pdbx_audit_revision_group.revision_ordinal 
_pdbx_audit_revision_group.data_content_type 
_pdbx_audit_revision_group.group 
1 2 'Structure model' 'Version format compliance' 
2 3 'Structure model' 'Version format compliance' 
3 4 'Structure model' 'Data collection'           
4 4 'Structure model' 'Database references'       
# 
loop_
_pdbx_audit_revision_category.ordinal 
_pdbx_audit_revision_category.revision_ordinal 
_pdbx_audit_revision_category.data_content_type 
_pdbx_audit_revision_category.category 
1 4 'Structure model' chem_comp_atom 
2 4 'Structure model' chem_comp_bond 
3 4 'Structure model' database_2     
# 
loop_
_pdbx_audit_revision_item.ordinal 
_pdbx_audit_revision_item.revision_ordinal 
_pdbx_audit_revision_item.data_content_type 
_pdbx_audit_revision_item.item 
1 4 'Structure model' '_database_2.pdbx_DOI'                
2 4 'Structure model' '_database_2.pdbx_database_accession' 
# 
_pdbx_database_status.status_code                     REL 
_pdbx_database_status.entry_id                        1LU4 
_pdbx_database_status.recvd_initial_deposition_date   2002-05-21 
_pdbx_database_status.deposit_site                    RCSB 
_pdbx_database_status.process_site                    RCSB 
_pdbx_database_status.SG_entry                        Y 
_pdbx_database_status.status_code_sf                  REL 
_pdbx_database_status.pdb_format_compatible           Y 
_pdbx_database_status.status_code_mr                  ? 
_pdbx_database_status.status_code_cs                  ? 
_pdbx_database_status.status_code_nmr_data            ? 
_pdbx_database_status.methods_development_category    ? 
# 
_pdbx_database_related.db_name        TargetDB 
_pdbx_database_related.db_id          Rv2878c 
_pdbx_database_related.details        . 
_pdbx_database_related.content_type   unspecified 
# 
loop_
_audit_author.name 
_audit_author.pdbx_ordinal 
'Goulding, C.W.'                            1 
'Apostol, M.I.'                             2 
'Gleiter, S.'                               3 
'Parseghian, A.'                            4 
'Bardwell, J.'                              5 
'Gennaro, M.'                               6 
'Eisenberg, D.'                             7 
'TB Structural Genomics Consortium (TBSGC)' 8 
# 
_citation.id                        primary 
_citation.title                     
;Gram-positive DsbE Proteins Function Differently from Gram-negative DsbE Homologs: A STRUCTURE TO FUNCTION ANALYSIS OF DsbE FROM MYCOBACTERIUM TUBERCULOSIS.
;
_citation.journal_abbrev            J.Biol.Chem. 
_citation.journal_volume            279 
_citation.page_first                3516 
_citation.page_last                 3524 
_citation.year                      2004 
_citation.journal_id_ASTM           JBCHA3 
_citation.country                   US 
_citation.journal_id_ISSN           0021-9258 
_citation.journal_id_CSD            0071 
_citation.book_publisher            ? 
_citation.pdbx_database_id_PubMed   14597624 
_citation.pdbx_database_id_DOI      10.1074/jbc.M311833200 
# 
loop_
_citation_author.citation_id 
_citation_author.name 
_citation_author.ordinal 
_citation_author.identifier_ORCID 
primary 'Goulding, C.W.' 1 ? 
primary 'Apostol, M.I.'  2 ? 
primary 'Gleiter, S.'    3 ? 
primary 'Parseghian, A.' 4 ? 
primary 'Bardwell, J.'   5 ? 
primary 'Gennaro, M.'    6 ? 
primary 'Eisenberg, D.'  7 ? 
# 
loop_
_entity.id 
_entity.type 
_entity.src_method 
_entity.pdbx_description 
_entity.formula_weight 
_entity.pdbx_number_of_molecules 
_entity.pdbx_ec 
_entity.pdbx_mutation 
_entity.pdbx_fragment 
_entity.details 
1 polymer man 'SOLUBLE SECRETED ANTIGEN MPT53' 14624.241 1   ? ? ? ? 
2 water   nat water                            18.015    321 ? ? ? ? 
# 
_entity_poly.entity_id                      1 
_entity_poly.type                           'polypeptide(L)' 
_entity_poly.nstd_linkage                   no 
_entity_poly.nstd_monomer                   no 
_entity_poly.pdbx_seq_one_letter_code       
;ADERLQFTATTLSGAPFDGASLQGKPAVLWFWTPWCPFCNAEAPSLSQVAAANPAVTFVGIATRADVGAMQSFVSKYNLN
FTNLNDADGVIWARYNVPWQPAFVFYRADGTSTFVNNPTAAMSQDELSGRVAALTS
;
_entity_poly.pdbx_seq_one_letter_code_can   
;ADERLQFTATTLSGAPFDGASLQGKPAVLWFWTPWCPFCNAEAPSLSQVAAANPAVTFVGIATRADVGAMQSFVSKYNLN
FTNLNDADGVIWARYNVPWQPAFVFYRADGTSTFVNNPTAAMSQDELSGRVAALTS
;
_entity_poly.pdbx_strand_id                 A 
_entity_poly.pdbx_target_identifier         Rv2878c 
# 
_pdbx_entity_nonpoly.entity_id   2 
_pdbx_entity_nonpoly.name        water 
_pdbx_entity_nonpoly.comp_id     HOH 
# 
loop_
_entity_poly_seq.entity_id 
_entity_poly_seq.num 
_entity_poly_seq.mon_id 
_entity_poly_seq.hetero 
1 1   ALA n 
1 2   ASP n 
1 3   GLU n 
1 4   ARG n 
1 5   LEU n 
1 6   GLN n 
1 7   PHE n 
1 8   THR n 
1 9   ALA n 
1 10  THR n 
1 11  THR n 
1 12  LEU n 
1 13  SER n 
1 14  GLY n 
1 15  ALA n 
1 16  PRO n 
1 17  PHE n 
1 18  ASP n 
1 19  GLY n 
1 20  ALA n 
1 21  SER n 
1 22  LEU n 
1 23  GLN n 
1 24  GLY n 
1 25  LYS n 
1 26  PRO n 
1 27  ALA n 
1 28  VAL n 
1 29  LEU n 
1 30  TRP n 
1 31  PHE n 
1 32  TRP n 
1 33  THR n 
1 34  PRO n 
1 35  TRP n 
1 36  CYS n 
1 37  PRO n 
1 38  PHE n 
1 39  CYS n 
1 40  ASN n 
1 41  ALA n 
1 42  GLU n 
1 43  ALA n 
1 44  PRO n 
1 45  SER n 
1 46  LEU n 
1 47  SER n 
1 48  GLN n 
1 49  VAL n 
1 50  ALA n 
1 51  ALA n 
1 52  ALA n 
1 53  ASN n 
1 54  PRO n 
1 55  ALA n 
1 56  VAL n 
1 57  THR n 
1 58  PHE n 
1 59  VAL n 
1 60  GLY n 
1 61  ILE n 
1 62  ALA n 
1 63  THR n 
1 64  ARG n 
1 65  ALA n 
1 66  ASP n 
1 67  VAL n 
1 68  GLY n 
1 69  ALA n 
1 70  MET n 
1 71  GLN n 
1 72  SER n 
1 73  PHE n 
1 74  VAL n 
1 75  SER n 
1 76  LYS n 
1 77  TYR n 
1 78  ASN n 
1 79  LEU n 
1 80  ASN n 
1 81  PHE n 
1 82  THR n 
1 83  ASN n 
1 84  LEU n 
1 85  ASN n 
1 86  ASP n 
1 87  ALA n 
1 88  ASP n 
1 89  GLY n 
1 90  VAL n 
1 91  ILE n 
1 92  TRP n 
1 93  ALA n 
1 94  ARG n 
1 95  TYR n 
1 96  ASN n 
1 97  VAL n 
1 98  PRO n 
1 99  TRP n 
1 100 GLN n 
1 101 PRO n 
1 102 ALA n 
1 103 PHE n 
1 104 VAL n 
1 105 PHE n 
1 106 TYR n 
1 107 ARG n 
1 108 ALA n 
1 109 ASP n 
1 110 GLY n 
1 111 THR n 
1 112 SER n 
1 113 THR n 
1 114 PHE n 
1 115 VAL n 
1 116 ASN n 
1 117 ASN n 
1 118 PRO n 
1 119 THR n 
1 120 ALA n 
1 121 ALA n 
1 122 MET n 
1 123 SER n 
1 124 GLN n 
1 125 ASP n 
1 126 GLU n 
1 127 LEU n 
1 128 SER n 
1 129 GLY n 
1 130 ARG n 
1 131 VAL n 
1 132 ALA n 
1 133 ALA n 
1 134 LEU n 
1 135 THR n 
1 136 SER n 
# 
_entity_src_gen.entity_id                          1 
_entity_src_gen.pdbx_src_id                        1 
_entity_src_gen.pdbx_alt_source_flag               sample 
_entity_src_gen.pdbx_seq_type                      ? 
_entity_src_gen.pdbx_beg_seq_num                   ? 
_entity_src_gen.pdbx_end_seq_num                   ? 
_entity_src_gen.gene_src_common_name               ? 
_entity_src_gen.gene_src_genus                     Mycobacterium 
_entity_src_gen.pdbx_gene_src_gene                 Rv2878c 
_entity_src_gen.gene_src_species                   ? 
_entity_src_gen.gene_src_strain                    ? 
_entity_src_gen.gene_src_tissue                    ? 
_entity_src_gen.gene_src_tissue_fraction           ? 
_entity_src_gen.gene_src_details                   ? 
_entity_src_gen.pdbx_gene_src_fragment             ? 
_entity_src_gen.pdbx_gene_src_scientific_name      'Mycobacterium tuberculosis' 
_entity_src_gen.pdbx_gene_src_ncbi_taxonomy_id     1773 
_entity_src_gen.pdbx_gene_src_variant              ? 
_entity_src_gen.pdbx_gene_src_cell_line            ? 
_entity_src_gen.pdbx_gene_src_atcc                 ? 
_entity_src_gen.pdbx_gene_src_organ                ? 
_entity_src_gen.pdbx_gene_src_organelle            ? 
_entity_src_gen.pdbx_gene_src_cell                 ? 
_entity_src_gen.pdbx_gene_src_cellular_location    ? 
_entity_src_gen.host_org_common_name               ? 
_entity_src_gen.pdbx_host_org_scientific_name      'Escherichia coli' 
_entity_src_gen.pdbx_host_org_ncbi_taxonomy_id     562 
_entity_src_gen.host_org_genus                     Escherichia 
_entity_src_gen.pdbx_host_org_gene                 ? 
_entity_src_gen.pdbx_host_org_organ                ? 
_entity_src_gen.host_org_species                   ? 
_entity_src_gen.pdbx_host_org_tissue               ? 
_entity_src_gen.pdbx_host_org_tissue_fraction      ? 
_entity_src_gen.pdbx_host_org_strain               'XL-Blue cells' 
_entity_src_gen.pdbx_host_org_variant              ? 
_entity_src_gen.pdbx_host_org_cell_line            ? 
_entity_src_gen.pdbx_host_org_atcc                 ? 
_entity_src_gen.pdbx_host_org_culture_collection   ? 
_entity_src_gen.pdbx_host_org_cell                 ? 
_entity_src_gen.pdbx_host_org_organelle            ? 
_entity_src_gen.pdbx_host_org_cellular_location    ? 
_entity_src_gen.pdbx_host_org_vector_type          Plasmid 
_entity_src_gen.pdbx_host_org_vector               ? 
_entity_src_gen.host_org_details                   ? 
_entity_src_gen.expression_system_id               ? 
_entity_src_gen.plasmid_name                       pQE30 
_entity_src_gen.plasmid_details                    ? 
_entity_src_gen.pdbx_description                   ? 
# 
loop_
_chem_comp.id 
_chem_comp.type 
_chem_comp.mon_nstd_flag 
_chem_comp.name 
_chem_comp.pdbx_synonyms 
_chem_comp.formula 
_chem_comp.formula_weight 
ALA 'L-peptide linking' y ALANINE         ? 'C3 H7 N O2'     89.093  
ARG 'L-peptide linking' y ARGININE        ? 'C6 H15 N4 O2 1' 175.209 
ASN 'L-peptide linking' y ASPARAGINE      ? 'C4 H8 N2 O3'    132.118 
ASP 'L-peptide linking' y 'ASPARTIC ACID' ? 'C4 H7 N O4'     133.103 
CYS 'L-peptide linking' y CYSTEINE        ? 'C3 H7 N O2 S'   121.158 
GLN 'L-peptide linking' y GLUTAMINE       ? 'C5 H10 N2 O3'   146.144 
GLU 'L-peptide linking' y 'GLUTAMIC ACID' ? 'C5 H9 N O4'     147.129 
GLY 'peptide linking'   y GLYCINE         ? 'C2 H5 N O2'     75.067  
HOH non-polymer         . WATER           ? 'H2 O'           18.015  
ILE 'L-peptide linking' y ISOLEUCINE      ? 'C6 H13 N O2'    131.173 
LEU 'L-peptide linking' y LEUCINE         ? 'C6 H13 N O2'    131.173 
LYS 'L-peptide linking' y LYSINE          ? 'C6 H15 N2 O2 1' 147.195 
MET 'L-peptide linking' y METHIONINE      ? 'C5 H11 N O2 S'  149.211 
PHE 'L-peptide linking' y PHENYLALANINE   ? 'C9 H11 N O2'    165.189 
PRO 'L-peptide linking' y PROLINE         ? 'C5 H9 N O2'     115.130 
SER 'L-peptide linking' y SERINE          ? 'C3 H7 N O3'     105.093 
THR 'L-peptide linking' y THREONINE       ? 'C4 H9 N O3'     119.119 
TRP 'L-peptide linking' y TRYPTOPHAN      ? 'C11 H12 N2 O2'  204.225 
TYR 'L-peptide linking' y TYROSINE        ? 'C9 H11 N O3'    181.189 
VAL 'L-peptide linking' y VALINE          ? 'C5 H11 N O2'    117.146 
# 
loop_
_pdbx_poly_seq_scheme.asym_id 
_pdbx_poly_seq_scheme.entity_id 
_pdbx_poly_seq_scheme.seq_id 
_pdbx_poly_seq_scheme.mon_id 
_pdbx_poly_seq_scheme.ndb_seq_num 
_pdbx_poly_seq_scheme.pdb_seq_num 
_pdbx_poly_seq_scheme.auth_seq_num 
_pdbx_poly_seq_scheme.pdb_mon_id 
_pdbx_poly_seq_scheme.auth_mon_id 
_pdbx_poly_seq_scheme.pdb_strand_id 
_pdbx_poly_seq_scheme.pdb_ins_code 
_pdbx_poly_seq_scheme.hetero 
A 1 1   ALA 1   1001 1001 ALA ALA A . n 
A 1 2   ASP 2   1002 1002 ASP ASP A . n 
A 1 3   GLU 3   1003 1003 GLU GLU A . n 
A 1 4   ARG 4   1004 1004 ARG ARG A . n 
A 1 5   LEU 5   1005 1005 LEU LEU A . n 
A 1 6   GLN 6   1006 1006 GLN GLN A . n 
A 1 7   PHE 7   1007 1007 PHE PHE A . n 
A 1 8   THR 8   1008 1008 THR THR A . n 
A 1 9   ALA 9   1009 1009 ALA ALA A . n 
A 1 10  THR 10  1010 1010 THR THR A . n 
A 1 11  THR 11  1011 1011 THR THR A . n 
A 1 12  LEU 12  1012 1012 LEU LEU A . n 
A 1 13  SER 13  1013 1013 SER SER A . n 
A 1 14  GLY 14  1014 1014 GLY GLY A . n 
A 1 15  ALA 15  1015 1015 ALA ALA A . n 
A 1 16  PRO 16  1016 1016 PRO PRO A . n 
A 1 17  PHE 17  1017 1017 PHE PHE A . n 
A 1 18  ASP 18  1018 1018 ASP ASP A . n 
A 1 19  GLY 19  1019 1019 GLY GLY A . n 
A 1 20  ALA 20  1020 1020 ALA ALA A . n 
A 1 21  SER 21  1021 1021 SER SER A . n 
A 1 22  LEU 22  1022 1022 LEU LEU A . n 
A 1 23  GLN 23  1023 1023 GLN GLN A . n 
A 1 24  GLY 24  1024 1024 GLY GLY A . n 
A 1 25  LYS 25  1025 1025 LYS LYS A . n 
A 1 26  PRO 26  1026 1026 PRO PRO A . n 
A 1 27  ALA 27  1027 1027 ALA ALA A . n 
A 1 28  VAL 28  1028 1028 VAL VAL A . n 
A 1 29  LEU 29  1029 1029 LEU LEU A . n 
A 1 30  TRP 30  1030 1030 TRP TRP A . n 
A 1 31  PHE 31  1031 1031 PHE PHE A . n 
A 1 32  TRP 32  1032 1032 TRP TRP A . n 
A 1 33  THR 33  1033 1033 THR THR A . n 
A 1 34  PRO 34  1034 1034 PRO PRO A . n 
A 1 35  TRP 35  1035 1035 TRP TRP A . n 
A 1 36  CYS 36  1036 1036 CYS CYS A . n 
A 1 37  PRO 37  1037 1037 PRO PRO A . n 
A 1 38  PHE 38  1038 1038 PHE PHE A . n 
A 1 39  CYS 39  1039 1039 CYS CYS A . n 
A 1 40  ASN 40  1040 1040 ASN ASN A . n 
A 1 41  ALA 41  1041 1041 ALA ALA A . n 
A 1 42  GLU 42  1042 1042 GLU GLU A . n 
A 1 43  ALA 43  1043 1043 ALA ALA A . n 
A 1 44  PRO 44  1044 1044 PRO PRO A . n 
A 1 45  SER 45  1045 1045 SER SER A . n 
A 1 46  LEU 46  1046 1046 LEU LEU A . n 
A 1 47  SER 47  1047 1047 SER SER A . n 
A 1 48  GLN 48  1048 1048 GLN GLN A . n 
A 1 49  VAL 49  1049 1049 VAL VAL A . n 
A 1 50  ALA 50  1050 1050 ALA ALA A . n 
A 1 51  ALA 51  1051 1051 ALA ALA A . n 
A 1 52  ALA 52  1052 1052 ALA ALA A . n 
A 1 53  ASN 53  1053 1053 ASN ASN A . n 
A 1 54  PRO 54  1054 1054 PRO PRO A . n 
A 1 55  ALA 55  1055 1055 ALA ALA A . n 
A 1 56  VAL 56  1056 1056 VAL VAL A . n 
A 1 57  THR 57  1057 1057 THR THR A . n 
A 1 58  PHE 58  1058 1058 PHE PHE A . n 
A 1 59  VAL 59  1059 1059 VAL VAL A . n 
A 1 60  GLY 60  1060 1060 GLY GLY A . n 
A 1 61  ILE 61  1061 1061 ILE ILE A . n 
A 1 62  ALA 62  1062 1062 ALA ALA A . n 
A 1 63  THR 63  1063 1063 THR THR A . n 
A 1 64  ARG 64  1064 1064 ARG ARG A . n 
A 1 65  ALA 65  1065 1065 ALA ALA A . n 
A 1 66  ASP 66  1066 1066 ASP ASP A . n 
A 1 67  VAL 67  1067 1067 VAL VAL A . n 
A 1 68  GLY 68  1068 1068 GLY GLY A . n 
A 1 69  ALA 69  1069 1069 ALA ALA A . n 
A 1 70  MET 70  1070 1070 MET MET A . n 
A 1 71  GLN 71  1071 1071 GLN GLN A . n 
A 1 72  SER 72  1072 1072 SER SER A . n 
A 1 73  PHE 73  1073 1073 PHE PHE A . n 
A 1 74  VAL 74  1074 1074 VAL VAL A . n 
A 1 75  SER 75  1075 1075 SER SER A . n 
A 1 76  LYS 76  1076 1076 LYS LYS A . n 
A 1 77  TYR 77  1077 1077 TYR TYR A . n 
A 1 78  ASN 78  1078 1078 ASN ASN A . n 
A 1 79  LEU 79  1079 1079 LEU LEU A . n 
A 1 80  ASN 80  1080 1080 ASN ASN A . n 
A 1 81  PHE 81  1081 1081 PHE PHE A . n 
A 1 82  THR 82  1082 1082 THR THR A . n 
A 1 83  ASN 83  1083 1083 ASN ASN A . n 
A 1 84  LEU 84  1084 1084 LEU LEU A . n 
A 1 85  ASN 85  1085 1085 ASN ASN A . n 
A 1 86  ASP 86  1086 1086 ASP ASP A . n 
A 1 87  ALA 87  1087 1087 ALA ALA A . n 
A 1 88  ASP 88  1088 1088 ASP ASP A . n 
A 1 89  GLY 89  1089 1089 GLY GLY A . n 
A 1 90  VAL 90  1090 1090 VAL VAL A . n 
A 1 91  ILE 91  1091 1091 ILE ILE A . n 
A 1 92  TRP 92  1092 1092 TRP TRP A . n 
A 1 93  ALA 93  1093 1093 ALA ALA A . n 
A 1 94  ARG 94  1094 1094 ARG ARG A . n 
A 1 95  TYR 95  1095 1095 TYR TYR A . n 
A 1 96  ASN 96  1096 1096 ASN ASN A . n 
A 1 97  VAL 97  1097 1097 VAL VAL A . n 
A 1 98  PRO 98  1098 1098 PRO PRO A . n 
A 1 99  TRP 99  1099 1099 TRP TRP A . n 
A 1 100 GLN 100 1100 1100 GLN GLN A . n 
A 1 101 PRO 101 1101 1101 PRO PRO A . n 
A 1 102 ALA 102 1102 1102 ALA ALA A . n 
A 1 103 PHE 103 1103 1103 PHE PHE A . n 
A 1 104 VAL 104 1104 1104 VAL VAL A . n 
A 1 105 PHE 105 1105 1105 PHE PHE A . n 
A 1 106 TYR 106 1106 1106 TYR TYR A . n 
A 1 107 ARG 107 1107 1107 ARG ARG A . n 
A 1 108 ALA 108 1108 1108 ALA ALA A . n 
A 1 109 ASP 109 1109 1109 ASP ASP A . n 
A 1 110 GLY 110 1110 1110 GLY GLY A . n 
A 1 111 THR 111 1111 1111 THR THR A . n 
A 1 112 SER 112 1112 1112 SER SER A . n 
A 1 113 THR 113 1113 1113 THR THR A . n 
A 1 114 PHE 114 1114 1114 PHE PHE A . n 
A 1 115 VAL 115 1115 1115 VAL VAL A . n 
A 1 116 ASN 116 1116 1116 ASN ASN A . n 
A 1 117 ASN 117 1117 1117 ASN ASN A . n 
A 1 118 PRO 118 1118 1118 PRO PRO A . n 
A 1 119 THR 119 1119 1119 THR THR A . n 
A 1 120 ALA 120 1120 1120 ALA ALA A . n 
A 1 121 ALA 121 1121 1121 ALA ALA A . n 
A 1 122 MET 122 1122 1122 MET MET A . n 
A 1 123 SER 123 1123 1123 SER SER A . n 
A 1 124 GLN 124 1124 1124 GLN GLN A . n 
A 1 125 ASP 125 1125 1125 ASP ASP A . n 
A 1 126 GLU 126 1126 1126 GLU GLU A . n 
A 1 127 LEU 127 1127 1127 LEU LEU A . n 
A 1 128 SER 128 1128 1128 SER SER A . n 
A 1 129 GLY 129 1129 1129 GLY GLY A . n 
A 1 130 ARG 130 1130 1130 ARG ARG A . n 
A 1 131 VAL 131 1131 1131 VAL VAL A . n 
A 1 132 ALA 132 1132 1132 ALA ALA A . n 
A 1 133 ALA 133 1133 1133 ALA ALA A . n 
A 1 134 LEU 134 1134 1134 LEU LEU A . n 
A 1 135 THR 135 1135 ?    ?   ?   A . n 
A 1 136 SER 136 1136 ?    ?   ?   A . n 
# 
loop_
_pdbx_nonpoly_scheme.asym_id 
_pdbx_nonpoly_scheme.entity_id 
_pdbx_nonpoly_scheme.mon_id 
_pdbx_nonpoly_scheme.ndb_seq_num 
_pdbx_nonpoly_scheme.pdb_seq_num 
_pdbx_nonpoly_scheme.auth_seq_num 
_pdbx_nonpoly_scheme.pdb_mon_id 
_pdbx_nonpoly_scheme.auth_mon_id 
_pdbx_nonpoly_scheme.pdb_strand_id 
_pdbx_nonpoly_scheme.pdb_ins_code 
B 2 HOH 1   9001 9001 HOH HOH A . 
B 2 HOH 2   9002 9002 HOH HOH A . 
B 2 HOH 3   9003 9003 HOH HOH A . 
B 2 HOH 4   9004 9004 HOH HOH A . 
B 2 HOH 5   9005 9005 HOH HOH A . 
B 2 HOH 6   9006 9006 HOH HOH A . 
B 2 HOH 7   9007 9007 HOH HOH A . 
B 2 HOH 8   9008 9008 HOH HOH A . 
B 2 HOH 9   9009 9009 HOH HOH A . 
B 2 HOH 10  9010 9010 HOH HOH A . 
B 2 HOH 11  9011 9011 HOH HOH A . 
B 2 HOH 12  9012 9012 HOH HOH A . 
B 2 HOH 13  9013 9013 HOH HOH A . 
B 2 HOH 14  9014 9014 HOH HOH A . 
B 2 HOH 15  9015 9015 HOH HOH A . 
B 2 HOH 16  9016 9016 HOH HOH A . 
B 2 HOH 17  9017 9017 HOH HOH A . 
B 2 HOH 18  9018 9018 HOH HOH A . 
B 2 HOH 19  9019 9019 HOH HOH A . 
B 2 HOH 20  9020 9020 HOH HOH A . 
B 2 HOH 21  9021 9021 HOH HOH A . 
B 2 HOH 22  9022 9022 HOH HOH A . 
B 2 HOH 23  9023 9023 HOH HOH A . 
B 2 HOH 24  9024 9024 HOH HOH A . 
B 2 HOH 25  9025 9025 HOH HOH A . 
B 2 HOH 26  9026 9026 HOH HOH A . 
B 2 HOH 27  9027 9027 HOH HOH A . 
B 2 HOH 28  9028 9028 HOH HOH A . 
B 2 HOH 29  9029 9029 HOH HOH A . 
B 2 HOH 30  9030 9030 HOH HOH A . 
B 2 HOH 31  9031 9031 HOH HOH A . 
B 2 HOH 32  9032 9032 HOH HOH A . 
B 2 HOH 33  9033 9033 HOH HOH A . 
B 2 HOH 34  9034 9034 HOH HOH A . 
B 2 HOH 35  9035 9035 HOH HOH A . 
B 2 HOH 36  9036 9036 HOH HOH A . 
B 2 HOH 37  9037 9037 HOH HOH A . 
B 2 HOH 38  9038 9038 HOH HOH A . 
B 2 HOH 39  9039 9039 HOH HOH A . 
B 2 HOH 40  9040 9040 HOH HOH A . 
B 2 HOH 41  9041 9041 HOH HOH A . 
B 2 HOH 42  9042 9042 HOH HOH A . 
B 2 HOH 43  9043 9043 HOH HOH A . 
B 2 HOH 44  9044 9044 HOH HOH A . 
B 2 HOH 45  9045 9045 HOH HOH A . 
B 2 HOH 46  9046 9046 HOH HOH A . 
B 2 HOH 47  9047 9047 HOH HOH A . 
B 2 HOH 48  9048 9048 HOH HOH A . 
B 2 HOH 49  9049 9049 HOH HOH A . 
B 2 HOH 50  9050 9050 HOH HOH A . 
B 2 HOH 51  9051 9051 HOH HOH A . 
B 2 HOH 52  9052 9052 HOH HOH A . 
B 2 HOH 53  9053 9053 HOH HOH A . 
B 2 HOH 54  9054 9054 HOH HOH A . 
B 2 HOH 55  9055 9055 HOH HOH A . 
B 2 HOH 56  9056 9056 HOH HOH A . 
B 2 HOH 57  9057 9057 HOH HOH A . 
B 2 HOH 58  9058 9058 HOH HOH A . 
B 2 HOH 59  9059 9059 HOH HOH A . 
B 2 HOH 60  9060 9060 HOH HOH A . 
B 2 HOH 61  9061 9061 HOH HOH A . 
B 2 HOH 62  9062 9062 HOH HOH A . 
B 2 HOH 63  9063 9063 HOH HOH A . 
B 2 HOH 64  9064 9064 HOH HOH A . 
B 2 HOH 65  9065 9065 HOH HOH A . 
B 2 HOH 66  9066 9066 HOH HOH A . 
B 2 HOH 67  9067 9067 HOH HOH A . 
B 2 HOH 68  9068 9068 HOH HOH A . 
B 2 HOH 69  9069 9069 HOH HOH A . 
B 2 HOH 70  9070 9070 HOH HOH A . 
B 2 HOH 71  9071 9071 HOH HOH A . 
B 2 HOH 72  9072 9072 HOH HOH A . 
B 2 HOH 73  9073 9073 HOH HOH A . 
B 2 HOH 74  9074 9074 HOH HOH A . 
B 2 HOH 75  9075 9075 HOH HOH A . 
B 2 HOH 76  9076 9076 HOH HOH A . 
B 2 HOH 77  9077 9077 HOH HOH A . 
B 2 HOH 78  9078 9078 HOH HOH A . 
B 2 HOH 79  9079 9079 HOH HOH A . 
B 2 HOH 80  9080 9080 HOH HOH A . 
B 2 HOH 81  9081 9081 HOH HOH A . 
B 2 HOH 82  9082 9082 HOH HOH A . 
B 2 HOH 83  9083 9083 HOH HOH A . 
B 2 HOH 84  9084 9084 HOH HOH A . 
B 2 HOH 85  9085 9085 HOH HOH A . 
B 2 HOH 86  9086 9086 HOH HOH A . 
B 2 HOH 87  9087 9087 HOH HOH A . 
B 2 HOH 88  9088 9088 HOH HOH A . 
B 2 HOH 89  9089 9089 HOH HOH A . 
B 2 HOH 90  9090 9090 HOH HOH A . 
B 2 HOH 91  9091 9091 HOH HOH A . 
B 2 HOH 92  9092 9092 HOH HOH A . 
B 2 HOH 93  9093 9093 HOH HOH A . 
B 2 HOH 94  9094 9094 HOH HOH A . 
B 2 HOH 95  9095 9095 HOH HOH A . 
B 2 HOH 96  9096 9096 HOH HOH A . 
B 2 HOH 97  9097 9097 HOH HOH A . 
B 2 HOH 98  9098 9098 HOH HOH A . 
B 2 HOH 99  9099 9099 HOH HOH A . 
B 2 HOH 100 9100 9100 HOH HOH A . 
B 2 HOH 101 9101 9101 HOH HOH A . 
B 2 HOH 102 9102 9102 HOH HOH A . 
B 2 HOH 103 9103 9103 HOH HOH A . 
B 2 HOH 104 9104 9104 HOH HOH A . 
B 2 HOH 105 9105 9105 HOH HOH A . 
B 2 HOH 106 9106 9106 HOH HOH A . 
B 2 HOH 107 9107 9107 HOH HOH A . 
B 2 HOH 108 9108 9108 HOH HOH A . 
B 2 HOH 109 9109 9109 HOH HOH A . 
B 2 HOH 110 9110 9110 HOH HOH A . 
B 2 HOH 111 9111 9111 HOH HOH A . 
B 2 HOH 112 9112 9112 HOH HOH A . 
B 2 HOH 113 9113 9113 HOH HOH A . 
B 2 HOH 114 9114 9114 HOH HOH A . 
B 2 HOH 115 9115 9115 HOH HOH A . 
B 2 HOH 116 9116 9116 HOH HOH A . 
B 2 HOH 117 9117 9117 HOH HOH A . 
B 2 HOH 118 9118 9118 HOH HOH A . 
B 2 HOH 119 9119 9119 HOH HOH A . 
B 2 HOH 120 9120 9120 HOH HOH A . 
B 2 HOH 121 9121 9121 HOH HOH A . 
B 2 HOH 122 9122 9122 HOH HOH A . 
B 2 HOH 123 9123 9123 HOH HOH A . 
B 2 HOH 124 9124 9124 HOH HOH A . 
B 2 HOH 125 9125 9125 HOH HOH A . 
B 2 HOH 126 9126 9126 HOH HOH A . 
B 2 HOH 127 9127 9127 HOH HOH A . 
B 2 HOH 128 9128 9128 HOH HOH A . 
B 2 HOH 129 9129 9129 HOH HOH A . 
B 2 HOH 130 9130 9130 HOH HOH A . 
B 2 HOH 131 9131 9131 HOH HOH A . 
B 2 HOH 132 9132 9132 HOH HOH A . 
B 2 HOH 133 9133 9133 HOH HOH A . 
B 2 HOH 134 9134 9134 HOH HOH A . 
B 2 HOH 135 9135 9135 HOH HOH A . 
B 2 HOH 136 9136 9136 HOH HOH A . 
B 2 HOH 137 9137 9137 HOH HOH A . 
B 2 HOH 138 9138 9138 HOH HOH A . 
B 2 HOH 139 9139 9139 HOH HOH A . 
B 2 HOH 140 9140 9140 HOH HOH A . 
B 2 HOH 141 9141 9141 HOH HOH A . 
B 2 HOH 142 9142 9142 HOH HOH A . 
B 2 HOH 143 9143 9143 HOH HOH A . 
B 2 HOH 144 9144 9144 HOH HOH A . 
B 2 HOH 145 9145 9145 HOH HOH A . 
B 2 HOH 146 9146 9146 HOH HOH A . 
B 2 HOH 147 9147 9147 HOH HOH A . 
B 2 HOH 148 9148 9148 HOH HOH A . 
B 2 HOH 149 9149 9149 HOH HOH A . 
B 2 HOH 150 9151 9151 HOH HOH A . 
B 2 HOH 151 9152 9152 HOH HOH A . 
B 2 HOH 152 9153 9153 HOH HOH A . 
B 2 HOH 153 9154 9154 HOH HOH A . 
B 2 HOH 154 9155 9155 HOH HOH A . 
B 2 HOH 155 9156 9156 HOH HOH A . 
B 2 HOH 156 9157 9157 HOH HOH A . 
B 2 HOH 157 9158 9158 HOH HOH A . 
B 2 HOH 158 9159 9159 HOH HOH A . 
B 2 HOH 159 9160 9160 HOH HOH A . 
B 2 HOH 160 9161 9161 HOH HOH A . 
B 2 HOH 161 9162 9162 HOH HOH A . 
B 2 HOH 162 9163 9163 HOH HOH A . 
B 2 HOH 163 9164 9164 HOH HOH A . 
B 2 HOH 164 9165 9165 HOH HOH A . 
B 2 HOH 165 9166 9166 HOH HOH A . 
B 2 HOH 166 9167 9167 HOH HOH A . 
B 2 HOH 167 9168 9168 HOH HOH A . 
B 2 HOH 168 9169 9169 HOH HOH A . 
B 2 HOH 169 9170 9170 HOH HOH A . 
B 2 HOH 170 9171 9171 HOH HOH A . 
B 2 HOH 171 9172 9172 HOH HOH A . 
B 2 HOH 172 9173 9173 HOH HOH A . 
B 2 HOH 173 9174 9174 HOH HOH A . 
B 2 HOH 174 9175 9175 HOH HOH A . 
B 2 HOH 175 9176 9176 HOH HOH A . 
B 2 HOH 176 9177 9177 HOH HOH A . 
B 2 HOH 177 9178 9178 HOH HOH A . 
B 2 HOH 178 9179 9179 HOH HOH A . 
B 2 HOH 179 9180 9180 HOH HOH A . 
B 2 HOH 180 9181 9181 HOH HOH A . 
B 2 HOH 181 9182 9182 HOH HOH A . 
B 2 HOH 182 9183 9183 HOH HOH A . 
B 2 HOH 183 9184 9184 HOH HOH A . 
B 2 HOH 184 9185 9185 HOH HOH A . 
B 2 HOH 185 9186 9186 HOH HOH A . 
B 2 HOH 186 9187 9187 HOH HOH A . 
B 2 HOH 187 9188 9188 HOH HOH A . 
B 2 HOH 188 9189 9189 HOH HOH A . 
B 2 HOH 189 9190 9190 HOH HOH A . 
B 2 HOH 190 9191 9191 HOH HOH A . 
B 2 HOH 191 9192 9192 HOH HOH A . 
B 2 HOH 192 9193 9193 HOH HOH A . 
B 2 HOH 193 9194 9194 HOH HOH A . 
B 2 HOH 194 9195 9195 HOH HOH A . 
B 2 HOH 195 9196 9196 HOH HOH A . 
B 2 HOH 196 9197 9197 HOH HOH A . 
B 2 HOH 197 9198 9198 HOH HOH A . 
B 2 HOH 198 9199 9199 HOH HOH A . 
B 2 HOH 199 9200 9200 HOH HOH A . 
B 2 HOH 200 9201 9201 HOH HOH A . 
B 2 HOH 201 9202 9202 HOH HOH A . 
B 2 HOH 202 9203 9203 HOH HOH A . 
B 2 HOH 203 9204 9204 HOH HOH A . 
B 2 HOH 204 9205 9205 HOH HOH A . 
B 2 HOH 205 9206 9206 HOH HOH A . 
B 2 HOH 206 9207 9207 HOH HOH A . 
B 2 HOH 207 9208 9208 HOH HOH A . 
B 2 HOH 208 9209 9209 HOH HOH A . 
B 2 HOH 209 9210 9210 HOH HOH A . 
B 2 HOH 210 9211 9211 HOH HOH A . 
B 2 HOH 211 9212 9212 HOH HOH A . 
B 2 HOH 212 9213 9213 HOH HOH A . 
B 2 HOH 213 9214 9214 HOH HOH A . 
B 2 HOH 214 9215 9215 HOH HOH A . 
B 2 HOH 215 9216 9216 HOH HOH A . 
B 2 HOH 216 9217 9217 HOH HOH A . 
B 2 HOH 217 9218 9218 HOH HOH A . 
B 2 HOH 218 9219 9219 HOH HOH A . 
B 2 HOH 219 9220 9220 HOH HOH A . 
B 2 HOH 220 9221 9221 HOH HOH A . 
B 2 HOH 221 9222 9222 HOH HOH A . 
B 2 HOH 222 9223 9223 HOH HOH A . 
B 2 HOH 223 9224 9224 HOH HOH A . 
B 2 HOH 224 9225 9225 HOH HOH A . 
B 2 HOH 225 9226 9226 HOH HOH A . 
B 2 HOH 226 9227 9227 HOH HOH A . 
B 2 HOH 227 9228 9228 HOH HOH A . 
B 2 HOH 228 9229 9229 HOH HOH A . 
B 2 HOH 229 9230 9230 HOH HOH A . 
B 2 HOH 230 9231 9231 HOH HOH A . 
B 2 HOH 231 9232 9232 HOH HOH A . 
B 2 HOH 232 9233 9233 HOH HOH A . 
B 2 HOH 233 9234 9234 HOH HOH A . 
B 2 HOH 234 9235 9235 HOH HOH A . 
B 2 HOH 235 9236 9236 HOH HOH A . 
B 2 HOH 236 9237 9237 HOH HOH A . 
B 2 HOH 237 9238 9238 HOH HOH A . 
B 2 HOH 238 9239 9239 HOH HOH A . 
B 2 HOH 239 9240 9240 HOH HOH A . 
B 2 HOH 240 9241 9241 HOH HOH A . 
B 2 HOH 241 9242 9242 HOH HOH A . 
B 2 HOH 242 9243 9243 HOH HOH A . 
B 2 HOH 243 9244 9244 HOH HOH A . 
B 2 HOH 244 9245 9245 HOH HOH A . 
B 2 HOH 245 9246 9246 HOH HOH A . 
B 2 HOH 246 9247 9247 HOH HOH A . 
B 2 HOH 247 9248 9248 HOH HOH A . 
B 2 HOH 248 9249 9249 HOH HOH A . 
B 2 HOH 249 9251 9251 HOH HOH A . 
B 2 HOH 250 9252 9252 HOH HOH A . 
B 2 HOH 251 9253 9253 HOH HOH A . 
B 2 HOH 252 9254 9254 HOH HOH A . 
B 2 HOH 253 9255 9255 HOH HOH A . 
B 2 HOH 254 9256 9256 HOH HOH A . 
B 2 HOH 255 9257 9257 HOH HOH A . 
B 2 HOH 256 9258 9258 HOH HOH A . 
B 2 HOH 257 9259 9259 HOH HOH A . 
B 2 HOH 258 9260 9260 HOH HOH A . 
B 2 HOH 259 9261 9261 HOH HOH A . 
B 2 HOH 260 9262 9262 HOH HOH A . 
B 2 HOH 261 9263 9263 HOH HOH A . 
B 2 HOH 262 9264 9264 HOH HOH A . 
B 2 HOH 263 9265 9265 HOH HOH A . 
B 2 HOH 264 9266 9266 HOH HOH A . 
B 2 HOH 265 9267 9267 HOH HOH A . 
B 2 HOH 266 9268 9268 HOH HOH A . 
B 2 HOH 267 9269 9269 HOH HOH A . 
B 2 HOH 268 9270 9270 HOH HOH A . 
B 2 HOH 269 9271 9271 HOH HOH A . 
B 2 HOH 270 9272 9272 HOH HOH A . 
B 2 HOH 271 9273 9273 HOH HOH A . 
B 2 HOH 272 9274 9274 HOH HOH A . 
B 2 HOH 273 9276 9276 HOH HOH A . 
B 2 HOH 274 9277 9277 HOH HOH A . 
B 2 HOH 275 9278 9278 HOH HOH A . 
B 2 HOH 276 9279 9279 HOH HOH A . 
B 2 HOH 277 9280 9280 HOH HOH A . 
B 2 HOH 278 9281 9281 HOH HOH A . 
B 2 HOH 279 9282 9282 HOH HOH A . 
B 2 HOH 280 9283 9283 HOH HOH A . 
B 2 HOH 281 9284 9284 HOH HOH A . 
B 2 HOH 282 9285 9285 HOH HOH A . 
B 2 HOH 283 9286 9286 HOH HOH A . 
B 2 HOH 284 9288 9288 HOH HOH A . 
B 2 HOH 285 9289 9289 HOH HOH A . 
B 2 HOH 286 9291 9291 HOH HOH A . 
B 2 HOH 287 9292 9292 HOH HOH A . 
B 2 HOH 288 9293 9293 HOH HOH A . 
B 2 HOH 289 9294 9294 HOH HOH A . 
B 2 HOH 290 9295 9295 HOH HOH A . 
B 2 HOH 291 9296 9296 HOH HOH A . 
B 2 HOH 292 9297 9297 HOH HOH A . 
B 2 HOH 293 9298 9298 HOH HOH A . 
B 2 HOH 294 9299 9299 HOH HOH A . 
B 2 HOH 295 9300 9300 HOH HOH A . 
B 2 HOH 296 9301 9301 HOH HOH A . 
B 2 HOH 297 9302 9302 HOH HOH A . 
B 2 HOH 298 9303 9303 HOH HOH A . 
B 2 HOH 299 9304 9304 HOH HOH A . 
B 2 HOH 300 9305 9305 HOH HOH A . 
B 2 HOH 301 9306 9306 HOH HOH A . 
B 2 HOH 302 9307 9307 HOH HOH A . 
B 2 HOH 303 9308 9308 HOH HOH A . 
B 2 HOH 304 9309 9309 HOH HOH A . 
B 2 HOH 305 9310 9310 HOH HOH A . 
B 2 HOH 306 9311 9311 HOH HOH A . 
B 2 HOH 307 9312 9312 HOH HOH A . 
B 2 HOH 308 9313 9313 HOH HOH A . 
B 2 HOH 309 9314 9314 HOH HOH A . 
B 2 HOH 310 9315 9315 HOH HOH A . 
B 2 HOH 311 9316 9316 HOH HOH A . 
B 2 HOH 312 9317 9317 HOH HOH A . 
B 2 HOH 313 9318 9318 HOH HOH A . 
B 2 HOH 314 9319 9319 HOH HOH A . 
B 2 HOH 315 9320 9320 HOH HOH A . 
B 2 HOH 316 9322 9322 HOH HOH A . 
B 2 HOH 317 9323 9323 HOH HOH A . 
B 2 HOH 318 9324 9324 HOH HOH A . 
B 2 HOH 319 9326 9326 HOH HOH A . 
B 2 HOH 320 9327 9327 HOH HOH A . 
B 2 HOH 321 9328 9328 HOH HOH A . 
# 
loop_
_pdbx_unobs_or_zero_occ_atoms.id 
_pdbx_unobs_or_zero_occ_atoms.PDB_model_num 
_pdbx_unobs_or_zero_occ_atoms.polymer_flag 
_pdbx_unobs_or_zero_occ_atoms.occupancy_flag 
_pdbx_unobs_or_zero_occ_atoms.auth_asym_id 
_pdbx_unobs_or_zero_occ_atoms.auth_comp_id 
_pdbx_unobs_or_zero_occ_atoms.auth_seq_id 
_pdbx_unobs_or_zero_occ_atoms.PDB_ins_code 
_pdbx_unobs_or_zero_occ_atoms.auth_atom_id 
_pdbx_unobs_or_zero_occ_atoms.label_alt_id 
_pdbx_unobs_or_zero_occ_atoms.label_asym_id 
_pdbx_unobs_or_zero_occ_atoms.label_comp_id 
_pdbx_unobs_or_zero_occ_atoms.label_seq_id 
_pdbx_unobs_or_zero_occ_atoms.label_atom_id 
1 1 Y 1 A PRO 1016 ? CB ? A PRO 16 CB 
2 1 Y 1 A PRO 1016 ? CG ? A PRO 16 CG 
# 
loop_
_software.name 
_software.classification 
_software.version 
_software.citation_id 
_software.pdbx_ordinal 
DENZO     'data reduction' . ? 1 
SCALEPACK 'data scaling'   . ? 2 
SHELX     'model building' . ? 3 
SHELXL-97 refinement       . ? 4 
SHELX     phasing          . ? 5 
# 
_cell.entry_id           1LU4 
_cell.length_a           60.640 
_cell.length_b           60.640 
_cell.length_c           79.775 
_cell.angle_alpha        90.00 
_cell.angle_beta         90.00 
_cell.angle_gamma        90.00 
_cell.Z_PDB              8 
_cell.pdbx_unique_axis   ? 
# 
_symmetry.entry_id                         1LU4 
_symmetry.space_group_name_H-M             'P 43 21 2' 
_symmetry.pdbx_full_space_group_name_H-M   ? 
_symmetry.cell_setting                     ? 
_symmetry.Int_Tables_number                96 
# 
_exptl.entry_id          1LU4 
_exptl.method            'X-RAY DIFFRACTION' 
_exptl.crystals_number   1 
# 
_exptl_crystal.id                    1 
_exptl_crystal.density_meas          ? 
_exptl_crystal.density_Matthews      2.18 
_exptl_crystal.density_percent_sol   43.6 
_exptl_crystal.description           ? 
# 
_exptl_crystal_grow.crystal_id      1 
_exptl_crystal_grow.method          'VAPOR DIFFUSION, HANGING DROP' 
_exptl_crystal_grow.temp            300 
_exptl_crystal_grow.temp_details    ? 
_exptl_crystal_grow.pH              7.4 
_exptl_crystal_grow.pdbx_details    
'2.2M ammonium sulfate, 5% isopropanol, 20% glycerol, pH 7.4, VAPOR DIFFUSION, HANGING DROP, temperature 300K' 
_exptl_crystal_grow.pdbx_pH_range   . 
# 
_diffrn.id                     1 
_diffrn.ambient_temp           200 
_diffrn.ambient_temp_details   ? 
_diffrn.crystal_id             1 
# 
_diffrn_detector.diffrn_id              1 
_diffrn_detector.detector               CCD 
_diffrn_detector.type                   'ADSC QUANTUM 4' 
_diffrn_detector.pdbx_collection_date   ? 
_diffrn_detector.details                mirrors 
# 
_diffrn_radiation.diffrn_id                        1 
_diffrn_radiation.wavelength_id                    1 
_diffrn_radiation.pdbx_monochromatic_or_laue_m_l   M 
_diffrn_radiation.monochromator                    'Si III channel' 
_diffrn_radiation.pdbx_diffrn_protocol             MAD 
_diffrn_radiation.pdbx_scattering_type             x-ray 
# 
_diffrn_radiation_wavelength.id           1 
_diffrn_radiation_wavelength.wavelength   0.9792 
_diffrn_radiation_wavelength.wt           1.0 
# 
_diffrn_source.diffrn_id                   1 
_diffrn_source.source                      SYNCHROTRON 
_diffrn_source.type                        'NSLS BEAMLINE X8C' 
_diffrn_source.pdbx_synchrotron_site       NSLS 
_diffrn_source.pdbx_synchrotron_beamline   X8C 
_diffrn_source.pdbx_wavelength             ? 
_diffrn_source.pdbx_wavelength_list        0.9792 
# 
_reflns.entry_id                     1LU4 
_reflns.observed_criterion_sigma_I   1.0 
_reflns.observed_criterion_sigma_F   1.0 
_reflns.d_resolution_low             19.99 
_reflns.d_resolution_high            1.12 
_reflns.number_obs                   57039 
_reflns.number_all                   57093 
_reflns.percent_possible_obs         99.99 
_reflns.pdbx_Rmerge_I_obs            0.074 
_reflns.pdbx_Rsym_value              ? 
_reflns.pdbx_netI_over_sigmaI        6.8 
_reflns.B_iso_Wilson_estimate        ? 
_reflns.pdbx_redundancy              8.3 
_reflns.R_free_details               ? 
_reflns.limit_h_max                  ? 
_reflns.limit_h_min                  ? 
_reflns.limit_k_max                  ? 
_reflns.limit_k_min                  ? 
_reflns.limit_l_max                  ? 
_reflns.limit_l_min                  ? 
_reflns.observed_criterion_F_max     ? 
_reflns.observed_criterion_F_min     ? 
_reflns.pdbx_diffrn_id               1 
_reflns.pdbx_ordinal                 1 
# 
_reflns_shell.d_res_high             1.12 
_reflns_shell.d_res_low              1.19 
_reflns_shell.percent_possible_all   100 
_reflns_shell.Rmerge_I_obs           0.227 
_reflns_shell.pdbx_Rsym_value        ? 
_reflns_shell.meanI_over_sigI_obs    11.40 
_reflns_shell.pdbx_redundancy        ? 
_reflns_shell.percent_possible_obs   ? 
_reflns_shell.number_unique_all      5671 
_reflns_shell.pdbx_diffrn_id         ? 
_reflns_shell.pdbx_ordinal           1 
# 
_refine.entry_id                                 1LU4 
_refine.ls_number_reflns_obs                     56942 
_refine.ls_number_reflns_all                     56942 
_refine.pdbx_ls_sigma_I                          ? 
_refine.pdbx_ls_sigma_F                          0.0 
_refine.pdbx_data_cutoff_high_absF               ? 
_refine.pdbx_data_cutoff_low_absF                ? 
_refine.ls_d_res_low                             10.00 
_refine.ls_d_res_high                            1.12 
_refine.ls_percent_reflns_obs                    94.0 
_refine.ls_R_factor_obs                          0.1526 
_refine.ls_R_factor_all                          0.1526 
_refine.ls_R_factor_R_work                       0.1523 
_refine.ls_R_factor_R_free                       0.2158 
_refine.ls_R_factor_R_free_error                 ? 
_refine.ls_R_factor_R_free_error_details         ? 
_refine.ls_percent_reflns_R_free                 ? 
_refine.ls_number_reflns_R_free                  2840 
_refine.ls_number_parameters                     12486 
_refine.ls_number_restraints                     15009 
_refine.occupancy_min                            ? 
_refine.occupancy_max                            ? 
_refine.correlation_coeff_Fo_to_Fc               ? 
_refine.correlation_coeff_Fo_to_Fc_free          ? 
_refine.B_iso_mean                               ? 
_refine.aniso_B[1][1]                            ? 
_refine.aniso_B[2][2]                            ? 
_refine.aniso_B[3][3]                            ? 
_refine.aniso_B[1][2]                            ? 
_refine.aniso_B[1][3]                            ? 
_refine.aniso_B[2][3]                            ? 
_refine.solvent_model_details                    ? 
_refine.solvent_model_param_ksol                 ? 
_refine.solvent_model_param_bsol                 ? 
_refine.pdbx_solvent_vdw_probe_radii             ? 
_refine.pdbx_solvent_ion_probe_radii             ? 
_refine.pdbx_solvent_shrinkage_radii             ? 
_refine.pdbx_ls_cross_valid_method               'FREE R' 
_refine.details                                  'ANISOTROPIC REFINEMENT REDUCED FREE R (NO CUTOFF) BY ?' 
_refine.pdbx_starting_model                      ? 
_refine.pdbx_method_to_determine_struct          'AB INITIO' 
_refine.pdbx_isotropic_thermal_model             ? 
_refine.pdbx_stereochemistry_target_values       'ENGH AND HUBER' 
_refine.pdbx_stereochem_target_val_spec_case     ? 
_refine.pdbx_R_Free_selection_details            RANDOM 
_refine.pdbx_overall_ESU_R_Free                  ? 
_refine.overall_SU_B                             ? 
_refine.ls_redundancy_reflns_obs                 ? 
_refine.B_iso_min                                ? 
_refine.B_iso_max                                ? 
_refine.overall_SU_R_Cruickshank_DPI             ? 
_refine.overall_SU_R_free                        ? 
_refine.overall_SU_ML                            ? 
_refine.pdbx_overall_ESU_R                       ? 
_refine.pdbx_data_cutoff_high_rms_absF           ? 
_refine.pdbx_refine_id                           'X-RAY DIFFRACTION' 
_refine.pdbx_diffrn_id                           1 
_refine.pdbx_TLS_residual_ADP_flag               ? 
_refine.pdbx_overall_phase_error                 ? 
_refine.pdbx_overall_SU_R_free_Cruickshank_DPI   ? 
_refine.pdbx_overall_SU_R_Blow_DPI               ? 
_refine.pdbx_overall_SU_R_free_Blow_DPI          ? 
# 
_refine_analyze.entry_id                        1LU4 
_refine_analyze.Luzzati_coordinate_error_obs    ? 
_refine_analyze.Luzzati_sigma_a_obs             ? 
_refine_analyze.Luzzati_d_res_low_obs           ? 
_refine_analyze.Luzzati_coordinate_error_free   ? 
_refine_analyze.Luzzati_sigma_a_free            ? 
_refine_analyze.Luzzati_d_res_low_free          ? 
_refine_analyze.number_disordered_residues      7 
_refine_analyze.occupancy_sum_hydrogen          0.00 
_refine_analyze.occupancy_sum_non_hydrogen      1328.00 
_refine_analyze.pdbx_Luzzati_d_res_high_obs     ? 
_refine_analyze.pdbx_refine_id                  'X-RAY DIFFRACTION' 
# 
_refine_hist.pdbx_refine_id                   'X-RAY DIFFRACTION' 
_refine_hist.cycle_id                         LAST 
_refine_hist.pdbx_number_atoms_protein        1076 
_refine_hist.pdbx_number_atoms_nucleic_acid   0 
_refine_hist.pdbx_number_atoms_ligand         0 
_refine_hist.number_atoms_solvent             321 
_refine_hist.number_atoms_total               1397 
_refine_hist.d_res_high                       1.12 
_refine_hist.d_res_low                        10.00 
# 
loop_
_refine_ls_restr.type 
_refine_ls_restr.dev_ideal 
_refine_ls_restr.dev_ideal_target 
_refine_ls_restr.weight 
_refine_ls_restr.number 
_refine_ls_restr.pdbx_refine_id 
_refine_ls_restr.pdbx_restraint_function 
s_bond_d               0.016  ? ? ? 'X-RAY DIFFRACTION' ? 
s_angle_d              0.043  ? ? ? 'X-RAY DIFFRACTION' ? 
s_similar_dist         0.000  ? ? ? 'X-RAY DIFFRACTION' ? 
s_from_restr_planes    0.0283 ? ? ? 'X-RAY DIFFRACTION' ? 
s_zero_chiral_vol      0.090  ? ? ? 'X-RAY DIFFRACTION' ? 
s_non_zero_chiral_vol  0.116  ? ? ? 'X-RAY DIFFRACTION' ? 
s_anti_bump_dis_restr  0.047  ? ? ? 'X-RAY DIFFRACTION' ? 
s_rigid_bond_adp_cmpnt 0.006  ? ? ? 'X-RAY DIFFRACTION' ? 
s_similar_adp_cmpnt    0.051  ? ? ? 'X-RAY DIFFRACTION' ? 
s_approx_iso_adps      0.097  ? ? ? 'X-RAY DIFFRACTION' ? 
# 
_pdbx_refine.entry_id                                    1LU4 
_pdbx_refine.R_factor_all_no_cutoff                      0.1526 
_pdbx_refine.R_factor_obs_no_cutoff                      ? 
_pdbx_refine.free_R_factor_no_cutoff                     ? 
_pdbx_refine.free_R_val_test_set_size_perc_no_cutoff     ? 
_pdbx_refine.free_R_val_test_set_ct_no_cutoff            ? 
_pdbx_refine.R_factor_all_4sig_cutoff                    0.1434 
_pdbx_refine.R_factor_obs_4sig_cutoff                    ? 
_pdbx_refine.free_R_factor_4sig_cutoff                   ? 
_pdbx_refine.free_R_val_test_set_size_perc_4sig_cutoff   ? 
_pdbx_refine.free_R_val_test_set_ct_4sig_cutoff          ? 
_pdbx_refine.number_reflns_obs_4sig_cutoff               47492 
_pdbx_refine.number_reflns_obs_no_cutoff                 ? 
_pdbx_refine.pdbx_refine_id                              'X-RAY DIFFRACTION' 
_pdbx_refine.free_R_error_no_cutoff                      ? 
# 
_struct.entry_id                  1LU4 
_struct.title                     
;1.1 ANGSTROM RESOLUTION CRYSTAL STRUCTURE OF A SECRETED MYCOBACTERIUM TUBERCULOSIS DISULFIDE OXIDOREDUCTASE HOMOLOGOUS TO E. COLI DSBE: IMPLICATIONS FOR FUNCTIONS
;
_struct.pdbx_model_details        ? 
_struct.pdbx_CASP_flag            ? 
_struct.pdbx_model_type_details   ? 
# 
_struct_keywords.entry_id        1LU4 
_struct_keywords.pdbx_keywords   OXIDOREDUCTASE 
_struct_keywords.text            
;THIOREDOXIN-LIKE FOLD, Structural Genomics, PSI, Protein Structure Initiative, TB Structural Genomics Consortium, TBSGC, OXIDOREDUCTASE
;
# 
loop_
_struct_asym.id 
_struct_asym.pdbx_blank_PDB_chainid_flag 
_struct_asym.pdbx_modified 
_struct_asym.entity_id 
_struct_asym.details 
A N N 1 ? 
B N N 2 ? 
# 
_struct_ref.id                         1 
_struct_ref.db_name                    UNP 
_struct_ref.db_code                    MPT53_MYCTU 
_struct_ref.entity_id                  1 
_struct_ref.pdbx_seq_one_letter_code   
;ADERLQFTATTLSGAPFDGASLQGKPAVLWFWTPWCPFCNAEAPSLSQVAAANPAVTFVGIATRADVGAMQSFVSKYNLN
FTNLNDADGVIWARYNVPWQPAFVFYRADGTSTFVNNPTAAMSQDELSGRVAALTS
;
_struct_ref.pdbx_align_begin           38 
_struct_ref.pdbx_db_accession          P0A618 
_struct_ref.pdbx_db_isoform            ? 
# 
_struct_ref_seq.align_id                      1 
_struct_ref_seq.ref_id                        1 
_struct_ref_seq.pdbx_PDB_id_code              1LU4 
_struct_ref_seq.pdbx_strand_id                A 
_struct_ref_seq.seq_align_beg                 1 
_struct_ref_seq.pdbx_seq_align_beg_ins_code   ? 
_struct_ref_seq.seq_align_end                 136 
_struct_ref_seq.pdbx_seq_align_end_ins_code   ? 
_struct_ref_seq.pdbx_db_accession             P0A618 
_struct_ref_seq.db_align_beg                  38 
_struct_ref_seq.pdbx_db_align_beg_ins_code    ? 
_struct_ref_seq.db_align_end                  173 
_struct_ref_seq.pdbx_db_align_end_ins_code    ? 
_struct_ref_seq.pdbx_auth_seq_align_beg       1001 
_struct_ref_seq.pdbx_auth_seq_align_end       1136 
# 
_pdbx_struct_assembly.id                   1 
_pdbx_struct_assembly.details              author_defined_assembly 
_pdbx_struct_assembly.method_details       ? 
_pdbx_struct_assembly.oligomeric_details   monomeric 
_pdbx_struct_assembly.oligomeric_count     1 
# 
_pdbx_struct_assembly_gen.assembly_id       1 
_pdbx_struct_assembly_gen.oper_expression   1 
_pdbx_struct_assembly_gen.asym_id_list      A,B 
# 
_pdbx_struct_oper_list.id                   1 
_pdbx_struct_oper_list.type                 'identity operation' 
_pdbx_struct_oper_list.name                 1_555 
_pdbx_struct_oper_list.symmetry_operation   x,y,z 
_pdbx_struct_oper_list.matrix[1][1]         1.0000000000 
_pdbx_struct_oper_list.matrix[1][2]         0.0000000000 
_pdbx_struct_oper_list.matrix[1][3]         0.0000000000 
_pdbx_struct_oper_list.vector[1]            0.0000000000 
_pdbx_struct_oper_list.matrix[2][1]         0.0000000000 
_pdbx_struct_oper_list.matrix[2][2]         1.0000000000 
_pdbx_struct_oper_list.matrix[2][3]         0.0000000000 
_pdbx_struct_oper_list.vector[2]            0.0000000000 
_pdbx_struct_oper_list.matrix[3][1]         0.0000000000 
_pdbx_struct_oper_list.matrix[3][2]         0.0000000000 
_pdbx_struct_oper_list.matrix[3][3]         1.0000000000 
_pdbx_struct_oper_list.vector[3]            0.0000000000 
# 
_struct_biol.id                    1 
_struct_biol.details               'monomer in asymmetric unit' 
_struct_biol.pdbx_parent_biol_id   ? 
# 
loop_
_struct_conf.conf_type_id 
_struct_conf.id 
_struct_conf.pdbx_PDB_helix_id 
_struct_conf.beg_label_comp_id 
_struct_conf.beg_label_asym_id 
_struct_conf.beg_label_seq_id 
_struct_conf.pdbx_beg_PDB_ins_code 
_struct_conf.end_label_comp_id 
_struct_conf.end_label_asym_id 
_struct_conf.end_label_seq_id 
_struct_conf.pdbx_end_PDB_ins_code 
_struct_conf.beg_auth_comp_id 
_struct_conf.beg_auth_asym_id 
_struct_conf.beg_auth_seq_id 
_struct_conf.end_auth_comp_id 
_struct_conf.end_auth_asym_id 
_struct_conf.end_auth_seq_id 
_struct_conf.pdbx_PDB_helix_class 
_struct_conf.details 
_struct_conf.pdbx_PDB_helix_length 
HELX_P HELX_P1 1 ALA A 1   ? GLN A 6   ? ALA A 1001 GLN A 1006 5 ? 6  
HELX_P HELX_P2 2 ALA A 20  ? GLN A 23  ? ALA A 1020 GLN A 1023 5 ? 4  
HELX_P HELX_P3 3 CYS A 36  ? ASN A 53  ? CYS A 1036 ASN A 1053 1 ? 18 
HELX_P HELX_P4 4 ASP A 66  ? ASN A 78  ? ASP A 1066 ASN A 1078 1 ? 13 
HELX_P HELX_P5 5 GLY A 89  ? TYR A 95  ? GLY A 1089 TYR A 1095 1 ? 7  
HELX_P HELX_P6 6 SER A 123 ? LEU A 134 ? SER A 1123 LEU A 1134 1 ? 12 
# 
_struct_conf_type.id          HELX_P 
_struct_conf_type.criteria    ? 
_struct_conf_type.reference   ? 
# 
_struct_mon_prot_cis.pdbx_id                1 
_struct_mon_prot_cis.label_comp_id          GLN 
_struct_mon_prot_cis.label_seq_id           100 
_struct_mon_prot_cis.label_asym_id          A 
_struct_mon_prot_cis.label_alt_id           . 
_struct_mon_prot_cis.pdbx_PDB_ins_code      ? 
_struct_mon_prot_cis.auth_comp_id           GLN 
_struct_mon_prot_cis.auth_seq_id            1100 
_struct_mon_prot_cis.auth_asym_id           A 
_struct_mon_prot_cis.pdbx_label_comp_id_2   PRO 
_struct_mon_prot_cis.pdbx_label_seq_id_2    101 
_struct_mon_prot_cis.pdbx_label_asym_id_2   A 
_struct_mon_prot_cis.pdbx_PDB_ins_code_2    ? 
_struct_mon_prot_cis.pdbx_auth_comp_id_2    PRO 
_struct_mon_prot_cis.pdbx_auth_seq_id_2     1101 
_struct_mon_prot_cis.pdbx_auth_asym_id_2    A 
_struct_mon_prot_cis.pdbx_PDB_model_num     1 
_struct_mon_prot_cis.pdbx_omega_angle       -10.13 
# 
loop_
_struct_sheet.id 
_struct_sheet.type 
_struct_sheet.number_strands 
_struct_sheet.details 
A ? 2 ? 
B ? 5 ? 
# 
loop_
_struct_sheet_order.sheet_id 
_struct_sheet_order.range_id_1 
_struct_sheet_order.range_id_2 
_struct_sheet_order.offset 
_struct_sheet_order.sense 
A 1 2 ? anti-parallel 
B 1 2 ? parallel      
B 2 3 ? parallel      
B 3 4 ? anti-parallel 
B 4 5 ? anti-parallel 
# 
loop_
_struct_sheet_range.sheet_id 
_struct_sheet_range.id 
_struct_sheet_range.beg_label_comp_id 
_struct_sheet_range.beg_label_asym_id 
_struct_sheet_range.beg_label_seq_id 
_struct_sheet_range.pdbx_beg_PDB_ins_code 
_struct_sheet_range.end_label_comp_id 
_struct_sheet_range.end_label_asym_id 
_struct_sheet_range.end_label_seq_id 
_struct_sheet_range.pdbx_end_PDB_ins_code 
_struct_sheet_range.beg_auth_comp_id 
_struct_sheet_range.beg_auth_asym_id 
_struct_sheet_range.beg_auth_seq_id 
_struct_sheet_range.end_auth_comp_id 
_struct_sheet_range.end_auth_asym_id 
_struct_sheet_range.end_auth_seq_id 
A 1 THR A 8   ? THR A 10  ? THR A 1008 THR A 1010 
A 2 PRO A 16  ? ASP A 18  ? PRO A 1016 ASP A 1018 
B 1 THR A 82  ? ASN A 85  ? THR A 1082 ASN A 1085 
B 2 THR A 57  ? ALA A 62  ? THR A 1057 ALA A 1062 
B 3 ALA A 27  ? TRP A 32  ? ALA A 1027 TRP A 1032 
B 4 ALA A 102 ? TYR A 106 ? ALA A 1102 TYR A 1106 
B 5 SER A 112 ? VAL A 115 ? SER A 1112 VAL A 1115 
# 
loop_
_pdbx_struct_sheet_hbond.sheet_id 
_pdbx_struct_sheet_hbond.range_id_1 
_pdbx_struct_sheet_hbond.range_id_2 
_pdbx_struct_sheet_hbond.range_1_label_atom_id 
_pdbx_struct_sheet_hbond.range_1_label_comp_id 
_pdbx_struct_sheet_hbond.range_1_label_asym_id 
_pdbx_struct_sheet_hbond.range_1_label_seq_id 
_pdbx_struct_sheet_hbond.range_1_PDB_ins_code 
_pdbx_struct_sheet_hbond.range_1_auth_atom_id 
_pdbx_struct_sheet_hbond.range_1_auth_comp_id 
_pdbx_struct_sheet_hbond.range_1_auth_asym_id 
_pdbx_struct_sheet_hbond.range_1_auth_seq_id 
_pdbx_struct_sheet_hbond.range_2_label_atom_id 
_pdbx_struct_sheet_hbond.range_2_label_comp_id 
_pdbx_struct_sheet_hbond.range_2_label_asym_id 
_pdbx_struct_sheet_hbond.range_2_label_seq_id 
_pdbx_struct_sheet_hbond.range_2_PDB_ins_code 
_pdbx_struct_sheet_hbond.range_2_auth_atom_id 
_pdbx_struct_sheet_hbond.range_2_auth_comp_id 
_pdbx_struct_sheet_hbond.range_2_auth_asym_id 
_pdbx_struct_sheet_hbond.range_2_auth_seq_id 
A 1 2 N ALA A 9   ? N ALA A 1009 O PHE A 17  ? O PHE A 1017 
B 1 2 O THR A 82  ? O THR A 1082 N GLY A 60  ? N GLY A 1060 
B 2 3 O VAL A 59  ? O VAL A 1059 N VAL A 28  ? N VAL A 1028 
B 3 4 N ALA A 27  ? N ALA A 1027 O TYR A 106 ? O TYR A 1106 
B 4 5 N PHE A 105 ? N PHE A 1105 O THR A 113 ? O THR A 1113 
# 
_pdbx_validate_close_contact.id               1 
_pdbx_validate_close_contact.PDB_model_num    1 
_pdbx_validate_close_contact.auth_atom_id_1   CZ 
_pdbx_validate_close_contact.auth_asym_id_1   A 
_pdbx_validate_close_contact.auth_comp_id_1   PHE 
_pdbx_validate_close_contact.auth_seq_id_1    1114 
_pdbx_validate_close_contact.PDB_ins_code_1   ? 
_pdbx_validate_close_contact.label_alt_id_1   B 
_pdbx_validate_close_contact.auth_atom_id_2   CB 
_pdbx_validate_close_contact.auth_asym_id_2   A 
_pdbx_validate_close_contact.auth_comp_id_2   ASN 
_pdbx_validate_close_contact.auth_seq_id_2    1116 
_pdbx_validate_close_contact.PDB_ins_code_2   ? 
_pdbx_validate_close_contact.label_alt_id_2   ? 
_pdbx_validate_close_contact.dist             2.05 
# 
loop_
_pdbx_validate_rmsd_bond.id 
_pdbx_validate_rmsd_bond.PDB_model_num 
_pdbx_validate_rmsd_bond.auth_atom_id_1 
_pdbx_validate_rmsd_bond.auth_asym_id_1 
_pdbx_validate_rmsd_bond.auth_comp_id_1 
_pdbx_validate_rmsd_bond.auth_seq_id_1 
_pdbx_validate_rmsd_bond.PDB_ins_code_1 
_pdbx_validate_rmsd_bond.label_alt_id_1 
_pdbx_validate_rmsd_bond.auth_atom_id_2 
_pdbx_validate_rmsd_bond.auth_asym_id_2 
_pdbx_validate_rmsd_bond.auth_comp_id_2 
_pdbx_validate_rmsd_bond.auth_seq_id_2 
_pdbx_validate_rmsd_bond.PDB_ins_code_2 
_pdbx_validate_rmsd_bond.label_alt_id_2 
_pdbx_validate_rmsd_bond.bond_value 
_pdbx_validate_rmsd_bond.bond_target_value 
_pdbx_validate_rmsd_bond.bond_deviation 
_pdbx_validate_rmsd_bond.bond_standard_deviation 
_pdbx_validate_rmsd_bond.linker_flag 
1 1 N   A ALA 1093 ? ? CA  A ALA 1093 ? ? 1.856 1.459 0.397  0.020 N 
2 1 CG  A TRP 1099 ? A CD1 A TRP 1099 ? A 1.277 1.363 -0.086 0.014 N 
3 1 CD1 A TRP 1099 ? A NE1 A TRP 1099 ? A 1.263 1.375 -0.112 0.017 N 
4 1 C   A LEU 1134 ? ? O   A LEU 1134 ? ? 1.496 1.229 0.267  0.019 N 
# 
loop_
_pdbx_validate_rmsd_angle.id 
_pdbx_validate_rmsd_angle.PDB_model_num 
_pdbx_validate_rmsd_angle.auth_atom_id_1 
_pdbx_validate_rmsd_angle.auth_asym_id_1 
_pdbx_validate_rmsd_angle.auth_comp_id_1 
_pdbx_validate_rmsd_angle.auth_seq_id_1 
_pdbx_validate_rmsd_angle.PDB_ins_code_1 
_pdbx_validate_rmsd_angle.label_alt_id_1 
_pdbx_validate_rmsd_angle.auth_atom_id_2 
_pdbx_validate_rmsd_angle.auth_asym_id_2 
_pdbx_validate_rmsd_angle.auth_comp_id_2 
_pdbx_validate_rmsd_angle.auth_seq_id_2 
_pdbx_validate_rmsd_angle.PDB_ins_code_2 
_pdbx_validate_rmsd_angle.label_alt_id_2 
_pdbx_validate_rmsd_angle.auth_atom_id_3 
_pdbx_validate_rmsd_angle.auth_asym_id_3 
_pdbx_validate_rmsd_angle.auth_comp_id_3 
_pdbx_validate_rmsd_angle.auth_seq_id_3 
_pdbx_validate_rmsd_angle.PDB_ins_code_3 
_pdbx_validate_rmsd_angle.label_alt_id_3 
_pdbx_validate_rmsd_angle.angle_value 
_pdbx_validate_rmsd_angle.angle_target_value 
_pdbx_validate_rmsd_angle.angle_deviation 
_pdbx_validate_rmsd_angle.angle_standard_deviation 
_pdbx_validate_rmsd_angle.linker_flag 
1  1 CB  A ALA 1001 ? ? CA  A ALA 1001 ? ? C   A ALA 1001 ? ? 123.81 110.10 13.71  1.50 N 
2  1 O   A ALA 1001 ? ? C   A ALA 1001 ? ? N   A ASP 1002 ? ? 135.75 122.70 13.05  1.60 Y 
3  1 CB  A ASP 1002 ? ? CG  A ASP 1002 ? ? OD1 A ASP 1002 ? ? 124.40 118.30 6.10   0.90 N 
4  1 NE  A ARG 1004 ? ? CZ  A ARG 1004 ? ? NH1 A ARG 1004 ? ? 116.11 120.30 -4.19  0.50 N 
5  1 NE  A ARG 1004 ? ? CZ  A ARG 1004 ? ? NH2 A ARG 1004 ? ? 125.47 120.30 5.17   0.50 N 
6  1 NE1 A TRP 1092 ? B CE2 A TRP 1092 ? B CZ2 A TRP 1092 ? B 120.52 130.40 -9.88  1.10 N 
7  1 CD2 A TRP 1092 ? B CE2 A TRP 1092 ? B CZ2 A TRP 1092 ? B 131.64 122.30 9.34   1.20 N 
8  1 CZ3 A TRP 1092 ? B CH2 A TRP 1092 ? B CZ2 A TRP 1092 ? B 129.43 121.60 7.83   1.20 N 
9  1 CH2 A TRP 1092 ? B CZ2 A TRP 1092 ? B CE2 A TRP 1092 ? B 104.80 117.40 -12.60 1.00 N 
10 1 CA  A TRP 1092 ? ? C   A TRP 1092 ? ? O   A TRP 1092 ? ? 138.73 120.10 18.63  2.10 N 
11 1 O   A TRP 1092 ? ? C   A TRP 1092 ? ? N   A ALA 1093 ? ? 113.06 122.70 -9.64  1.60 Y 
12 1 CB  A ALA 1093 ? ? CA  A ALA 1093 ? ? C   A ALA 1093 ? ? 119.27 110.10 9.17   1.50 N 
13 1 NE  A ARG 1094 ? ? CZ  A ARG 1094 ? ? NH1 A ARG 1094 ? ? 123.66 120.30 3.36   0.50 N 
14 1 NE  A ARG 1094 ? ? CZ  A ARG 1094 ? ? NH2 A ARG 1094 ? ? 116.86 120.30 -3.44  0.50 N 
15 1 C   A TYR 1095 ? ? N   A ASN 1096 ? B CA  A ASN 1096 ? B 146.10 121.70 24.40  2.50 Y 
16 1 N   A PRO 1098 ? A CA  A PRO 1098 ? A C   A PRO 1098 ? A 93.43  112.10 -18.67 2.60 N 
17 1 CA  A PRO 1098 ? A C   A PRO 1098 ? A N   A TRP 1099 ? A 156.70 117.20 39.50  2.20 Y 
18 1 O   A PRO 1098 ? A C   A PRO 1098 ? A N   A TRP 1099 ? A 96.57  122.70 -26.13 1.60 Y 
19 1 CD1 A TRP 1099 ? A CG  A TRP 1099 ? A CD2 A TRP 1099 ? A 91.52  106.30 -14.78 0.80 N 
20 1 CB  A TRP 1099 ? A CG  A TRP 1099 ? A CD1 A TRP 1099 ? A 135.91 127.00 8.91   1.30 N 
21 1 CG  A TRP 1099 ? A CD1 A TRP 1099 ? A NE1 A TRP 1099 ? A 137.51 110.10 27.41  1.00 N 
22 1 CD1 A TRP 1099 ? A NE1 A TRP 1099 ? A CE2 A TRP 1099 ? A 90.97  109.00 -18.03 0.90 N 
23 1 NE1 A TRP 1099 ? B CE2 A TRP 1099 ? B CZ2 A TRP 1099 ? B 145.50 130.40 15.10  1.10 N 
24 1 CD2 A TRP 1099 ? B CE2 A TRP 1099 ? B CZ2 A TRP 1099 ? B 110.50 122.30 -11.80 1.20 N 
25 1 CH2 A TRP 1099 ? B CZ2 A TRP 1099 ? B CE2 A TRP 1099 ? B 133.00 117.40 15.60  1.00 N 
26 1 O   A TRP 1099 ? B C   A TRP 1099 ? B N   A GLN 1100 ? ? 134.54 122.70 11.84  1.60 Y 
27 1 C   A TRP 1099 ? A N   A GLN 1100 ? ? CA  A GLN 1100 ? ? 140.25 121.70 18.55  2.50 Y 
28 1 N   A PHE 1114 ? ? CA  A PHE 1114 ? ? CB  A PHE 1114 ? B 99.37  110.60 -11.23 1.80 N 
29 1 CZ  A PHE 1114 ? A CE2 A PHE 1114 ? A CD2 A PHE 1114 ? A 111.53 120.10 -8.57  1.20 N 
30 1 N   A ASN 1117 ? ? CA  A ASN 1117 ? ? CB  A ASN 1117 ? ? 98.55  110.60 -12.05 1.80 N 
31 1 NE  A ARG 1130 ? ? CZ  A ARG 1130 ? ? NH1 A ARG 1130 ? ? 124.22 120.30 3.92   0.50 N 
32 1 NE  A ARG 1130 ? ? CZ  A ARG 1130 ? ? NH2 A ARG 1130 ? ? 116.59 120.30 -3.71  0.50 N 
33 1 CA  A LEU 1134 ? ? C   A LEU 1134 ? ? O   A LEU 1134 ? ? 87.97  120.10 -32.13 2.10 N 
# 
loop_
_pdbx_validate_torsion.id 
_pdbx_validate_torsion.PDB_model_num 
_pdbx_validate_torsion.auth_comp_id 
_pdbx_validate_torsion.auth_asym_id 
_pdbx_validate_torsion.auth_seq_id 
_pdbx_validate_torsion.PDB_ins_code 
_pdbx_validate_torsion.label_alt_id 
_pdbx_validate_torsion.phi 
_pdbx_validate_torsion.psi 
1 1 ASP A 1002 ? ? 33.99  -103.37 
2 1 ASN A 1096 ? B 91.00  42.39   
3 1 VAL A 1097 ? B 33.05  59.23   
4 1 PRO A 1098 ? A -84.02 -88.38  
# 
_pdbx_SG_project.id                    1 
_pdbx_SG_project.project_name          'PSI, Protein Structure Initiative' 
_pdbx_SG_project.full_name_of_center   'TB Structural Genomics Consortium' 
_pdbx_SG_project.initial_of_center     TBSGC 
# 
loop_
_pdbx_struct_special_symmetry.id 
_pdbx_struct_special_symmetry.PDB_model_num 
_pdbx_struct_special_symmetry.auth_asym_id 
_pdbx_struct_special_symmetry.auth_comp_id 
_pdbx_struct_special_symmetry.auth_seq_id 
_pdbx_struct_special_symmetry.PDB_ins_code 
_pdbx_struct_special_symmetry.label_asym_id 
_pdbx_struct_special_symmetry.label_comp_id 
_pdbx_struct_special_symmetry.label_seq_id 
1 1 A HOH 9002 ? B HOH . 
2 1 A HOH 9064 ? B HOH . 
3 1 A HOH 9069 ? B HOH . 
4 1 A HOH 9174 ? B HOH . 
# 
loop_
_pdbx_unobs_or_zero_occ_residues.id 
_pdbx_unobs_or_zero_occ_residues.PDB_model_num 
_pdbx_unobs_or_zero_occ_residues.polymer_flag 
_pdbx_unobs_or_zero_occ_residues.occupancy_flag 
_pdbx_unobs_or_zero_occ_residues.auth_asym_id 
_pdbx_unobs_or_zero_occ_residues.auth_comp_id 
_pdbx_unobs_or_zero_occ_residues.auth_seq_id 
_pdbx_unobs_or_zero_occ_residues.PDB_ins_code 
_pdbx_unobs_or_zero_occ_residues.label_asym_id 
_pdbx_unobs_or_zero_occ_residues.label_comp_id 
_pdbx_unobs_or_zero_occ_residues.label_seq_id 
1 1 Y 1 A THR 1135 ? A THR 135 
2 1 Y 1 A SER 1136 ? A SER 136 
# 
loop_
_chem_comp_atom.comp_id 
_chem_comp_atom.atom_id 
_chem_comp_atom.type_symbol 
_chem_comp_atom.pdbx_aromatic_flag 
_chem_comp_atom.pdbx_stereo_config 
_chem_comp_atom.pdbx_ordinal 
ALA N    N N N 1   
ALA CA   C N S 2   
ALA C    C N N 3   
ALA O    O N N 4   
ALA CB   C N N 5   
ALA OXT  O N N 6   
ALA H    H N N 7   
ALA H2   H N N 8   
ALA HA   H N N 9   
ALA HB1  H N N 10  
ALA HB2  H N N 11  
ALA HB3  H N N 12  
ALA HXT  H N N 13  
ARG N    N N N 14  
ARG CA   C N S 15  
ARG C    C N N 16  
ARG O    O N N 17  
ARG CB   C N N 18  
ARG CG   C N N 19  
ARG CD   C N N 20  
ARG NE   N N N 21  
ARG CZ   C N N 22  
ARG NH1  N N N 23  
ARG NH2  N N N 24  
ARG OXT  O N N 25  
ARG H    H N N 26  
ARG H2   H N N 27  
ARG HA   H N N 28  
ARG HB2  H N N 29  
ARG HB3  H N N 30  
ARG HG2  H N N 31  
ARG HG3  H N N 32  
ARG HD2  H N N 33  
ARG HD3  H N N 34  
ARG HE   H N N 35  
ARG HH11 H N N 36  
ARG HH12 H N N 37  
ARG HH21 H N N 38  
ARG HH22 H N N 39  
ARG HXT  H N N 40  
ASN N    N N N 41  
ASN CA   C N S 42  
ASN C    C N N 43  
ASN O    O N N 44  
ASN CB   C N N 45  
ASN CG   C N N 46  
ASN OD1  O N N 47  
ASN ND2  N N N 48  
ASN OXT  O N N 49  
ASN H    H N N 50  
ASN H2   H N N 51  
ASN HA   H N N 52  
ASN HB2  H N N 53  
ASN HB3  H N N 54  
ASN HD21 H N N 55  
ASN HD22 H N N 56  
ASN HXT  H N N 57  
ASP N    N N N 58  
ASP CA   C N S 59  
ASP C    C N N 60  
ASP O    O N N 61  
ASP CB   C N N 62  
ASP CG   C N N 63  
ASP OD1  O N N 64  
ASP OD2  O N N 65  
ASP OXT  O N N 66  
ASP H    H N N 67  
ASP H2   H N N 68  
ASP HA   H N N 69  
ASP HB2  H N N 70  
ASP HB3  H N N 71  
ASP HD2  H N N 72  
ASP HXT  H N N 73  
CYS N    N N N 74  
CYS CA   C N R 75  
CYS C    C N N 76  
CYS O    O N N 77  
CYS CB   C N N 78  
CYS SG   S N N 79  
CYS OXT  O N N 80  
CYS H    H N N 81  
CYS H2   H N N 82  
CYS HA   H N N 83  
CYS HB2  H N N 84  
CYS HB3  H N N 85  
CYS HG   H N N 86  
CYS HXT  H N N 87  
GLN N    N N N 88  
GLN CA   C N S 89  
GLN C    C N N 90  
GLN O    O N N 91  
GLN CB   C N N 92  
GLN CG   C N N 93  
GLN CD   C N N 94  
GLN OE1  O N N 95  
GLN NE2  N N N 96  
GLN OXT  O N N 97  
GLN H    H N N 98  
GLN H2   H N N 99  
GLN HA   H N N 100 
GLN HB2  H N N 101 
GLN HB3  H N N 102 
GLN HG2  H N N 103 
GLN HG3  H N N 104 
GLN HE21 H N N 105 
GLN HE22 H N N 106 
GLN HXT  H N N 107 
GLU N    N N N 108 
GLU CA   C N S 109 
GLU C    C N N 110 
GLU O    O N N 111 
GLU CB   C N N 112 
GLU CG   C N N 113 
GLU CD   C N N 114 
GLU OE1  O N N 115 
GLU OE2  O N N 116 
GLU OXT  O N N 117 
GLU H    H N N 118 
GLU H2   H N N 119 
GLU HA   H N N 120 
GLU HB2  H N N 121 
GLU HB3  H N N 122 
GLU HG2  H N N 123 
GLU HG3  H N N 124 
GLU HE2  H N N 125 
GLU HXT  H N N 126 
GLY N    N N N 127 
GLY CA   C N N 128 
GLY C    C N N 129 
GLY O    O N N 130 
GLY OXT  O N N 131 
GLY H    H N N 132 
GLY H2   H N N 133 
GLY HA2  H N N 134 
GLY HA3  H N N 135 
GLY HXT  H N N 136 
HOH O    O N N 137 
HOH H1   H N N 138 
HOH H2   H N N 139 
ILE N    N N N 140 
ILE CA   C N S 141 
ILE C    C N N 142 
ILE O    O N N 143 
ILE CB   C N S 144 
ILE CG1  C N N 145 
ILE CG2  C N N 146 
ILE CD1  C N N 147 
ILE OXT  O N N 148 
ILE H    H N N 149 
ILE H2   H N N 150 
ILE HA   H N N 151 
ILE HB   H N N 152 
ILE HG12 H N N 153 
ILE HG13 H N N 154 
ILE HG21 H N N 155 
ILE HG22 H N N 156 
ILE HG23 H N N 157 
ILE HD11 H N N 158 
ILE HD12 H N N 159 
ILE HD13 H N N 160 
ILE HXT  H N N 161 
LEU N    N N N 162 
LEU CA   C N S 163 
LEU C    C N N 164 
LEU O    O N N 165 
LEU CB   C N N 166 
LEU CG   C N N 167 
LEU CD1  C N N 168 
LEU CD2  C N N 169 
LEU OXT  O N N 170 
LEU H    H N N 171 
LEU H2   H N N 172 
LEU HA   H N N 173 
LEU HB2  H N N 174 
LEU HB3  H N N 175 
LEU HG   H N N 176 
LEU HD11 H N N 177 
LEU HD12 H N N 178 
LEU HD13 H N N 179 
LEU HD21 H N N 180 
LEU HD22 H N N 181 
LEU HD23 H N N 182 
LEU HXT  H N N 183 
LYS N    N N N 184 
LYS CA   C N S 185 
LYS C    C N N 186 
LYS O    O N N 187 
LYS CB   C N N 188 
LYS CG   C N N 189 
LYS CD   C N N 190 
LYS CE   C N N 191 
LYS NZ   N N N 192 
LYS OXT  O N N 193 
LYS H    H N N 194 
LYS H2   H N N 195 
LYS HA   H N N 196 
LYS HB2  H N N 197 
LYS HB3  H N N 198 
LYS HG2  H N N 199 
LYS HG3  H N N 200 
LYS HD2  H N N 201 
LYS HD3  H N N 202 
LYS HE2  H N N 203 
LYS HE3  H N N 204 
LYS HZ1  H N N 205 
LYS HZ2  H N N 206 
LYS HZ3  H N N 207 
LYS HXT  H N N 208 
MET N    N N N 209 
MET CA   C N S 210 
MET C    C N N 211 
MET O    O N N 212 
MET CB   C N N 213 
MET CG   C N N 214 
MET SD   S N N 215 
MET CE   C N N 216 
MET OXT  O N N 217 
MET H    H N N 218 
MET H2   H N N 219 
MET HA   H N N 220 
MET HB2  H N N 221 
MET HB3  H N N 222 
MET HG2  H N N 223 
MET HG3  H N N 224 
MET HE1  H N N 225 
MET HE2  H N N 226 
MET HE3  H N N 227 
MET HXT  H N N 228 
PHE N    N N N 229 
PHE CA   C N S 230 
PHE C    C N N 231 
PHE O    O N N 232 
PHE CB   C N N 233 
PHE CG   C Y N 234 
PHE CD1  C Y N 235 
PHE CD2  C Y N 236 
PHE CE1  C Y N 237 
PHE CE2  C Y N 238 
PHE CZ   C Y N 239 
PHE OXT  O N N 240 
PHE H    H N N 241 
PHE H2   H N N 242 
PHE HA   H N N 243 
PHE HB2  H N N 244 
PHE HB3  H N N 245 
PHE HD1  H N N 246 
PHE HD2  H N N 247 
PHE HE1  H N N 248 
PHE HE2  H N N 249 
PHE HZ   H N N 250 
PHE HXT  H N N 251 
PRO N    N N N 252 
PRO CA   C N S 253 
PRO C    C N N 254 
PRO O    O N N 255 
PRO CB   C N N 256 
PRO CG   C N N 257 
PRO CD   C N N 258 
PRO OXT  O N N 259 
PRO H    H N N 260 
PRO HA   H N N 261 
PRO HB2  H N N 262 
PRO HB3  H N N 263 
PRO HG2  H N N 264 
PRO HG3  H N N 265 
PRO HD2  H N N 266 
PRO HD3  H N N 267 
PRO HXT  H N N 268 
SER N    N N N 269 
SER CA   C N S 270 
SER C    C N N 271 
SER O    O N N 272 
SER CB   C N N 273 
SER OG   O N N 274 
SER OXT  O N N 275 
SER H    H N N 276 
SER H2   H N N 277 
SER HA   H N N 278 
SER HB2  H N N 279 
SER HB3  H N N 280 
SER HG   H N N 281 
SER HXT  H N N 282 
THR N    N N N 283 
THR CA   C N S 284 
THR C    C N N 285 
THR O    O N N 286 
THR CB   C N R 287 
THR OG1  O N N 288 
THR CG2  C N N 289 
THR OXT  O N N 290 
THR H    H N N 291 
THR H2   H N N 292 
THR HA   H N N 293 
THR HB   H N N 294 
THR HG1  H N N 295 
THR HG21 H N N 296 
THR HG22 H N N 297 
THR HG23 H N N 298 
THR HXT  H N N 299 
TRP N    N N N 300 
TRP CA   C N S 301 
TRP C    C N N 302 
TRP O    O N N 303 
TRP CB   C N N 304 
TRP CG   C Y N 305 
TRP CD1  C Y N 306 
TRP CD2  C Y N 307 
TRP NE1  N Y N 308 
TRP CE2  C Y N 309 
TRP CE3  C Y N 310 
TRP CZ2  C Y N 311 
TRP CZ3  C Y N 312 
TRP CH2  C Y N 313 
TRP OXT  O N N 314 
TRP H    H N N 315 
TRP H2   H N N 316 
TRP HA   H N N 317 
TRP HB2  H N N 318 
TRP HB3  H N N 319 
TRP HD1  H N N 320 
TRP HE1  H N N 321 
TRP HE3  H N N 322 
TRP HZ2  H N N 323 
TRP HZ3  H N N 324 
TRP HH2  H N N 325 
TRP HXT  H N N 326 
TYR N    N N N 327 
TYR CA   C N S 328 
TYR C    C N N 329 
TYR O    O N N 330 
TYR CB   C N N 331 
TYR CG   C Y N 332 
TYR CD1  C Y N 333 
TYR CD2  C Y N 334 
TYR CE1  C Y N 335 
TYR CE2  C Y N 336 
TYR CZ   C Y N 337 
TYR OH   O N N 338 
TYR OXT  O N N 339 
TYR H    H N N 340 
TYR H2   H N N 341 
TYR HA   H N N 342 
TYR HB2  H N N 343 
TYR HB3  H N N 344 
TYR HD1  H N N 345 
TYR HD2  H N N 346 
TYR HE1  H N N 347 
TYR HE2  H N N 348 
TYR HH   H N N 349 
TYR HXT  H N N 350 
VAL N    N N N 351 
VAL CA   C N S 352 
VAL C    C N N 353 
VAL O    O N N 354 
VAL CB   C N N 355 
VAL CG1  C N N 356 
VAL CG2  C N N 357 
VAL OXT  O N N 358 
VAL H    H N N 359 
VAL H2   H N N 360 
VAL HA   H N N 361 
VAL HB   H N N 362 
VAL HG11 H N N 363 
VAL HG12 H N N 364 
VAL HG13 H N N 365 
VAL HG21 H N N 366 
VAL HG22 H N N 367 
VAL HG23 H N N 368 
VAL HXT  H N N 369 
# 
loop_
_chem_comp_bond.comp_id 
_chem_comp_bond.atom_id_1 
_chem_comp_bond.atom_id_2 
_chem_comp_bond.value_order 
_chem_comp_bond.pdbx_aromatic_flag 
_chem_comp_bond.pdbx_stereo_config 
_chem_comp_bond.pdbx_ordinal 
ALA N   CA   sing N N 1   
ALA N   H    sing N N 2   
ALA N   H2   sing N N 3   
ALA CA  C    sing N N 4   
ALA CA  CB   sing N N 5   
ALA CA  HA   sing N N 6   
ALA C   O    doub N N 7   
ALA C   OXT  sing N N 8   
ALA CB  HB1  sing N N 9   
ALA CB  HB2  sing N N 10  
ALA CB  HB3  sing N N 11  
ALA OXT HXT  sing N N 12  
ARG N   CA   sing N N 13  
ARG N   H    sing N N 14  
ARG N   H2   sing N N 15  
ARG CA  C    sing N N 16  
ARG CA  CB   sing N N 17  
ARG CA  HA   sing N N 18  
ARG C   O    doub N N 19  
ARG C   OXT  sing N N 20  
ARG CB  CG   sing N N 21  
ARG CB  HB2  sing N N 22  
ARG CB  HB3  sing N N 23  
ARG CG  CD   sing N N 24  
ARG CG  HG2  sing N N 25  
ARG CG  HG3  sing N N 26  
ARG CD  NE   sing N N 27  
ARG CD  HD2  sing N N 28  
ARG CD  HD3  sing N N 29  
ARG NE  CZ   sing N N 30  
ARG NE  HE   sing N N 31  
ARG CZ  NH1  sing N N 32  
ARG CZ  NH2  doub N N 33  
ARG NH1 HH11 sing N N 34  
ARG NH1 HH12 sing N N 35  
ARG NH2 HH21 sing N N 36  
ARG NH2 HH22 sing N N 37  
ARG OXT HXT  sing N N 38  
ASN N   CA   sing N N 39  
ASN N   H    sing N N 40  
ASN N   H2   sing N N 41  
ASN CA  C    sing N N 42  
ASN CA  CB   sing N N 43  
ASN CA  HA   sing N N 44  
ASN C   O    doub N N 45  
ASN C   OXT  sing N N 46  
ASN CB  CG   sing N N 47  
ASN CB  HB2  sing N N 48  
ASN CB  HB3  sing N N 49  
ASN CG  OD1  doub N N 50  
ASN CG  ND2  sing N N 51  
ASN ND2 HD21 sing N N 52  
ASN ND2 HD22 sing N N 53  
ASN OXT HXT  sing N N 54  
ASP N   CA   sing N N 55  
ASP N   H    sing N N 56  
ASP N   H2   sing N N 57  
ASP CA  C    sing N N 58  
ASP CA  CB   sing N N 59  
ASP CA  HA   sing N N 60  
ASP C   O    doub N N 61  
ASP C   OXT  sing N N 62  
ASP CB  CG   sing N N 63  
ASP CB  HB2  sing N N 64  
ASP CB  HB3  sing N N 65  
ASP CG  OD1  doub N N 66  
ASP CG  OD2  sing N N 67  
ASP OD2 HD2  sing N N 68  
ASP OXT HXT  sing N N 69  
CYS N   CA   sing N N 70  
CYS N   H    sing N N 71  
CYS N   H2   sing N N 72  
CYS CA  C    sing N N 73  
CYS CA  CB   sing N N 74  
CYS CA  HA   sing N N 75  
CYS C   O    doub N N 76  
CYS C   OXT  sing N N 77  
CYS CB  SG   sing N N 78  
CYS CB  HB2  sing N N 79  
CYS CB  HB3  sing N N 80  
CYS SG  HG   sing N N 81  
CYS OXT HXT  sing N N 82  
GLN N   CA   sing N N 83  
GLN N   H    sing N N 84  
GLN N   H2   sing N N 85  
GLN CA  C    sing N N 86  
GLN CA  CB   sing N N 87  
GLN CA  HA   sing N N 88  
GLN C   O    doub N N 89  
GLN C   OXT  sing N N 90  
GLN CB  CG   sing N N 91  
GLN CB  HB2  sing N N 92  
GLN CB  HB3  sing N N 93  
GLN CG  CD   sing N N 94  
GLN CG  HG2  sing N N 95  
GLN CG  HG3  sing N N 96  
GLN CD  OE1  doub N N 97  
GLN CD  NE2  sing N N 98  
GLN NE2 HE21 sing N N 99  
GLN NE2 HE22 sing N N 100 
GLN OXT HXT  sing N N 101 
GLU N   CA   sing N N 102 
GLU N   H    sing N N 103 
GLU N   H2   sing N N 104 
GLU CA  C    sing N N 105 
GLU CA  CB   sing N N 106 
GLU CA  HA   sing N N 107 
GLU C   O    doub N N 108 
GLU C   OXT  sing N N 109 
GLU CB  CG   sing N N 110 
GLU CB  HB2  sing N N 111 
GLU CB  HB3  sing N N 112 
GLU CG  CD   sing N N 113 
GLU CG  HG2  sing N N 114 
GLU CG  HG3  sing N N 115 
GLU CD  OE1  doub N N 116 
GLU CD  OE2  sing N N 117 
GLU OE2 HE2  sing N N 118 
GLU OXT HXT  sing N N 119 
GLY N   CA   sing N N 120 
GLY N   H    sing N N 121 
GLY N   H2   sing N N 122 
GLY CA  C    sing N N 123 
GLY CA  HA2  sing N N 124 
GLY CA  HA3  sing N N 125 
GLY C   O    doub N N 126 
GLY C   OXT  sing N N 127 
GLY OXT HXT  sing N N 128 
HOH O   H1   sing N N 129 
HOH O   H2   sing N N 130 
ILE N   CA   sing N N 131 
ILE N   H    sing N N 132 
ILE N   H2   sing N N 133 
ILE CA  C    sing N N 134 
ILE CA  CB   sing N N 135 
ILE CA  HA   sing N N 136 
ILE C   O    doub N N 137 
ILE C   OXT  sing N N 138 
ILE CB  CG1  sing N N 139 
ILE CB  CG2  sing N N 140 
ILE CB  HB   sing N N 141 
ILE CG1 CD1  sing N N 142 
ILE CG1 HG12 sing N N 143 
ILE CG1 HG13 sing N N 144 
ILE CG2 HG21 sing N N 145 
ILE CG2 HG22 sing N N 146 
ILE CG2 HG23 sing N N 147 
ILE CD1 HD11 sing N N 148 
ILE CD1 HD12 sing N N 149 
ILE CD1 HD13 sing N N 150 
ILE OXT HXT  sing N N 151 
LEU N   CA   sing N N 152 
LEU N   H    sing N N 153 
LEU N   H2   sing N N 154 
LEU CA  C    sing N N 155 
LEU CA  CB   sing N N 156 
LEU CA  HA   sing N N 157 
LEU C   O    doub N N 158 
LEU C   OXT  sing N N 159 
LEU CB  CG   sing N N 160 
LEU CB  HB2  sing N N 161 
LEU CB  HB3  sing N N 162 
LEU CG  CD1  sing N N 163 
LEU CG  CD2  sing N N 164 
LEU CG  HG   sing N N 165 
LEU CD1 HD11 sing N N 166 
LEU CD1 HD12 sing N N 167 
LEU CD1 HD13 sing N N 168 
LEU CD2 HD21 sing N N 169 
LEU CD2 HD22 sing N N 170 
LEU CD2 HD23 sing N N 171 
LEU OXT HXT  sing N N 172 
LYS N   CA   sing N N 173 
LYS N   H    sing N N 174 
LYS N   H2   sing N N 175 
LYS CA  C    sing N N 176 
LYS CA  CB   sing N N 177 
LYS CA  HA   sing N N 178 
LYS C   O    doub N N 179 
LYS C   OXT  sing N N 180 
LYS CB  CG   sing N N 181 
LYS CB  HB2  sing N N 182 
LYS CB  HB3  sing N N 183 
LYS CG  CD   sing N N 184 
LYS CG  HG2  sing N N 185 
LYS CG  HG3  sing N N 186 
LYS CD  CE   sing N N 187 
LYS CD  HD2  sing N N 188 
LYS CD  HD3  sing N N 189 
LYS CE  NZ   sing N N 190 
LYS CE  HE2  sing N N 191 
LYS CE  HE3  sing N N 192 
LYS NZ  HZ1  sing N N 193 
LYS NZ  HZ2  sing N N 194 
LYS NZ  HZ3  sing N N 195 
LYS OXT HXT  sing N N 196 
MET N   CA   sing N N 197 
MET N   H    sing N N 198 
MET N   H2   sing N N 199 
MET CA  C    sing N N 200 
MET CA  CB   sing N N 201 
MET CA  HA   sing N N 202 
MET C   O    doub N N 203 
MET C   OXT  sing N N 204 
MET CB  CG   sing N N 205 
MET CB  HB2  sing N N 206 
MET CB  HB3  sing N N 207 
MET CG  SD   sing N N 208 
MET CG  HG2  sing N N 209 
MET CG  HG3  sing N N 210 
MET SD  CE   sing N N 211 
MET CE  HE1  sing N N 212 
MET CE  HE2  sing N N 213 
MET CE  HE3  sing N N 214 
MET OXT HXT  sing N N 215 
PHE N   CA   sing N N 216 
PHE N   H    sing N N 217 
PHE N   H2   sing N N 218 
PHE CA  C    sing N N 219 
PHE CA  CB   sing N N 220 
PHE CA  HA   sing N N 221 
PHE C   O    doub N N 222 
PHE C   OXT  sing N N 223 
PHE CB  CG   sing N N 224 
PHE CB  HB2  sing N N 225 
PHE CB  HB3  sing N N 226 
PHE CG  CD1  doub Y N 227 
PHE CG  CD2  sing Y N 228 
PHE CD1 CE1  sing Y N 229 
PHE CD1 HD1  sing N N 230 
PHE CD2 CE2  doub Y N 231 
PHE CD2 HD2  sing N N 232 
PHE CE1 CZ   doub Y N 233 
PHE CE1 HE1  sing N N 234 
PHE CE2 CZ   sing Y N 235 
PHE CE2 HE2  sing N N 236 
PHE CZ  HZ   sing N N 237 
PHE OXT HXT  sing N N 238 
PRO N   CA   sing N N 239 
PRO N   CD   sing N N 240 
PRO N   H    sing N N 241 
PRO CA  C    sing N N 242 
PRO CA  CB   sing N N 243 
PRO CA  HA   sing N N 244 
PRO C   O    doub N N 245 
PRO C   OXT  sing N N 246 
PRO CB  CG   sing N N 247 
PRO CB  HB2  sing N N 248 
PRO CB  HB3  sing N N 249 
PRO CG  CD   sing N N 250 
PRO CG  HG2  sing N N 251 
PRO CG  HG3  sing N N 252 
PRO CD  HD2  sing N N 253 
PRO CD  HD3  sing N N 254 
PRO OXT HXT  sing N N 255 
SER N   CA   sing N N 256 
SER N   H    sing N N 257 
SER N   H2   sing N N 258 
SER CA  C    sing N N 259 
SER CA  CB   sing N N 260 
SER CA  HA   sing N N 261 
SER C   O    doub N N 262 
SER C   OXT  sing N N 263 
SER CB  OG   sing N N 264 
SER CB  HB2  sing N N 265 
SER CB  HB3  sing N N 266 
SER OG  HG   sing N N 267 
SER OXT HXT  sing N N 268 
THR N   CA   sing N N 269 
THR N   H    sing N N 270 
THR N   H2   sing N N 271 
THR CA  C    sing N N 272 
THR CA  CB   sing N N 273 
THR CA  HA   sing N N 274 
THR C   O    doub N N 275 
THR C   OXT  sing N N 276 
THR CB  OG1  sing N N 277 
THR CB  CG2  sing N N 278 
THR CB  HB   sing N N 279 
THR OG1 HG1  sing N N 280 
THR CG2 HG21 sing N N 281 
THR CG2 HG22 sing N N 282 
THR CG2 HG23 sing N N 283 
THR OXT HXT  sing N N 284 
TRP N   CA   sing N N 285 
TRP N   H    sing N N 286 
TRP N   H2   sing N N 287 
TRP CA  C    sing N N 288 
TRP CA  CB   sing N N 289 
TRP CA  HA   sing N N 290 
TRP C   O    doub N N 291 
TRP C   OXT  sing N N 292 
TRP CB  CG   sing N N 293 
TRP CB  HB2  sing N N 294 
TRP CB  HB3  sing N N 295 
TRP CG  CD1  doub Y N 296 
TRP CG  CD2  sing Y N 297 
TRP CD1 NE1  sing Y N 298 
TRP CD1 HD1  sing N N 299 
TRP CD2 CE2  doub Y N 300 
TRP CD2 CE3  sing Y N 301 
TRP NE1 CE2  sing Y N 302 
TRP NE1 HE1  sing N N 303 
TRP CE2 CZ2  sing Y N 304 
TRP CE3 CZ3  doub Y N 305 
TRP CE3 HE3  sing N N 306 
TRP CZ2 CH2  doub Y N 307 
TRP CZ2 HZ2  sing N N 308 
TRP CZ3 CH2  sing Y N 309 
TRP CZ3 HZ3  sing N N 310 
TRP CH2 HH2  sing N N 311 
TRP OXT HXT  sing N N 312 
TYR N   CA   sing N N 313 
TYR N   H    sing N N 314 
TYR N   H2   sing N N 315 
TYR CA  C    sing N N 316 
TYR CA  CB   sing N N 317 
TYR CA  HA   sing N N 318 
TYR C   O    doub N N 319 
TYR C   OXT  sing N N 320 
TYR CB  CG   sing N N 321 
TYR CB  HB2  sing N N 322 
TYR CB  HB3  sing N N 323 
TYR CG  CD1  doub Y N 324 
TYR CG  CD2  sing Y N 325 
TYR CD1 CE1  sing Y N 326 
TYR CD1 HD1  sing N N 327 
TYR CD2 CE2  doub Y N 328 
TYR CD2 HD2  sing N N 329 
TYR CE1 CZ   doub Y N 330 
TYR CE1 HE1  sing N N 331 
TYR CE2 CZ   sing Y N 332 
TYR CE2 HE2  sing N N 333 
TYR CZ  OH   sing N N 334 
TYR OH  HH   sing N N 335 
TYR OXT HXT  sing N N 336 
VAL N   CA   sing N N 337 
VAL N   H    sing N N 338 
VAL N   H2   sing N N 339 
VAL CA  C    sing N N 340 
VAL CA  CB   sing N N 341 
VAL CA  HA   sing N N 342 
VAL C   O    doub N N 343 
VAL C   OXT  sing N N 344 
VAL CB  CG1  sing N N 345 
VAL CB  CG2  sing N N 346 
VAL CB  HB   sing N N 347 
VAL CG1 HG11 sing N N 348 
VAL CG1 HG12 sing N N 349 
VAL CG1 HG13 sing N N 350 
VAL CG2 HG21 sing N N 351 
VAL CG2 HG22 sing N N 352 
VAL CG2 HG23 sing N N 353 
VAL OXT HXT  sing N N 354 
# 
_atom_sites.entry_id                    1LU4 
_atom_sites.fract_transf_matrix[1][1]   -0.00413648 
_atom_sites.fract_transf_matrix[1][2]   -0.00835026 
_atom_sites.fract_transf_matrix[1][3]   0.01360573 
_atom_sites.fract_transf_matrix[2][1]   -0.01001172 
_atom_sites.fract_transf_matrix[2][2]   0.01230440 
_atom_sites.fract_transf_matrix[2][3]   0.00450779 
_atom_sites.fract_transf_matrix[3][1]   -0.00945134 
_atom_sites.fract_transf_matrix[3][2]   -0.00541911 
_atom_sites.fract_transf_matrix[3][3]   -0.00619932 
_atom_sites.fract_transf_vector[1]      0.253816 
_atom_sites.fract_transf_vector[2]      0.064789 
_atom_sites.fract_transf_vector[3]      0.341491 
# 
loop_
_atom_type.symbol 
C 
N 
O 
S 
# 
loop_
_atom_site.group_PDB 
_atom_site.id 
_atom_site.type_symbol 
_atom_site.label_atom_id 
_atom_site.label_alt_id 
_atom_site.label_comp_id 
_atom_site.label_asym_id 
_atom_site.label_entity_id 
_atom_site.label_seq_id 
_atom_site.pdbx_PDB_ins_code 
_atom_site.Cartn_x 
_atom_site.Cartn_y 
_atom_site.Cartn_z 
_atom_site.occupancy 
_atom_site.B_iso_or_equiv 
_atom_site.pdbx_formal_charge 
_atom_site.auth_seq_id 
_atom_site.auth_comp_id 
_atom_site.auth_asym_id 
_atom_site.auth_atom_id 
_atom_site.pdbx_PDB_model_num 
ATOM   1    N N   . ALA A 1 1   ? -6.622  1.578   11.512  1.00 41.03  ? 1001 ALA A N   1 
ATOM   2    C CA  . ALA A 1 1   ? -6.009  2.123   12.714  1.00 45.14  ? 1001 ALA A CA  1 
ATOM   3    C C   . ALA A 1 1   ? -6.276  0.948   13.668  1.00 48.49  ? 1001 ALA A C   1 
ATOM   4    O O   . ALA A 1 1   ? -7.291  0.268   13.416  1.00 41.77  ? 1001 ALA A O   1 
ATOM   5    C CB  . ALA A 1 1   ? -6.426  3.544   12.996  1.00 45.25  ? 1001 ALA A CB  1 
ATOM   6    N N   . ASP A 1 2   ? -5.285  0.873   14.521  1.00 32.83  ? 1002 ASP A N   1 
ATOM   7    C CA  . ASP A 1 2   ? -5.220  -0.121  15.579  1.00 32.20  ? 1002 ASP A CA  1 
ATOM   8    C C   . ASP A 1 2   ? -5.846  -1.422  15.109  1.00 23.58  ? 1002 ASP A C   1 
ATOM   9    O O   . ASP A 1 2   ? -5.199  -2.162  14.335  1.00 34.46  ? 1002 ASP A O   1 
ATOM   10   C CB  . ASP A 1 2   ? -5.836  0.528   16.831  1.00 42.73  ? 1002 ASP A CB  1 
ATOM   11   C CG  . ASP A 1 2   ? -4.735  0.869   17.816  1.00 48.42  ? 1002 ASP A CG  1 
ATOM   12   O OD1 . ASP A 1 2   ? -4.316  2.025   18.034  1.00 53.21  ? 1002 ASP A OD1 1 
ATOM   13   O OD2 . ASP A 1 2   ? -4.252  -0.121  18.416  1.00 69.05  ? 1002 ASP A OD2 1 
ATOM   14   N N   . GLU A 1 3   ? -7.060  -1.821  15.484  1.00 26.97  ? 1003 GLU A N   1 
ATOM   15   C CA  . GLU A 1 3   ? -7.530  -3.170  15.214  1.00 35.21  ? 1003 GLU A CA  1 
ATOM   16   C C   . GLU A 1 3   ? -7.797  -3.475  13.746  1.00 30.99  ? 1003 GLU A C   1 
ATOM   17   O O   . GLU A 1 3   ? -7.881  -4.643  13.323  1.00 27.74  ? 1003 GLU A O   1 
ATOM   18   C CB  . GLU A 1 3   ? -8.811  -3.401  16.060  1.00 39.10  ? 1003 GLU A CB  1 
ATOM   19   C CG  . GLU A 1 3   ? -9.007  -4.893  16.300  1.00 49.73  ? 1003 GLU A CG  1 
ATOM   20   C CD  . GLU A 1 3   ? -9.689  -5.214  17.612  1.00 54.45  ? 1003 GLU A CD  1 
ATOM   21   O OE1 . GLU A 1 3   ? -10.240 -4.282  18.237  1.00 68.13  ? 1003 GLU A OE1 1 
ATOM   22   O OE2 . GLU A 1 3   ? -9.665  -6.400  18.000  1.00 71.19  ? 1003 GLU A OE2 1 
ATOM   23   N N   . ARG A 1 4   ? -7.941  -2.497  12.848  1.00 24.47  ? 1004 ARG A N   1 
ATOM   24   C CA  . ARG A 1 4   ? -8.045  -2.967  11.486  1.00 23.13  ? 1004 ARG A CA  1 
ATOM   25   C C   . ARG A 1 4   ? -6.798  -3.647  10.920  1.00 22.18  ? 1004 ARG A C   1 
ATOM   26   O O   . ARG A 1 4   ? -6.917  -4.439  9.978   1.00 26.68  ? 1004 ARG A O   1 
ATOM   27   C CB  . ARG A 1 4   ? -8.290  -1.786  10.552  1.00 22.83  ? 1004 ARG A CB  1 
ATOM   28   C CG  . ARG A 1 4   ? -9.606  -1.091  10.775  1.00 21.91  ? 1004 ARG A CG  1 
ATOM   29   C CD  . ARG A 1 4   ? -9.806  0.085   9.831   1.00 22.05  ? 1004 ARG A CD  1 
ATOM   30   N NE  . ARG A 1 4   ? -8.772  1.098   10.006  1.00 25.65  ? 1004 ARG A NE  1 
ATOM   31   C CZ  . ARG A 1 4   ? -8.552  2.187   9.280   1.00 26.64  ? 1004 ARG A CZ  1 
ATOM   32   N NH1 . ARG A 1 4   ? -9.416  2.412   8.270   1.00 30.20  ? 1004 ARG A NH1 1 
ATOM   33   N NH2 . ARG A 1 4   ? -7.575  3.059   9.479   1.00 29.37  ? 1004 ARG A NH2 1 
ATOM   34   N N   . LEU A 1 5   ? -5.651  -3.313  11.496  1.00 24.59  ? 1005 LEU A N   1 
ATOM   35   C CA  . LEU A 1 5   ? -4.417  -3.964  11.063  1.00 22.96  ? 1005 LEU A CA  1 
ATOM   36   C C   . LEU A 1 5   ? -4.428  -5.458  11.427  1.00 23.11  ? 1005 LEU A C   1 
ATOM   37   O O   . LEU A 1 5   ? -3.524  -6.159  11.012  1.00 23.75  ? 1005 LEU A O   1 
ATOM   38   C CB  . LEU A 1 5   ? -3.214  -3.303  11.723  1.00 23.38  ? 1005 LEU A CB  1 
ATOM   39   C CG  . LEU A 1 5   ? -2.892  -1.903  11.198  1.00 21.26  ? 1005 LEU A CG  1 
ATOM   40   C CD1 . LEU A 1 5   ? -1.882  -1.226  12.112  1.00 21.96  ? 1005 LEU A CD1 1 
ATOM   41   C CD2 . LEU A 1 5   ? -2.342  -1.979  9.760   1.00 23.32  ? 1005 LEU A CD2 1 
ATOM   42   N N   . GLN A 1 6   ? -5.401  -5.972  12.187  1.00 27.87  ? 1006 GLN A N   1 
ATOM   43   C CA  . GLN A 1 6   ? -5.441  -7.362  12.612  1.00 28.63  ? 1006 GLN A CA  1 
ATOM   44   C C   . GLN A 1 6   ? -6.003  -8.213  11.490  1.00 26.06  ? 1006 GLN A C   1 
ATOM   45   O O   . GLN A 1 6   ? -7.129  -8.690  11.565  1.00 28.54  ? 1006 GLN A O   1 
ATOM   46   C CB  . GLN A 1 6   ? -6.259  -7.476  13.892  1.00 33.59  ? 1006 GLN A CB  1 
ATOM   47   C CG  . GLN A 1 6   ? -6.067  -6.306  14.839  1.00 45.12  ? 1006 GLN A CG  1 
ATOM   48   C CD  . GLN A 1 6   ? -5.780  -6.867  16.222  1.00 54.15  ? 1006 GLN A CD  1 
ATOM   49   O OE1 . GLN A 1 6   ? -6.082  -6.192  17.185  1.00 59.73  ? 1006 GLN A OE1 1 
ATOM   50   N NE2 . GLN A 1 6   ? -5.222  -8.073  16.190  1.00 65.50  ? 1006 GLN A NE2 1 
ATOM   51   N N   . PHE A 1 7   ? -5.215  -8.342  10.424  1.00 25.60  ? 1007 PHE A N   1 
ATOM   52   C CA  . PHE A 1 7   ? -5.601  -9.206  9.313   1.00 24.02  ? 1007 PHE A CA  1 
ATOM   53   C C   . PHE A 1 7   ? -4.429  -10.125 8.996   1.00 18.51  ? 1007 PHE A C   1 
ATOM   54   O O   . PHE A 1 7   ? -3.297  -9.769  9.327   1.00 18.90  ? 1007 PHE A O   1 
ATOM   55   C CB  . PHE A 1 7   ? -6.002  -8.435  8.066   1.00 21.45  ? 1007 PHE A CB  1 
ATOM   56   C CG  . PHE A 1 7   ? -4.923  -7.511  7.504   1.00 18.24  ? 1007 PHE A CG  1 
ATOM   57   C CD1 . PHE A 1 7   ? -3.936  -7.924  6.629   1.00 19.95  ? 1007 PHE A CD1 1 
ATOM   58   C CD2 . PHE A 1 7   ? -4.929  -6.162  7.841   1.00 20.62  ? 1007 PHE A CD2 1 
ATOM   59   C CE1 . PHE A 1 7   ? -2.989  -7.073  6.145   1.00 19.20  ? 1007 PHE A CE1 1 
ATOM   60   C CE2 . PHE A 1 7   ? -3.949  -5.296  7.341   1.00 18.86  ? 1007 PHE A CE2 1 
ATOM   61   C CZ  . PHE A 1 7   ? -2.970  -5.733  6.456   1.00 18.24  ? 1007 PHE A CZ  1 
ATOM   62   N N   . THR A 1 8   ? -4.741  -11.189 8.288   1.00 19.23  ? 1008 THR A N   1 
ATOM   63   C CA  . THR A 1 8   ? -3.651  -11.992 7.705   1.00 19.16  ? 1008 THR A CA  1 
ATOM   64   C C   . THR A 1 8   ? -3.856  -12.016 6.206   1.00 16.16  ? 1008 THR A C   1 
ATOM   65   O O   . THR A 1 8   ? -4.942  -11.788 5.664   1.00 22.79  ? 1008 THR A O   1 
ATOM   66   C CB  . THR A 1 8   ? -3.530  -13.397 8.309   1.00 25.01  ? 1008 THR A CB  1 
ATOM   67   O OG1 . THR A 1 8   ? -4.733  -14.153 8.082   1.00 36.47  ? 1008 THR A OG1 1 
ATOM   68   C CG2 . THR A 1 8   ? -3.322  -13.280 9.817   1.00 33.09  ? 1008 THR A CG2 1 
ATOM   69   N N   . ALA A 1 9   ? -2.727  -12.262 5.555   1.00 15.15  ? 1009 ALA A N   1 
ATOM   70   C CA  . ALA A 1 9   ? -2.709  -12.169 4.119   1.00 14.84  ? 1009 ALA A CA  1 
ATOM   71   C C   . ALA A 1 9   ? -1.675  -13.082 3.494   1.00 14.14  ? 1009 ALA A C   1 
ATOM   72   O O   . ALA A 1 9   ? -0.918  -13.712 4.237   1.00 14.41  ? 1009 ALA A O   1 
ATOM   73   C CB  . ALA A 1 9   ? -2.383  -10.703 3.797   1.00 13.79  ? 1009 ALA A CB  1 
ATOM   74   N N   . THR A 1 10  ? -1.620  -13.098 2.188   1.00 13.47  ? 1010 THR A N   1 
ATOM   75   C CA  . THR A 1 10  ? -0.572  -13.821 1.436   1.00 13.12  ? 1010 THR A CA  1 
ATOM   76   C C   . THR A 1 10  ? 0.107   -12.823 0.509   1.00 11.15  ? 1010 THR A C   1 
ATOM   77   O O   . THR A 1 10  ? -0.543  -12.069 -0.196  1.00 11.94  ? 1010 THR A O   1 
ATOM   78   C CB  . THR A 1 10  ? -1.149  -14.963 0.607   1.00 15.57  ? 1010 THR A CB  1 
ATOM   79   O OG1 . THR A 1 10  ? -1.777  -15.870 1.518   1.00 21.69  ? 1010 THR A OG1 1 
ATOM   80   C CG2 . THR A 1 10  ? -0.112  -15.794 -0.120  1.00 20.00  ? 1010 THR A CG2 1 
ATOM   81   N N   . THR A 1 11  ? 1.448   -12.866 0.511   1.00 11.16  ? 1011 THR A N   1 
ATOM   82   C CA  . THR A 1 11  ? 2.199   -11.969 -0.352  1.00 10.40  ? 1011 THR A CA  1 
ATOM   83   C C   . THR A 1 11  ? 2.215   -12.430 -1.776  1.00 10.93  ? 1011 THR A C   1 
ATOM   84   O O   . THR A 1 11  ? 1.795   -13.583 -2.054  1.00 13.62  ? 1011 THR A O   1 
ATOM   85   C CB  . THR A 1 11  ? 3.662   -11.813 0.123   1.00 12.28  ? 1011 THR A CB  1 
ATOM   86   O OG1 . THR A 1 11  ? 4.397   -13.014 -0.206  1.00 14.73  ? 1011 THR A OG1 1 
ATOM   87   C CG2 . THR A 1 11  ? 3.767   -11.583 1.637   1.00 13.71  ? 1011 THR A CG2 1 
ATOM   88   N N   . LEU A 1 12  ? 2.665   -11.566 -2.683  1.00 11.88  ? 1012 LEU A N   1 
ATOM   89   C CA  . LEU A 1 12  ? 2.659   -12.002 -4.081  1.00 13.85  ? 1012 LEU A CA  1 
ATOM   90   C C   . LEU A 1 12  ? 3.589   -13.179 -4.283  1.00 19.48  ? 1012 LEU A C   1 
ATOM   91   O O   . LEU A 1 12  ? 3.385   -13.884 -5.262  1.00 28.31  ? 1012 LEU A O   1 
ATOM   92   C CB  . LEU A 1 12  ? 3.139   -10.903 -5.021  1.00 14.17  ? 1012 LEU A CB  1 
ATOM   93   C CG  . LEU A 1 12  ? 2.401   -9.595  -4.931  1.00 11.37  ? 1012 LEU A CG  1 
ATOM   94   C CD1 . LEU A 1 12  ? 2.904   -8.668  -6.058  1.00 12.81  ? 1012 LEU A CD1 1 
ATOM   95   C CD2 . LEU A 1 12  ? 0.915   -9.747  -5.005  1.00 13.44  ? 1012 LEU A CD2 1 
ATOM   96   N N   . SER A 1 13  ? 4.603   -13.394 -3.455  1.00 20.39  ? 1013 SER A N   1 
ATOM   97   C CA  . SER A 1 13  ? 5.584   -14.460 -3.504  1.00 25.56  ? 1013 SER A CA  1 
ATOM   98   C C   . SER A 1 13  ? 5.017   -15.738 -2.927  1.00 24.97  ? 1013 SER A C   1 
ATOM   99   O O   . SER A 1 13  ? 5.621   -16.800 -3.019  1.00 31.90  ? 1013 SER A O   1 
ATOM   100  C CB  . SER A 1 13  ? 6.836   -14.122 -2.699  1.00 29.96  ? 1013 SER A CB  1 
ATOM   101  O OG  . SER A 1 13  ? 7.512   -13.080 -3.371  1.00 31.90  ? 1013 SER A OG  1 
ATOM   102  N N   . GLY A 1 14  ? 3.886   -15.632 -2.248  1.00 20.38  ? 1014 GLY A N   1 
ATOM   103  C CA  . GLY A 1 14  ? 3.238   -16.775 -1.634  1.00 21.56  ? 1014 GLY A CA  1 
ATOM   104  C C   . GLY A 1 14  ? 3.483   -16.947 -0.153  1.00 19.50  ? 1014 GLY A C   1 
ATOM   105  O O   . GLY A 1 14  ? 3.159   -18.009 0.403   1.00 24.91  ? 1014 GLY A O   1 
ATOM   106  N N   . ALA A 1 15  ? 4.112   -15.939 0.491   1.00 16.98  ? 1015 ALA A N   1 
ATOM   107  C CA  . ALA A 1 15  ? 4.445   -16.037 1.911   1.00 16.39  ? 1015 ALA A CA  1 
ATOM   108  C C   . ALA A 1 15  ? 3.284   -15.537 2.758   1.00 17.19  ? 1015 ALA A C   1 
ATOM   109  O O   . ALA A 1 15  ? 2.527   -14.636 2.346   1.00 16.06  ? 1015 ALA A O   1 
ATOM   110  C CB  . ALA A 1 15  ? 5.698   -15.230 2.182   1.00 21.41  ? 1015 ALA A CB  1 
ATOM   111  N N   . PRO A 1 16  ? 3.099   -16.069 3.953   1.00 17.48  ? 1016 PRO A N   1 
ATOM   112  C CA  . PRO A 1 16  ? 2.118   -15.443 4.842   1.00 16.05  ? 1016 PRO A CA  1 
ATOM   113  C C   . PRO A 1 16  ? 2.589   -14.104 5.340   1.00 16.38  ? 1016 PRO A C   1 
ATOM   114  O O   . PRO A 1 16  ? 3.788   -13.839 5.442   1.00 17.52  ? 1016 PRO A O   1 
ATOM   115  C CD  . PRO A 1 16  ? 3.733   -17.268 4.582   1.00 26.98  ? 1016 PRO A CD  1 
ATOM   116  N N   . PHE A 1 17  ? 1.612   -13.246 5.642   1.00 14.21  ? 1017 PHE A N   1 
ATOM   117  C CA  . PHE A 1 17  ? 1.938   -11.947 6.240   1.00 12.96  ? 1017 PHE A CA  1 
ATOM   118  C C   . PHE A 1 17  ? 0.873   -11.645 7.277   1.00 13.93  ? 1017 PHE A C   1 
ATOM   119  O O   . PHE A 1 17  ? -0.329  -11.838 7.014   1.00 15.85  ? 1017 PHE A O   1 
ATOM   120  C CB  . PHE A 1 17  ? 1.993   -10.869 5.169   1.00 12.79  ? 1017 PHE A CB  1 
ATOM   121  C CG  . PHE A 1 17  ? 2.266   -9.485  5.773   1.00 12.33  ? 1017 PHE A CG  1 
ATOM   122  C CD1 . PHE A 1 17  ? 3.585   -9.169  6.101   1.00 13.44  ? 1017 PHE A CD1 1 
ATOM   123  C CD2 . PHE A 1 17  ? 1.262   -8.591  5.999   1.00 13.38  ? 1017 PHE A CD2 1 
ATOM   124  C CE1 . PHE A 1 17  ? 3.851   -7.917  6.654   1.00 15.30  ? 1017 PHE A CE1 1 
ATOM   125  C CE2 . PHE A 1 17  ? 1.528   -7.327  6.558   1.00 14.92  ? 1017 PHE A CE2 1 
ATOM   126  C CZ  . PHE A 1 17  ? 2.826   -7.004  6.897   1.00 15.75  ? 1017 PHE A CZ  1 
ATOM   127  N N   . ASP A 1 18  ? 1.262   -11.137 8.425   1.00 14.89  ? 1018 ASP A N   1 
ATOM   128  C CA  . ASP A 1 18  ? 0.334   -10.792 9.505   1.00 16.12  ? 1018 ASP A CA  1 
ATOM   129  C C   . ASP A 1 18  ? 0.345   -9.295  9.700   1.00 13.98  ? 1018 ASP A C   1 
ATOM   130  O O   . ASP A 1 18  ? 1.379   -8.742  10.094  1.00 15.04  ? 1018 ASP A O   1 
ATOM   131  C CB  . ASP A 1 18  ? 0.771   -11.487 10.786  1.00 17.47  ? 1018 ASP A CB  1 
ATOM   132  C CG  . ASP A 1 18  ? -0.110  -11.235 11.980  1.00 21.47  ? 1018 ASP A CG  1 
ATOM   133  O OD1 . ASP A 1 18  ? -1.118  -10.505 11.829  1.00 23.48  ? 1018 ASP A OD1 1 
ATOM   134  O OD2 . ASP A 1 18  ? 0.224   -11.778 13.053  1.00 28.70  ? 1018 ASP A OD2 1 
ATOM   135  N N   . GLY A 1 19  ? -0.759  -8.647  9.392   1.00 13.92  ? 1019 GLY A N   1 
ATOM   136  C CA  . GLY A 1 19  ? -0.930  -7.229  9.555   1.00 14.77  ? 1019 GLY A CA  1 
ATOM   137  C C   . GLY A 1 19  ? -0.690  -6.735  10.955  1.00 15.33  ? 1019 GLY A C   1 
ATOM   138  O O   . GLY A 1 19  ? -0.315  -5.570  11.174  1.00 15.76  ? 1019 GLY A O   1 
ATOM   139  N N   . ALA A 1 20  ? -0.872  -7.618  11.936  1.00 16.65  ? 1020 ALA A N   1 
ATOM   140  C CA  . ALA A 1 20  ? -0.688  -7.180  13.319  1.00 17.99  ? 1020 ALA A CA  1 
ATOM   141  C C   . ALA A 1 20  ? 0.777   -6.782  13.507  1.00 16.94  ? 1020 ALA A C   1 
ATOM   142  O O   . ALA A 1 20  ? 1.044   -6.009  14.428  1.00 17.69  ? 1020 ALA A O   1 
ATOM   143  C CB  . ALA A 1 20  ? -1.104  -8.283  14.269  1.00 26.32  ? 1020 ALA A CB  1 
ATOM   144  N N   . SER A 1 21  ? 1.674   -7.309  12.672  1.00 16.09  ? 1021 SER A N   1 
ATOM   145  C CA  . SER A 1 21  ? 3.091   -6.921  12.803  1.00 16.25  ? 1021 SER A CA  1 
ATOM   146  C C   . SER A 1 21  ? 3.314   -5.451  12.535  1.00 15.13  ? 1021 SER A C   1 
ATOM   147  O O   . SER A 1 21  ? 4.379   -4.975  12.909  1.00 16.02  ? 1021 SER A O   1 
ATOM   148  C CB  . SER A 1 21  ? 3.943   -7.780  11.845  1.00 17.52  ? 1021 SER A CB  1 
ATOM   149  O OG  . SER A 1 21  ? 3.714   -7.430  10.484  1.00 15.37  ? 1021 SER A OG  1 
ATOM   150  N N   . LEU A 1 22  ? 2.340   -4.755  11.936  1.00 14.09  ? 1022 LEU A N   1 
ATOM   151  C CA  . LEU A 1 22  ? 2.486   -3.352  11.640  1.00 14.27  ? 1022 LEU A CA  1 
ATOM   152  C C   . LEU A 1 22  ? 2.138   -2.514  12.840  1.00 13.79  ? 1022 LEU A C   1 
ATOM   153  O O   . LEU A 1 22  ? 2.433   -1.307  12.868  1.00 14.73  ? 1022 LEU A O   1 
ATOM   154  C CB  . LEU A 1 22  ? 1.583   -2.967  10.448  1.00 14.36  ? 1022 LEU A CB  1 
ATOM   155  C CG  . LEU A 1 22  ? 1.994   -3.650  9.120   1.00 12.64  ? 1022 LEU A CG  1 
ATOM   156  C CD1 . LEU A 1 22  ? 0.913   -3.392  8.097   1.00 14.96  ? 1022 LEU A CD1 1 
ATOM   157  C CD2 . LEU A 1 22  ? 3.354   -3.184  8.634   1.00 12.63  ? 1022 LEU A CD2 1 
ATOM   158  N N   . GLN A 1 23  ? 1.457   -3.091  13.828  1.00 14.55  ? 1023 GLN A N   1 
ATOM   159  C CA  . GLN A 1 23  ? 1.059   -2.241  14.965  1.00 18.88  ? 1023 GLN A CA  1 
ATOM   160  C C   . GLN A 1 23  ? 2.279   -1.703  15.694  1.00 16.74  ? 1023 GLN A C   1 
ATOM   161  O O   . GLN A 1 23  ? 3.325   -2.358  15.944  1.00 20.50  ? 1023 GLN A O   1 
ATOM   162  C CB  . GLN A 1 23  ? 0.110   -3.071  15.850  1.00 19.52  ? 1023 GLN A CB  1 
ATOM   163  C CG  . GLN A 1 23  ? -1.196  -3.381  15.140  1.00 23.46  ? 1023 GLN A CG  1 
ATOM   164  C CD  . GLN A 1 23  ? -2.161  -4.245  15.921  1.00 34.61  ? 1023 GLN A CD  1 
ATOM   165  O OE1 . GLN A 1 23  ? -3.391  -4.043  15.852  1.00 39.66  ? 1023 GLN A OE1 1 
ATOM   166  N NE2 . GLN A 1 23  ? -1.627  -5.214  16.670  1.00 35.90  ? 1023 GLN A NE2 1 
ATOM   167  N N   . GLY A 1 24  ? 2.215   -0.420  16.080  1.00 15.93  ? 1024 GLY A N   1 
ATOM   168  C CA  . GLY A 1 24  ? 3.185   0.246   16.918  1.00 17.39  ? 1024 GLY A CA  1 
ATOM   169  C C   . GLY A 1 24  ? 4.402   0.740   16.168  1.00 16.53  ? 1024 GLY A C   1 
ATOM   170  O O   . GLY A 1 24  ? 5.393   1.062   16.835  1.00 19.20  ? 1024 GLY A O   1 
ATOM   171  N N   . LYS A 1 25  ? 4.321   0.799   14.837  1.00 15.30  ? 1025 LYS A N   1 
ATOM   172  C CA  . LYS A 1 25  ? 5.465   1.380   14.123  1.00 14.72  ? 1025 LYS A CA  1 
ATOM   173  C C   . LYS A 1 25  ? 4.883   2.200   12.965  1.00 13.31  ? 1025 LYS A C   1 
ATOM   174  O O   . LYS A 1 25  ? 3.733   2.065   12.524  1.00 14.53  ? 1025 LYS A O   1 
ATOM   175  C CB  . LYS A 1 25  ? 6.457   0.289   13.739  1.00 22.31  ? 1025 LYS A CB  1 
ATOM   176  C CG  . LYS A 1 25  ? 5.825   -0.712  12.829  1.00 30.13  ? 1025 LYS A CG  1 
ATOM   177  C CD  . LYS A 1 25  ? 6.786   -1.693  12.189  1.00 30.01  ? 1025 LYS A CD  1 
ATOM   178  C CE  . LYS A 1 25  ? 6.875   -3.011  12.909  1.00 29.75  ? 1025 LYS A CE  1 
ATOM   179  N NZ  . LYS A 1 25  ? 7.226   -4.089  11.952  1.00 26.82  ? 1025 LYS A NZ  1 
ATOM   180  N N   . PRO A 1 26  ? 5.650   3.159   12.468  1.00 11.40  ? 1026 PRO A N   1 
ATOM   181  C CA  . PRO A 1 26  ? 5.206   3.956   11.323  1.00 11.18  ? 1026 PRO A CA  1 
ATOM   182  C C   . PRO A 1 26  ? 5.095   3.033   10.086  1.00 10.82  ? 1026 PRO A C   1 
ATOM   183  O O   . PRO A 1 26  ? 5.940   2.174   9.846   1.00 12.33  ? 1026 PRO A O   1 
ATOM   184  C CB  . PRO A 1 26  ? 6.332   4.964   11.114  1.00 12.08  ? 1026 PRO A CB  1 
ATOM   185  C CG  . PRO A 1 26  ? 7.495   4.513   11.931  1.00 20.47  ? 1026 PRO A CG  1 
ATOM   186  C CD  . PRO A 1 26  ? 7.025   3.514   12.923  1.00 13.97  ? 1026 PRO A CD  1 
ATOM   187  N N   . ALA A 1 27  ? 4.003   3.223   9.349   1.00 10.22  ? 1027 ALA A N   1 
ATOM   188  C CA  . ALA A 1 27  ? 3.759   2.327   8.234   1.00 9.74   ? 1027 ALA A CA  1 
ATOM   189  C C   . ALA A 1 27  ? 2.948   3.050   7.163   1.00 9.56   ? 1027 ALA A C   1 
ATOM   190  O O   . ALA A 1 27  ? 2.236   4.040   7.472   1.00 10.39  ? 1027 ALA A O   1 
ATOM   191  C CB  . ALA A 1 27  ? 3.010   1.082   8.736   1.00 10.86  ? 1027 ALA A CB  1 
ATOM   192  N N   . VAL A 1 28  ? 3.007   2.525   5.967   1.00 9.15   ? 1028 VAL A N   1 
ATOM   193  C CA  . VAL A 1 28  ? 2.203   3.053   4.858   1.00 8.58   ? 1028 VAL A CA  1 
ATOM   194  C C   . VAL A 1 28  ? 1.562   1.837   4.191   1.00 8.65   ? 1028 VAL A C   1 
ATOM   195  O O   . VAL A 1 28  ? 2.256   0.922   3.757   1.00 9.46   ? 1028 VAL A O   1 
ATOM   196  C CB  . VAL A 1 28  ? 3.063   3.840   3.857   1.00 10.03  ? 1028 VAL A CB  1 
ATOM   197  C CG1 . VAL A 1 28  ? 2.214   4.274   2.638   1.00 12.20  ? 1028 VAL A CG1 1 
ATOM   198  C CG2 . VAL A 1 28  ? 3.749   5.059   4.467   1.00 11.39  ? 1028 VAL A CG2 1 
ATOM   199  N N   . LEU A 1 29  ? 0.210   1.894   4.063   1.00 7.96   ? 1029 LEU A N   1 
ATOM   200  C CA  . LEU A 1 29  ? -0.488  0.958   3.199   1.00 7.98   ? 1029 LEU A CA  1 
ATOM   201  C C   . LEU A 1 29  ? -0.773  1.642   1.871   1.00 8.33   ? 1029 LEU A C   1 
ATOM   202  O O   . LEU A 1 29  ? -1.227  2.806   1.858   1.00 9.97   ? 1029 LEU A O   1 
ATOM   203  C CB  . LEU A 1 29  ? -1.826  0.507   3.797   1.00 9.06   ? 1029 LEU A CB  1 
ATOM   204  C CG  . LEU A 1 29  ? -1.789  -0.070  5.207   1.00 10.01  ? 1029 LEU A CG  1 
ATOM   205  C CD1 . LEU A 1 29  ? -3.186  -0.495  5.632   1.00 11.76  ? 1029 LEU A CD1 1 
ATOM   206  C CD2 . LEU A 1 29  ? -0.763  -1.208  5.351   1.00 11.36  ? 1029 LEU A CD2 1 
ATOM   207  N N   . TRP A 1 30  ? -0.538  0.943   0.769   1.00 7.95   ? 1030 TRP A N   1 
ATOM   208  C CA  . TRP A 1 30  ? -0.798  1.484   -0.545  1.00 7.86   ? 1030 TRP A CA  1 
ATOM   209  C C   . TRP A 1 30  ? -1.630  0.473   -1.306  1.00 7.71   ? 1030 TRP A C   1 
ATOM   210  O O   . TRP A 1 30  ? -1.175  -0.633  -1.606  1.00 8.56   ? 1030 TRP A O   1 
ATOM   211  C CB  . TRP A 1 30  ? 0.508   1.771   -1.281  1.00 9.25   ? 1030 TRP A CB  1 
ATOM   212  C CG  . TRP A 1 30  ? 0.365   2.401   -2.635  1.00 8.24   ? 1030 TRP A CG  1 
ATOM   213  C CD1 . TRP A 1 30  ? -0.308  3.548   -2.963  1.00 9.35   ? 1030 TRP A CD1 1 
ATOM   214  C CD2 . TRP A 1 30  ? 0.961   1.961   -3.869  1.00 8.52   ? 1030 TRP A CD2 1 
ATOM   215  N NE1 . TRP A 1 30  ? -0.197  3.837   -4.295  1.00 10.14  ? 1030 TRP A NE1 1 
ATOM   216  C CE2 . TRP A 1 30  ? 0.578   2.878   -4.865  1.00 9.20   ? 1030 TRP A CE2 1 
ATOM   217  C CE3 . TRP A 1 30  ? 1.781   0.865   -4.187  1.00 9.41   ? 1030 TRP A CE3 1 
ATOM   218  C CZ2 . TRP A 1 30  ? 0.999   2.723   -6.194  1.00 10.79  ? 1030 TRP A CZ2 1 
ATOM   219  C CZ3 . TRP A 1 30  ? 2.199   0.718   -5.529  1.00 10.76  ? 1030 TRP A CZ3 1 
ATOM   220  C CH2 . TRP A 1 30  ? 1.792   1.652   -6.480  1.00 11.03  ? 1030 TRP A CH2 1 
ATOM   221  N N   . PHE A 1 31  ? -2.877  0.868   -1.603  1.00 7.42   ? 1031 PHE A N   1 
ATOM   222  C CA  . PHE A 1 31  ? -3.829  -0.006  -2.330  1.00 8.43   ? 1031 PHE A CA  1 
ATOM   223  C C   . PHE A 1 31  ? -3.740  0.289   -3.785  1.00 7.52   ? 1031 PHE A C   1 
ATOM   224  O O   . PHE A 1 31  ? -3.975  1.436   -4.234  1.00 9.39   ? 1031 PHE A O   1 
ATOM   225  C CB  . PHE A 1 31  ? -5.261  0.298   -1.815  1.00 8.64   ? 1031 PHE A CB  1 
ATOM   226  C CG  . PHE A 1 31  ? -5.458  -0.091  -0.367  1.00 8.96   ? 1031 PHE A CG  1 
ATOM   227  C CD1 . PHE A 1 31  ? -5.090  0.756   0.687   1.00 10.32  ? 1031 PHE A CD1 1 
ATOM   228  C CD2 . PHE A 1 31  ? -6.019  -1.337  -0.043  1.00 10.07  ? 1031 PHE A CD2 1 
ATOM   229  C CE1 . PHE A 1 31  ? -5.289  0.367   1.994   1.00 11.52  ? 1031 PHE A CE1 1 
ATOM   230  C CE2 . PHE A 1 31  ? -6.196  -1.721  1.281   1.00 11.00  ? 1031 PHE A CE2 1 
ATOM   231  C CZ  . PHE A 1 31  ? -5.819  -0.884  2.324   1.00 11.91  ? 1031 PHE A CZ  1 
ATOM   232  N N   . TRP A 1 32  ? -3.388  -0.720  -4.570  1.00 7.95   ? 1032 TRP A N   1 
ATOM   233  C CA  . TRP A 1 32  ? -3.114  -0.516  -6.019  1.00 7.71   ? 1032 TRP A CA  1 
ATOM   234  C C   . TRP A 1 32  ? -3.687  -1.654  -6.833  1.00 7.17   ? 1032 TRP A C   1 
ATOM   235  O O   . TRP A 1 32  ? -4.037  -2.739  -6.358  1.00 7.83   ? 1032 TRP A O   1 
ATOM   236  C CB  . TRP A 1 32  ? -1.607  -0.449  -6.193  1.00 8.15   ? 1032 TRP A CB  1 
ATOM   237  C CG  . TRP A 1 32  ? -0.728  -1.587  -5.822  1.00 7.51   ? 1032 TRP A CG  1 
ATOM   238  C CD1 . TRP A 1 32  ? -0.157  -1.785  -4.603  1.00 7.75   ? 1032 TRP A CD1 1 
ATOM   239  C CD2 . TRP A 1 32  ? -0.286  -2.675  -6.649  1.00 8.05   ? 1032 TRP A CD2 1 
ATOM   240  N NE1 . TRP A 1 32  ? 0.620   -2.920  -4.583  1.00 7.99   ? 1032 TRP A NE1 1 
ATOM   241  C CE2 . TRP A 1 32  ? 0.561   -3.477  -5.841  1.00 7.85   ? 1032 TRP A CE2 1 
ATOM   242  C CE3 . TRP A 1 32  ? -0.511  -3.037  -7.976  1.00 9.38   ? 1032 TRP A CE3 1 
ATOM   243  C CZ2 . TRP A 1 32  ? 1.195   -4.630  -6.323  1.00 8.12   ? 1032 TRP A CZ2 1 
ATOM   244  C CZ3 . TRP A 1 32  ? 0.113   -4.178  -8.450  1.00 9.43   ? 1032 TRP A CZ3 1 
ATOM   245  C CH2 . TRP A 1 32  ? 0.946   -4.979  -7.630  1.00 9.19   ? 1032 TRP A CH2 1 
ATOM   246  N N   . THR A 1 33  ? -3.789  -1.360  -8.163  1.00 7.99   ? 1033 THR A N   1 
ATOM   247  C CA  . THR A 1 33  ? -4.022  -2.407  -9.133  1.00 8.39   ? 1033 THR A CA  1 
ATOM   248  C C   . THR A 1 33  ? -3.046  -2.187  -10.281 1.00 7.99   ? 1033 THR A C   1 
ATOM   249  O O   . THR A 1 33  ? -2.684  -1.046  -10.555 1.00 8.94   ? 1033 THR A O   1 
ATOM   250  C CB  . THR A 1 33  ? -5.483  -2.378  -9.673  1.00 9.89   ? 1033 THR A CB  1 
ATOM   251  O OG1 . THR A 1 33  ? -5.712  -1.186  -10.498 1.00 13.74  ? 1033 THR A OG1 1 
ATOM   252  C CG2 . THR A 1 33  ? -6.561  -2.459  -8.650  1.00 14.18  ? 1033 THR A CG2 1 
ATOM   253  N N   . PRO A 1 34  ? -2.570  -3.251  -10.973 1.00 8.50   ? 1034 PRO A N   1 
ATOM   254  C CA  . PRO A 1 34  ? -1.442  -3.050  -11.880 1.00 8.86   ? 1034 PRO A CA  1 
ATOM   255  C C   . PRO A 1 34  ? -1.790  -2.341  -13.167 1.00 8.84   ? 1034 PRO A C   1 
ATOM   256  O O   . PRO A 1 34  ? -0.883  -1.866  -13.872 1.00 9.57   ? 1034 PRO A O   1 
ATOM   257  C CB  . PRO A 1 34  ? -0.947  -4.487  -12.119 1.00 9.74   ? 1034 PRO A CB  1 
ATOM   258  C CG  . PRO A 1 34  ? -2.149  -5.374  -11.835 1.00 9.42   ? 1034 PRO A CG  1 
ATOM   259  C CD  . PRO A 1 34  ? -2.845  -4.638  -10.686 1.00 9.70   ? 1034 PRO A CD  1 
ATOM   260  N N   . TRP A 1 35  ? -3.093  -2.275  -13.502 1.00 9.92   ? 1035 TRP A N   1 
ATOM   261  C CA  . TRP A 1 35  ? -3.502  -1.724  -14.768 1.00 10.53  ? 1035 TRP A CA  1 
ATOM   262  C C   . TRP A 1 35  ? -4.012  -0.322  -14.617 1.00 10.21  ? 1035 TRP A C   1 
ATOM   263  O O   . TRP A 1 35  ? -4.401  0.323   -15.627 1.00 12.59  ? 1035 TRP A O   1 
ATOM   264  C CB  . TRP A 1 35  ? -4.605  -2.640  -15.336 1.00 11.75  ? 1035 TRP A CB  1 
ATOM   265  C CG  . TRP A 1 35  ? -5.598  -3.191  -14.334 1.00 11.71  ? 1035 TRP A CG  1 
ATOM   266  C CD1 . TRP A 1 35  ? -5.566  -4.474  -13.827 1.00 11.58  ? 1035 TRP A CD1 1 
ATOM   267  C CD2 . TRP A 1 35  ? -6.713  -2.562  -13.714 1.00 11.23  ? 1035 TRP A CD2 1 
ATOM   268  N NE1 . TRP A 1 35  ? -6.627  -4.669  -12.930 1.00 12.34  ? 1035 TRP A NE1 1 
ATOM   269  C CE2 . TRP A 1 35  ? -7.330  -3.488  -12.887 1.00 11.82  ? 1035 TRP A CE2 1 
ATOM   270  C CE3 . TRP A 1 35  ? -7.253  -1.264  -13.864 1.00 11.92  ? 1035 TRP A CE3 1 
ATOM   271  C CZ2 . TRP A 1 35  ? -8.474  -3.204  -12.122 1.00 12.45  ? 1035 TRP A CZ2 1 
ATOM   272  C CZ3 . TRP A 1 35  ? -8.386  -0.964  -13.143 1.00 13.74  ? 1035 TRP A CZ3 1 
ATOM   273  C CH2 . TRP A 1 35  ? -8.966  -1.960  -12.307 1.00 12.46  ? 1035 TRP A CH2 1 
ATOM   274  N N   . CYS A 1 36  ? -3.938  0.256   -13.423 1.00 9.75   ? 1036 CYS A N   1 
ATOM   275  C CA  . CYS A 1 36  ? -4.387  1.616   -13.214 1.00 9.77   ? 1036 CYS A CA  1 
ATOM   276  C C   . CYS A 1 36  ? -3.301  2.619   -13.605 1.00 9.48   ? 1036 CYS A C   1 
ATOM   277  O O   . CYS A 1 36  ? -2.152  2.495   -13.098 1.00 9.89   ? 1036 CYS A O   1 
ATOM   278  C CB  . CYS A 1 36  ? -4.777  1.826   -11.743 1.00 10.40  ? 1036 CYS A CB  1 
ATOM   279  S SG  . CYS A 1 36  ? -5.003  3.560   -11.301 1.00 10.20  ? 1036 CYS A SG  1 
ATOM   280  N N   . PRO A 1 37  ? -3.544  3.600   -14.476 1.00 10.18  ? 1037 PRO A N   1 
ATOM   281  C CA  . PRO A 1 37  ? -2.477  4.497   -14.885 1.00 10.67  ? 1037 PRO A CA  1 
ATOM   282  C C   . PRO A 1 37  ? -2.009  5.373   -13.724 1.00 9.99   ? 1037 PRO A C   1 
ATOM   283  O O   . PRO A 1 37  ? -0.848  5.816   -13.742 1.00 10.64  ? 1037 PRO A O   1 
ATOM   284  C CB  . PRO A 1 37  ? -3.097  5.305   -16.012 1.00 11.93  ? 1037 PRO A CB  1 
ATOM   285  C CG  . PRO A 1 37  ? -4.565  5.321   -15.681 1.00 13.41  ? 1037 PRO A CG  1 
ATOM   286  C CD  . PRO A 1 37  ? -4.826  3.933   -15.106 1.00 11.02  ? 1037 PRO A CD  1 
ATOM   287  N N   . PHE A 1 38  ? -2.864  5.671   -12.774 1.00 9.72   ? 1038 PHE A N   1 
ATOM   288  C CA  . PHE A 1 38  ? -2.469  6.484   -11.631 1.00 9.77   ? 1038 PHE A CA  1 
ATOM   289  C C   . PHE A 1 38  ? -1.543  5.670   -10.749 1.00 9.26   ? 1038 PHE A C   1 
ATOM   290  O O   . PHE A 1 38  ? -0.526  6.184   -10.277 1.00 10.11  ? 1038 PHE A O   1 
ATOM   291  C CB  . PHE A 1 38  ? -3.689  6.991   -10.874 1.00 11.05  ? 1038 PHE A CB  1 
ATOM   292  C CG  . PHE A 1 38  ? -4.598  7.836   -11.740 1.00 11.46  ? 1038 PHE A CG  1 
ATOM   293  C CD1 . PHE A 1 38  ? -4.351  9.185   -11.886 1.00 12.95  ? 1038 PHE A CD1 1 
ATOM   294  C CD2 . PHE A 1 38  ? -5.711  7.245   -12.408 1.00 12.36  ? 1038 PHE A CD2 1 
ATOM   295  C CE1 . PHE A 1 38  ? -5.192  9.987   -12.674 1.00 15.67  ? 1038 PHE A CE1 1 
ATOM   296  C CE2 . PHE A 1 38  ? -6.522  8.044   -13.192 1.00 15.22  ? 1038 PHE A CE2 1 
ATOM   297  C CZ  . PHE A 1 38  ? -6.246  9.396   -13.336 1.00 15.11  ? 1038 PHE A CZ  1 
ATOM   298  N N   . CYS A 1 39  ? -1.841  4.384   -10.535 1.00 9.15   ? 1039 CYS A N   1 
ATOM   299  C CA  . CYS A 1 39  ? -0.970  3.523   -9.780  1.00 9.18   ? 1039 CYS A CA  1 
ATOM   300  C C   . CYS A 1 39  ? 0.383   3.390   -10.479 1.00 8.06   ? 1039 CYS A C   1 
ATOM   301  O O   . CYS A 1 39  ? 1.434   3.408   -9.819  1.00 8.66   ? 1039 CYS A O   1 
ATOM   302  C CB  . CYS A 1 39  ? -1.596  2.153   -9.578  1.00 8.88   ? 1039 CYS A CB  1 
ATOM   303  S SG  . CYS A 1 39  ? -3.059  2.134   -8.506  1.00 9.68   ? 1039 CYS A SG  1 
ATOM   304  N N   . ASN A 1 40  ? 0.352   3.263   -11.780 1.00 8.75   ? 1040 ASN A N   1 
ATOM   305  C CA  . ASN A 1 40  ? 1.585   3.157   -12.540 1.00 8.74   ? 1040 ASN A CA  1 
ATOM   306  C C   . ASN A 1 40  ? 2.397   4.435   -12.407 1.00 8.44   ? 1040 ASN A C   1 
ATOM   307  O O   . ASN A 1 40  ? 3.627   4.375   -12.289 1.00 9.92   ? 1040 ASN A O   1 
ATOM   308  C CB  . ASN A 1 40  ? 1.311   2.915   -14.036 1.00 9.52   ? 1040 ASN A CB  1 
ATOM   309  C CG  . ASN A 1 40  ? 1.032   1.448   -14.287 1.00 9.75   ? 1040 ASN A CG  1 
ATOM   310  O OD1 . ASN A 1 40  ? -0.130  0.944   -14.088 1.00 12.37  ? 1040 ASN A OD1 1 
ATOM   311  N ND2 . ASN A 1 40  ? 2.036   0.762   -14.726 1.00 8.86   ? 1040 ASN A ND2 1 
ATOM   312  N N   . ALA A 1 41  ? 1.760   5.624   -12.409 1.00 9.74   ? 1041 ALA A N   1 
ATOM   313  C CA  . ALA A 1 41  ? 2.466   6.899   -12.233 1.00 10.25  ? 1041 ALA A CA  1 
ATOM   314  C C   . ALA A 1 41  ? 3.050   7.009   -10.856 1.00 9.92   ? 1041 ALA A C   1 
ATOM   315  O O   . ALA A 1 41  ? 4.142   7.568   -10.690 1.00 13.26  ? 1041 ALA A O   1 
ATOM   316  C CB  . ALA A 1 41  ? 1.529   8.038   -12.538 1.00 11.61  ? 1041 ALA A CB  1 
ATOM   317  N N   . GLU A 1 42  ? 2.388   6.551   -9.837  1.00 9.51   ? 1042 GLU A N   1 
ATOM   318  C CA  . GLU A 1 42  ? 2.880   6.612   -8.461  1.00 9.79   ? 1042 GLU A CA  1 
ATOM   319  C C   . GLU A 1 42  ? 3.937   5.587   -8.139  1.00 8.96   ? 1042 GLU A C   1 
ATOM   320  O O   . GLU A 1 42  ? 4.772   5.851   -7.244  1.00 10.23  ? 1042 GLU A O   1 
ATOM   321  C CB  . GLU A 1 42  ? 1.720   6.377   -7.483  1.00 10.17  ? 1042 GLU A CB  1 
ATOM   322  C CG  . GLU A 1 42  ? 0.751   7.557   -7.450  1.00 10.65  ? 1042 GLU A CG  1 
ATOM   323  C CD  . GLU A 1 42  ? -0.371  7.369   -6.475  1.00 10.42  ? 1042 GLU A CD  1 
ATOM   324  O OE1 . GLU A 1 42  ? -0.538  6.285   -5.915  1.00 13.54  ? 1042 GLU A OE1 1 
ATOM   325  O OE2 . GLU A 1 42  ? -1.106  8.394   -6.276  1.00 12.57  ? 1042 GLU A OE2 1 
ATOM   326  N N   . ALA A 1 43  ? 3.980   4.449   -8.806  1.00 8.55   ? 1043 ALA A N   1 
ATOM   327  C CA  . ALA A 1 43  ? 4.831   3.341   -8.415  1.00 8.60   ? 1043 ALA A CA  1 
ATOM   328  C C   . ALA A 1 43  ? 6.314   3.742   -8.324  1.00 8.75   ? 1043 ALA A C   1 
ATOM   329  O O   . ALA A 1 43  ? 6.953   3.328   -7.337  1.00 9.11   ? 1043 ALA A O   1 
ATOM   330  C CB  . ALA A 1 43  ? 4.680   2.169   -9.346  1.00 8.97   ? 1043 ALA A CB  1 
ATOM   331  N N   . PRO A 1 44  ? 6.906   4.497   -9.246  1.00 9.14   ? 1044 PRO A N   1 
ATOM   332  C CA  . PRO A 1 44  ? 8.324   4.871   -9.063  1.00 9.96   ? 1044 PRO A CA  1 
ATOM   333  C C   . PRO A 1 44  ? 8.569   5.662   -7.781  1.00 9.58   ? 1044 PRO A C   1 
ATOM   334  O O   . PRO A 1 44  ? 9.591   5.537   -7.128  1.00 10.16  ? 1044 PRO A O   1 
ATOM   335  C CB  . PRO A 1 44  ? 8.623   5.724   -10.305 1.00 11.26  ? 1044 PRO A CB  1 
ATOM   336  C CG  . PRO A 1 44  ? 7.612   5.295   -11.345 1.00 12.55  ? 1044 PRO A CG  1 
ATOM   337  C CD  . PRO A 1 44  ? 6.371   4.958   -10.541 1.00 10.00  ? 1044 PRO A CD  1 
ATOM   338  N N   . SER A 1 45  ? 7.573   6.511   -7.418  1.00 10.03  ? 1045 SER A N   1 
ATOM   339  C CA  . SER A 1 45  ? 7.675   7.272   -6.187  1.00 10.28  ? 1045 SER A CA  1 
ATOM   340  C C   . SER A 1 45  ? 7.588   6.393   -4.976  1.00 9.44   ? 1045 SER A C   1 
ATOM   341  O O   . SER A 1 45  ? 8.322   6.591   -3.996  1.00 10.89  ? 1045 SER A O   1 
ATOM   342  C CB  . SER A 1 45  ? 6.551   8.323   -6.150  1.00 12.78  ? 1045 SER A CB  1 
ATOM   343  O OG  . SER A 1 45  ? 6.805   9.240   -7.226  1.00 13.41  ? 1045 SER A OG  1 
ATOM   344  N N   . LEU A 1 46  ? 6.687   5.418   -4.940  1.00 9.32   ? 1046 LEU A N   1 
ATOM   345  C CA  . LEU A 1 46  ? 6.656   4.407   -3.841  1.00 9.55   ? 1046 LEU A CA  1 
ATOM   346  C C   . LEU A 1 46  ? 8.000   3.736   -3.744  1.00 8.51   ? 1046 LEU A C   1 
ATOM   347  O O   . LEU A 1 46  ? 8.537   3.571   -2.646  1.00 9.23   ? 1046 LEU A O   1 
ATOM   348  C CB  . LEU A 1 46  ? 5.598   3.312   -4.063  1.00 10.79  ? 1046 LEU A CB  1 
ATOM   349  C CG  . LEU A 1 46  ? 4.182   3.565   -3.566  1.00 10.49  ? 1046 LEU A CG  1 
ATOM   350  C CD1 . LEU A 1 46  ? 4.115   3.646   -2.021  1.00 12.14  ? 1046 LEU A CD1 1 
ATOM   351  C CD2 . LEU A 1 46  ? 3.557   4.807   -4.178  1.00 11.57  ? 1046 LEU A CD2 1 
ATOM   352  N N   . SER A 1 47  ? 8.570   3.328   -4.892  1.00 8.80   ? 1047 SER A N   1 
ATOM   353  C CA  . SER A 1 47  ? 9.835   2.583   -4.822  1.00 8.97   ? 1047 SER A CA  1 
ATOM   354  C C   . SER A 1 47  ? 10.938  3.412   -4.185  1.00 8.61   ? 1047 SER A C   1 
ATOM   355  O O   . SER A 1 47  ? 11.657  2.961   -3.285  1.00 9.09   ? 1047 SER A O   1 
ATOM   356  C CB  . SER A 1 47  ? 10.259  2.259   -6.267  1.00 9.55   ? 1047 SER A CB  1 
ATOM   357  O OG  . SER A 1 47  ? 11.503  1.574   -6.211  1.00 9.76   ? 1047 SER A OG  1 
ATOM   358  N N   . GLN A 1 48  ? 11.034  4.657   -4.596  1.00 8.90   ? 1048 GLN A N   1 
ATOM   359  C CA  . GLN A 1 48  ? 12.100  5.560   -4.110  1.00 8.94   ? 1048 GLN A CA  1 
ATOM   360  C C   . GLN A 1 48  ? 11.855  5.968   -2.672  1.00 8.88   ? 1048 GLN A C   1 
ATOM   361  O O   . GLN A 1 48  ? 12.771  5.973   -1.852  1.00 10.84  ? 1048 GLN A O   1 
ATOM   362  C CB  . GLN A 1 48  ? 12.155  6.789   -5.033  1.00 10.14  ? 1048 GLN A CB  1 
ATOM   363  C CG  . GLN A 1 48  ? 12.778  6.472   -6.401  1.00 9.64   ? 1048 GLN A CG  1 
ATOM   364  C CD  . GLN A 1 48  ? 14.220  6.074   -6.277  1.00 10.52  ? 1048 GLN A CD  1 
ATOM   365  O OE1 . GLN A 1 48  ? 14.633  4.937   -6.674  1.00 12.31  ? 1048 GLN A OE1 1 
ATOM   366  N NE2 . GLN A 1 48  ? 15.040  6.953   -5.742  1.00 9.49   ? 1048 GLN A NE2 1 
ATOM   367  N N   . VAL A 1 49  ? 10.640  6.367   -2.327  1.00 9.40   ? 1049 VAL A N   1 
ATOM   368  C CA  . VAL A 1 49  ? 10.358  6.824   -0.966  1.00 9.46   ? 1049 VAL A CA  1 
ATOM   369  C C   . VAL A 1 49  ? 10.502  5.679   0.032   1.00 9.34   ? 1049 VAL A C   1 
ATOM   370  O O   . VAL A 1 49  ? 11.062  5.870   1.116   1.00 10.39  ? 1049 VAL A O   1 
ATOM   371  C CB  . VAL A 1 49  ? 9.040   7.571   -0.881  1.00 9.86   ? 1049 VAL A CB  1 
ATOM   372  C CG1 . VAL A 1 49  ? 8.760   7.995   0.578   1.00 12.84  ? 1049 VAL A CG1 1 
ATOM   373  C CG2 . VAL A 1 49  ? 9.037   8.802   -1.780  1.00 11.17  ? 1049 VAL A CG2 1 
ATOM   374  N N   . ALA A 1 50  ? 10.061  4.481   -0.311  1.00 8.54   ? 1050 ALA A N   1 
ATOM   375  C CA  . ALA A 1 50  ? 10.214  3.323   0.582   1.00 8.88   ? 1050 ALA A CA  1 
ATOM   376  C C   . ALA A 1 50  ? 11.710  3.093   0.792   1.00 9.10   ? 1050 ALA A C   1 
ATOM   377  O O   . ALA A 1 50  ? 12.163  2.853   1.910   1.00 10.75  ? 1050 ALA A O   1 
ATOM   378  C CB  . ALA A 1 50  ? 9.530   2.098   0.020   1.00 9.26   ? 1050 ALA A CB  1 
ATOM   379  N N   . ALA A 1 51  ? 12.507  3.147   -0.284  1.00 9.23   ? 1051 ALA A N   1 
ATOM   380  C CA  . ALA A 1 51  ? 13.940  2.845   -0.185  1.00 9.67   ? 1051 ALA A CA  1 
ATOM   381  C C   . ALA A 1 51  ? 14.624  3.848   0.724   1.00 9.37   ? 1051 ALA A C   1 
ATOM   382  O O   . ALA A 1 51  ? 15.529  3.501   1.486   1.00 11.59  ? 1051 ALA A O   1 
ATOM   383  C CB  . ALA A 1 51  ? 14.603  2.821   -1.543  1.00 11.17  ? 1051 ALA A CB  1 
ATOM   384  N N   . ALA A 1 52  ? 14.208  5.102   0.626   1.00 9.44   ? 1052 ALA A N   1 
ATOM   385  C CA  . ALA A 1 52  ? 14.830  6.197   1.387   1.00 11.22  ? 1052 ALA A CA  1 
ATOM   386  C C   . ALA A 1 52  ? 14.372  6.258   2.817   1.00 11.19  ? 1052 ALA A C   1 
ATOM   387  O O   . ALA A 1 52  ? 14.971  7.043   3.572   1.00 13.76  ? 1052 ALA A O   1 
ATOM   388  C CB  . ALA A 1 52  ? 14.578  7.536   0.662   1.00 12.08  ? 1052 ALA A CB  1 
ATOM   389  N N   . ASN A 1 53  ? 13.363  5.513   3.221   1.00 10.61  ? 1053 ASN A N   1 
ATOM   390  C CA  . ASN A 1 53  ? 12.767  5.635   4.542   1.00 12.05  ? 1053 ASN A CA  1 
ATOM   391  C C   . ASN A 1 53  ? 12.624  4.251   5.167   1.00 13.10  ? 1053 ASN A C   1 
ATOM   392  O O   . ASN A 1 53  ? 11.503  3.831   5.437   1.00 12.85  ? 1053 ASN A O   1 
ATOM   393  C CB  . ASN A 1 53  ? 11.403  6.338   4.485   1.00 13.19  ? 1053 ASN A CB  1 
ATOM   394  C CG  . ASN A 1 53  ? 11.575  7.791   4.010   1.00 13.39  ? 1053 ASN A CG  1 
ATOM   395  O OD1 . ASN A 1 53  ? 11.532  8.054   2.774   1.00 14.58  ? 1053 ASN A OD1 1 
ATOM   396  N ND2 . ASN A 1 53  ? 11.758  8.699   4.916   1.00 18.19  ? 1053 ASN A ND2 1 
ATOM   397  N N   . PRO A 1 54  ? 13.734  3.522   5.385   1.00 14.70  ? 1054 PRO A N   1 
ATOM   398  C CA  . PRO A 1 54  ? 13.655  2.112   5.776   1.00 15.40  ? 1054 PRO A CA  1 
ATOM   399  C C   . PRO A 1 54  ? 13.020  1.860   7.130   1.00 16.30  ? 1054 PRO A C   1 
ATOM   400  O O   . PRO A 1 54  ? 12.558  0.735   7.427   1.00 21.49  ? 1054 PRO A O   1 
ATOM   401  C CB  . PRO A 1 54  ? 15.100  1.604   5.735   1.00 18.12  ? 1054 PRO A CB  1 
ATOM   402  C CG  . PRO A 1 54  ? 15.875  2.874   5.934   1.00 20.86  ? 1054 PRO A CG  1 
ATOM   403  C CD  . PRO A 1 54  ? 15.134  3.956   5.149   1.00 16.00  ? 1054 PRO A CD  1 
ATOM   404  N N   . ALA A 1 55  ? 12.977  2.889   8.001   1.00 17.34  ? 1055 ALA A N   1 
ATOM   405  C CA  . ALA A 1 55  ? 12.336  2.636   9.287   1.00 17.11  ? 1055 ALA A CA  1 
ATOM   406  C C   . ALA A 1 55  ? 10.815  2.807   9.198   1.00 15.89  ? 1055 ALA A C   1 
ATOM   407  O O   . ALA A 1 55  ? 10.149  2.612   10.246  1.00 18.61  ? 1055 ALA A O   1 
ATOM   408  C CB  . ALA A 1 55  ? 13.012  3.514   10.301  1.00 22.00  ? 1055 ALA A CB  1 
ATOM   409  N N   . VAL A 1 56  ? 10.244  3.176   8.061   1.00 13.06  ? 1056 VAL A N   1 
ATOM   410  C CA  . VAL A 1 56  ? 8.791   3.171   7.812   1.00 11.10  ? 1056 VAL A CA  1 
ATOM   411  C C   . VAL A 1 56  ? 8.528   1.892   7.009   1.00 9.70   ? 1056 VAL A C   1 
ATOM   412  O O   . VAL A 1 56  ? 9.235   1.573   6.033   1.00 11.52  ? 1056 VAL A O   1 
ATOM   413  C CB  . VAL A 1 56  ? 8.367   4.406   7.010   1.00 11.83  ? 1056 VAL A CB  1 
ATOM   414  C CG1 . VAL A 1 56  ? 6.902   4.408   6.651   1.00 11.85  ? 1056 VAL A CG1 1 
ATOM   415  C CG2 . VAL A 1 56  ? 8.687   5.674   7.839   1.00 14.90  ? 1056 VAL A CG2 1 
ATOM   416  N N   . THR A 1 57  ? 7.531   1.117   7.441   1.00 8.98   ? 1057 THR A N   1 
ATOM   417  C CA  . THR A 1 57  ? 7.238   -0.146  6.776   1.00 9.82   ? 1057 THR A CA  1 
ATOM   418  C C   . THR A 1 57  ? 6.101   0.037   5.750   1.00 8.51   ? 1057 THR A C   1 
ATOM   419  O O   . THR A 1 57  ? 5.018   0.453   6.110   1.00 9.75   ? 1057 THR A O   1 
ATOM   420  C CB  . THR A 1 57  ? 6.827   -1.190  7.823   1.00 10.54  ? 1057 THR A CB  1 
ATOM   421  O OG1 . THR A 1 57  ? 7.907   -1.293  8.790   1.00 11.86  ? 1057 THR A OG1 1 
ATOM   422  C CG2 . THR A 1 57  ? 6.648   -2.556  7.190   1.00 11.58  ? 1057 THR A CG2 1 
ATOM   423  N N   . PHE A 1 58  ? 6.438   -0.213  4.510   1.00 8.49   ? 1058 PHE A N   1 
ATOM   424  C CA  . PHE A 1 58  ? 5.482   -0.046  3.415   1.00 8.72   ? 1058 PHE A CA  1 
ATOM   425  C C   . PHE A 1 58  ? 4.895   -1.405  3.066   1.00 8.66   ? 1058 PHE A C   1 
ATOM   426  O O   . PHE A 1 58  ? 5.615   -2.395  2.931   1.00 9.54   ? 1058 PHE A O   1 
ATOM   427  C CB  . PHE A 1 58  ? 6.190   0.497   2.147   1.00 9.07   ? 1058 PHE A CB  1 
ATOM   428  C CG  . PHE A 1 58  ? 6.545   1.973   2.243   1.00 9.84   ? 1058 PHE A CG  1 
ATOM   429  C CD1 . PHE A 1 58  ? 7.561   2.393   3.110   1.00 10.91  ? 1058 PHE A CD1 1 
ATOM   430  C CD2 . PHE A 1 58  ? 5.865   2.904   1.472   1.00 12.20  ? 1058 PHE A CD2 1 
ATOM   431  C CE1 . PHE A 1 58  ? 7.879   3.747   3.185   1.00 11.93  ? 1058 PHE A CE1 1 
ATOM   432  C CE2 . PHE A 1 58  ? 6.182   4.265   1.527   1.00 15.54  ? 1058 PHE A CE2 1 
ATOM   433  C CZ  . PHE A 1 58  ? 7.189   4.634   2.388   1.00 13.65  ? 1058 PHE A CZ  1 
ATOM   434  N N   . VAL A 1 59  ? 3.564   -1.430  2.865   1.00 8.62   ? 1059 VAL A N   1 
ATOM   435  C CA  . VAL A 1 59  ? 2.875   -2.625  2.424   1.00 8.17   ? 1059 VAL A CA  1 
ATOM   436  C C   . VAL A 1 59  ? 1.937   -2.221  1.325   1.00 7.46   ? 1059 VAL A C   1 
ATOM   437  O O   . VAL A 1 59  ? 1.023   -1.434  1.507   1.00 8.85   ? 1059 VAL A O   1 
ATOM   438  C CB  . VAL A 1 59  ? 2.117   -3.291  3.571   1.00 8.80   ? 1059 VAL A CB  1 
ATOM   439  C CG1 . VAL A 1 59  ? 1.391   -4.555  3.101   1.00 10.24  ? 1059 VAL A CG1 1 
ATOM   440  C CG2 . VAL A 1 59  ? 3.072   -3.604  4.725   1.00 10.77  ? 1059 VAL A CG2 1 
ATOM   441  N N   . GLY A 1 60  ? 2.179   -2.823  0.151   1.00 7.86   ? 1060 GLY A N   1 
ATOM   442  C CA  . GLY A 1 60  ? 1.233   -2.660  -0.970  1.00 7.96   ? 1060 GLY A CA  1 
ATOM   443  C C   . GLY A 1 60  ? 0.158   -3.736  -0.871  1.00 7.81   ? 1060 GLY A C   1 
ATOM   444  O O   . GLY A 1 60  ? 0.431   -4.857  -0.429  1.00 8.57   ? 1060 GLY A O   1 
ATOM   445  N N   . ILE A 1 61  ? -1.049  -3.414  -1.312  1.00 7.87   ? 1061 ILE A N   1 
ATOM   446  C CA  . ILE A 1 61  ? -2.168  -4.335  -1.219  1.00 7.91   ? 1061 ILE A CA  1 
ATOM   447  C C   . ILE A 1 61  ? -2.860  -4.267  -2.590  1.00 7.48   ? 1061 ILE A C   1 
ATOM   448  O O   . ILE A 1 61  ? -3.457  -3.240  -2.949  1.00 8.89   ? 1061 ILE A O   1 
ATOM   449  C CB  . ILE A 1 61  ? -3.131  -3.997  -0.065  1.00 9.89   ? 1061 ILE A CB  1 
ATOM   450  C CG1 . ILE A 1 61  ? -2.357  -3.906  1.270   1.00 11.66  ? 1061 ILE A CG1 1 
ATOM   451  C CG2 . ILE A 1 61  ? -4.240  -5.021  -0.021  1.00 13.42  ? 1061 ILE A CG2 1 
ATOM   452  C CD1 . ILE A 1 61  ? -3.098  -3.463  2.481   1.00 21.34  ? 1061 ILE A CD1 1 
ATOM   453  N N   . ALA A 1 62  ? -2.728  -5.347  -3.357  1.00 7.78   ? 1062 ALA A N   1 
ATOM   454  C CA  . ALA A 1 62  ? -3.222  -5.339  -4.746  1.00 8.28   ? 1062 ALA A CA  1 
ATOM   455  C C   . ALA A 1 62  ? -4.466  -6.207  -4.827  1.00 8.58   ? 1062 ALA A C   1 
ATOM   456  O O   . ALA A 1 62  ? -4.636  -7.210  -4.115  1.00 8.93   ? 1062 ALA A O   1 
ATOM   457  C CB  . ALA A 1 62  ? -2.148  -5.933  -5.673  1.00 10.04  ? 1062 ALA A CB  1 
ATOM   458  N N   . THR A 1 63  ? -5.357  -5.848  -5.761  1.00 9.43   ? 1063 THR A N   1 
ATOM   459  C CA  . THR A 1 63  ? -6.535  -6.685  -6.016  1.00 9.43   ? 1063 THR A CA  1 
ATOM   460  C C   . THR A 1 63  ? -6.956  -6.453  -7.486  1.00 9.76   ? 1063 THR A C   1 
ATOM   461  O O   . THR A 1 63  ? -6.386  -5.647  -8.209  1.00 10.81  ? 1063 THR A O   1 
ATOM   462  C CB  . THR A 1 63  ? -7.652  -6.370  -5.039  1.00 11.54  ? 1063 THR A CB  1 
ATOM   463  O OG1 . THR A 1 63  ? -8.680  -7.424  -5.131  1.00 12.82  ? 1063 THR A OG1 1 
ATOM   464  C CG2 . THR A 1 63  ? -8.323  -5.033  -5.279  1.00 14.32  ? 1063 THR A CG2 1 
ATOM   465  N N   . ARG A 1 64  ? -7.954  -7.212  -7.883  1.00 10.67  ? 1064 ARG A N   1 
ATOM   466  C CA  . ARG A 1 64  ? -8.585  -7.081  -9.234  1.00 11.32  ? 1064 ARG A CA  1 
ATOM   467  C C   . ARG A 1 64  ? -7.586  -7.386  -10.329 1.00 10.32  ? 1064 ARG A C   1 
ATOM   468  O O   . ARG A 1 64  ? -7.667  -6.791  -11.419 1.00 10.93  ? 1064 ARG A O   1 
ATOM   469  C CB  . ARG A 1 64  ? -9.232  -5.723  -9.421  1.00 11.64  ? 1064 ARG A CB  1 
ATOM   470  C CG  . ARG A 1 64  ? -10.476 -5.576  -8.527  1.00 18.32  ? 1064 ARG A CG  1 
ATOM   471  C CD  . ARG A 1 64  ? -11.211 -4.392  -9.024  1.00 21.86  ? 1064 ARG A CD  1 
ATOM   472  N NE  . ARG A 1 64  ? -12.018 -4.594  -10.152 1.00 20.22  ? 1064 ARG A NE  1 
ATOM   473  C CZ  . ARG A 1 64  ? -12.615 -3.593  -10.809 1.00 21.52  ? 1064 ARG A CZ  1 
ATOM   474  N NH1 . ARG A 1 64  ? -12.435 -2.355  -10.460 1.00 21.45  ? 1064 ARG A NH1 1 
ATOM   475  N NH2 . ARG A 1 64  ? -13.367 -3.809  -11.826 1.00 21.90  ? 1064 ARG A NH2 1 
ATOM   476  N N   . ALA A 1 65  ? -6.693  -8.338  -10.104 1.00 10.25  ? 1065 ALA A N   1 
ATOM   477  C CA  . ALA A 1 65  ? -5.761  -8.719  -11.174 1.00 10.52  ? 1065 ALA A CA  1 
ATOM   478  C C   . ALA A 1 65  ? -5.212  -10.101 -10.875 1.00 10.73  ? 1065 ALA A C   1 
ATOM   479  O O   . ALA A 1 65  ? -5.215  -10.534 -9.710  1.00 11.95  ? 1065 ALA A O   1 
ATOM   480  C CB  . ALA A 1 65  ? -4.609  -7.714  -11.319 1.00 12.73  ? 1065 ALA A CB  1 
ATOM   481  N N   . ASP A 1 66  ? -4.678  -10.763 -11.907 1.00 12.35  ? 1066 ASP A N   1 
ATOM   482  C CA  . ASP A 1 66  ? -4.022  -12.030 -11.636 1.00 13.97  ? 1066 ASP A CA  1 
ATOM   483  C C   . ASP A 1 66  ? -2.645  -11.795 -11.023 1.00 11.47  ? 1066 ASP A C   1 
ATOM   484  O O   . ASP A 1 66  ? -2.028  -10.719 -11.130 1.00 11.36  ? 1066 ASP A O   1 
ATOM   485  C CB  . ASP A 1 66  ? -3.870  -12.866 -12.906 1.00 19.81  ? 1066 ASP A CB  1 
ATOM   486  C CG  . ASP A 1 66  ? -3.156  -12.073 -13.964 1.00 25.12  ? 1066 ASP A CG  1 
ATOM   487  O OD1 . ASP A 1 66  ? -1.941  -12.156 -14.081 1.00 27.24  ? 1066 ASP A OD1 1 
ATOM   488  O OD2 . ASP A 1 66  ? -3.817  -11.280 -14.675 1.00 38.81  ? 1066 ASP A OD2 1 
ATOM   489  N N   . VAL A 1 67  ? -2.160  -12.841 -10.342 1.00 12.28  ? 1067 VAL A N   1 
ATOM   490  C CA  . VAL A 1 67  ? -0.924  -12.650 -9.572  1.00 12.53  ? 1067 VAL A CA  1 
ATOM   491  C C   . VAL A 1 67  ? 0.239   -12.358 -10.483 1.00 12.51  ? 1067 VAL A C   1 
ATOM   492  O O   . VAL A 1 67  ? 1.117   -11.558 -10.127 1.00 12.20  ? 1067 VAL A O   1 
ATOM   493  C CB  . VAL A 1 67  ? -0.656  -13.878 -8.692  1.00 17.25  ? 1067 VAL A CB  1 
ATOM   494  C CG1 . VAL A 1 67  ? 0.581   -13.602 -7.802  1.00 32.81  ? 1067 VAL A CG1 1 
ATOM   495  C CG2 . VAL A 1 67  ? -1.789  -14.249 -7.803  1.00 23.99  ? 1067 VAL A CG2 1 
ATOM   496  N N   . GLY A 1 68  ? 0.330   -12.957 -11.655 1.00 13.67  ? 1068 GLY A N   1 
ATOM   497  C CA  . GLY A 1 68  ? 1.415   -12.641 -12.550 1.00 15.41  ? 1068 GLY A CA  1 
ATOM   498  C C   . GLY A 1 68  ? 1.467   -11.177 -12.942 1.00 11.89  ? 1068 GLY A C   1 
ATOM   499  O O   . GLY A 1 68  ? 2.548   -10.590 -13.080 1.00 12.47  ? 1068 GLY A O   1 
ATOM   500  N N   . ALA A 1 69  ? 0.280   -10.565 -13.157 1.00 12.51  ? 1069 ALA A N   1 
ATOM   501  C CA  . ALA A 1 69  ? 0.216   -9.144  -13.518 1.00 11.35  ? 1069 ALA A CA  1 
ATOM   502  C C   . ALA A 1 69  ? 0.662   -8.301  -12.333 1.00 9.62   ? 1069 ALA A C   1 
ATOM   503  O O   . ALA A 1 69  ? 1.348   -7.265  -12.500 1.00 10.03  ? 1069 ALA A O   1 
ATOM   504  C CB  . ALA A 1 69  ? -1.203  -8.773  -13.969 1.00 14.30  ? 1069 ALA A CB  1 
ATOM   505  N N   . MET A 1 70  ? 0.266   -8.716  -11.154 1.00 9.39   ? 1070 MET A N   1 
ATOM   506  C CA  . MET A 1 70  ? 0.741   -8.017  -9.932  1.00 8.37   ? 1070 MET A CA  1 
ATOM   507  C C   . MET A 1 70  ? 2.231   -8.081  -9.837  1.00 8.28   ? 1070 MET A C   1 
ATOM   508  O O   . MET A 1 70  ? 2.914   -7.089  -9.565  1.00 8.42   ? 1070 MET A O   1 
ATOM   509  C CB  . MET A 1 70  ? 0.082   -8.603  -8.683  1.00 8.96   ? 1070 MET A CB  1 
ATOM   510  C CG  . MET A 1 70  ? -1.432  -8.424  -8.631  1.00 9.52   ? 1070 MET A CG  1 
ATOM   511  S SD  . MET A 1 70  ? -2.085  -9.366  -7.220  1.00 9.91   ? 1070 MET A SD  1 
ATOM   512  C CE  . MET A 1 70  ? -3.787  -8.858  -7.239  1.00 10.32  ? 1070 MET A CE  1 
ATOM   513  N N   . GLN A 1 71  ? 2.784   -9.279  -10.058 1.00 8.76   ? 1071 GLN A N   1 
ATOM   514  C CA  . GLN A 1 71  ? 4.247   -9.450  -9.962  1.00 8.64   ? 1071 GLN A CA  1 
ATOM   515  C C   . GLN A 1 71  ? 4.975   -8.641  -11.028 1.00 8.69   ? 1071 GLN A C   1 
ATOM   516  O O   . GLN A 1 71  ? 6.015   -8.063  -10.781 1.00 9.27   ? 1071 GLN A O   1 
ATOM   517  C CB  . GLN A 1 71  ? 4.591   -10.936 -10.150 1.00 10.05  ? 1071 GLN A CB  1 
ATOM   518  C CG  . GLN A 1 71  ? 4.133   -11.721 -8.937  1.00 9.84   ? 1071 GLN A CG  1 
ATOM   519  C CD  . GLN A 1 71  ? 4.368   -13.208 -9.087  1.00 9.76   ? 1071 GLN A CD  1 
ATOM   520  O OE1 . GLN A 1 71  ? 4.606   -13.741 -10.193 1.00 11.33  ? 1071 GLN A OE1 1 
ATOM   521  N NE2 . GLN A 1 71  ? 4.356   -13.902 -7.975  1.00 12.21  ? 1071 GLN A NE2 1 
ATOM   522  N N   . SER A 1 72  ? 4.432   -8.598  -12.269 1.00 8.73   ? 1072 SER A N   1 
ATOM   523  C CA  . SER A 1 72  ? 5.111   -7.789  -13.289 1.00 9.43   ? 1072 SER A CA  1 
ATOM   524  C C   . SER A 1 72  ? 5.207   -6.353  -12.882 1.00 8.77   ? 1072 SER A C   1 
ATOM   525  O O   . SER A 1 72  ? 6.200   -5.682  -13.218 1.00 9.38   ? 1072 SER A O   1 
ATOM   526  C CB  . SER A 1 72  ? 4.310   -7.907  -14.594 1.00 11.36  ? 1072 SER A CB  1 
ATOM   527  O OG  . SER A 1 72  ? 4.482   -9.174  -15.158 1.00 14.46  ? 1072 SER A OG  1 
ATOM   528  N N   . PHE A 1 73  ? 4.149   -5.821  -12.244 1.00 8.44   ? 1073 PHE A N   1 
ATOM   529  C CA  . PHE A 1 73  ? 4.143   -4.429  -11.817 1.00 8.13   ? 1073 PHE A CA  1 
ATOM   530  C C   . PHE A 1 73  ? 5.197   -4.162  -10.731 1.00 7.64   ? 1073 PHE A C   1 
ATOM   531  O O   . PHE A 1 73  ? 5.970   -3.224  -10.825 1.00 8.77   ? 1073 PHE A O   1 
ATOM   532  C CB  . PHE A 1 73  ? 2.731   -4.146  -11.341 1.00 8.54   ? 1073 PHE A CB  1 
ATOM   533  C CG  . PHE A 1 73  ? 2.444   -2.771  -10.840 1.00 8.30   ? 1073 PHE A CG  1 
ATOM   534  C CD1 . PHE A 1 73  ? 2.682   -2.407  -9.511  1.00 9.50   ? 1073 PHE A CD1 1 
ATOM   535  C CD2 . PHE A 1 73  ? 1.883   -1.784  -11.675 1.00 8.90   ? 1073 PHE A CD2 1 
ATOM   536  C CE1 . PHE A 1 73  ? 2.312   -1.142  -9.060  1.00 9.82   ? 1073 PHE A CE1 1 
ATOM   537  C CE2 . PHE A 1 73  ? 1.549   -0.523  -11.201 1.00 9.34   ? 1073 PHE A CE2 1 
ATOM   538  C CZ  . PHE A 1 73  ? 1.753   -0.187  -9.865  1.00 9.79   ? 1073 PHE A CZ  1 
ATOM   539  N N   . VAL A 1 74  ? 5.254   -5.058  -9.727  1.00 8.27   ? 1074 VAL A N   1 
ATOM   540  C CA  . VAL A 1 74  ? 6.255   -4.925  -8.691  1.00 8.60   ? 1074 VAL A CA  1 
ATOM   541  C C   . VAL A 1 74  ? 7.647   -4.975  -9.287  1.00 8.96   ? 1074 VAL A C   1 
ATOM   542  O O   . VAL A 1 74  ? 8.538   -4.196  -8.862  1.00 9.36   ? 1074 VAL A O   1 
ATOM   543  C CB  . VAL A 1 74  ? 6.033   -6.024  -7.618  1.00 8.77   ? 1074 VAL A CB  1 
ATOM   544  C CG1 . VAL A 1 74  ? 7.249   -6.196  -6.726  1.00 10.10  ? 1074 VAL A CG1 1 
ATOM   545  C CG2 . VAL A 1 74  ? 4.794   -5.739  -6.770  1.00 10.94  ? 1074 VAL A CG2 1 
ATOM   546  N N   . SER A 1 75  ? 7.856   -5.877  -10.244 1.00 8.56   ? 1075 SER A N   1 
ATOM   547  C CA  . SER A 1 75  ? 9.196   -6.013  -10.862 1.00 9.25   ? 1075 SER A CA  1 
ATOM   548  C C   . SER A 1 75  ? 9.546   -4.787  -11.672 1.00 9.36   ? 1075 SER A C   1 
ATOM   549  O O   . SER A 1 75  ? 10.656  -4.280  -11.595 1.00 10.99  ? 1075 SER A O   1 
ATOM   550  C CB  . SER A 1 75  ? 9.251   -7.247  -11.740 1.00 11.19  ? 1075 SER A CB  1 
ATOM   551  O OG  . SER A 1 75  ? 9.167   -8.415  -10.942 1.00 11.99  ? 1075 SER A OG  1 
ATOM   552  N N   . LYS A 1 76  ? 8.633   -4.311  -12.526 1.00 9.58   ? 1076 LYS A N   1 
ATOM   553  C CA  . LYS A 1 76  ? 8.872   -3.171  -13.393 1.00 10.42  ? 1076 LYS A CA  1 
ATOM   554  C C   . LYS A 1 76  ? 9.257   -1.918  -12.623 1.00 8.90   ? 1076 LYS A C   1 
ATOM   555  O O   . LYS A 1 76  ? 10.116  -1.186  -13.075 1.00 10.06  ? 1076 LYS A O   1 
ATOM   556  C CB  . LYS A 1 76  ? 7.602   -2.912  -14.220 1.00 12.95  ? 1076 LYS A CB  1 
ATOM   557  C CG  . LYS A 1 76  ? 7.642   -1.671  -15.117 1.00 14.38  ? 1076 LYS A CG  1 
ATOM   558  C CD  . LYS A 1 76  ? 6.347   -1.623  -15.929 1.00 18.39  ? 1076 LYS A CD  1 
ATOM   559  C CE  . LYS A 1 76  ? 6.419   -0.353  -16.807 1.00 30.01  ? 1076 LYS A CE  1 
ATOM   560  N NZ  . LYS A 1 76  ? 5.164   -0.278  -17.574 1.00 48.54  ? 1076 LYS A NZ  1 
ATOM   561  N N   . TYR A 1 77  ? 8.597   -1.708  -11.466 1.00 8.59   ? 1077 TYR A N   1 
ATOM   562  C CA  . TYR A 1 77  ? 8.804   -0.507  -10.710 1.00 8.54   ? 1077 TYR A CA  1 
ATOM   563  C C   . TYR A 1 77  ? 9.684   -0.712  -9.497  1.00 8.49   ? 1077 TYR A C   1 
ATOM   564  O O   . TYR A 1 77  ? 9.904   0.243   -8.733  1.00 9.68   ? 1077 TYR A O   1 
ATOM   565  C CB  . TYR A 1 77  ? 7.456   0.128   -10.301 1.00 9.38   ? 1077 TYR A CB  1 
ATOM   566  C CG  . TYR A 1 77  ? 6.648   0.524   -11.512 1.00 8.74   ? 1077 TYR A CG  1 
ATOM   567  C CD1 . TYR A 1 77  ? 7.093   1.548   -12.337 1.00 9.59   ? 1077 TYR A CD1 1 
ATOM   568  C CD2 . TYR A 1 77  ? 5.438   -0.083  -11.831 1.00 9.45   ? 1077 TYR A CD2 1 
ATOM   569  C CE1 . TYR A 1 77  ? 6.382   1.974   -13.459 1.00 11.47  ? 1077 TYR A CE1 1 
ATOM   570  C CE2 . TYR A 1 77  ? 4.709   0.319   -12.956 1.00 10.01  ? 1077 TYR A CE2 1 
ATOM   571  C CZ  . TYR A 1 77  ? 5.176   1.337   -13.741 1.00 10.14  ? 1077 TYR A CZ  1 
ATOM   572  O OH  . TYR A 1 77  ? 4.501   1.744   -14.872 1.00 11.60  ? 1077 TYR A OH  1 
ATOM   573  N N   . ASN A 1 78  ? 10.239  -1.899  -9.342  1.00 8.56   ? 1078 ASN A N   1 
ATOM   574  C CA  . ASN A 1 78  ? 11.195  -2.144  -8.237  1.00 8.91   ? 1078 ASN A CA  1 
ATOM   575  C C   . ASN A 1 78  ? 10.583  -1.792  -6.897  1.00 8.28   ? 1078 ASN A C   1 
ATOM   576  O O   . ASN A 1 78  ? 11.135  -1.059  -6.075  1.00 9.29   ? 1078 ASN A O   1 
ATOM   577  C CB  . ASN A 1 78  ? 12.470  -1.323  -8.481  1.00 11.80  ? 1078 ASN A CB  1 
ATOM   578  C CG  . ASN A 1 78  ? 13.611  -1.869  -7.690  1.00 15.34  ? 1078 ASN A CG  1 
ATOM   579  O OD1 . ASN A 1 78  ? 13.476  -2.863  -6.962  1.00 22.61  ? 1078 ASN A OD1 1 
ATOM   580  N ND2 . ASN A 1 78  ? 14.765  -1.231  -7.799  1.00 19.52  ? 1078 ASN A ND2 1 
ATOM   581  N N   . LEU A 1 79  ? 9.399   -2.356  -6.619  1.00 8.98   ? 1079 LEU A N   1 
ATOM   582  C CA  . LEU A 1 79  ? 8.716   -2.110  -5.327  1.00 9.16   ? 1079 LEU A CA  1 
ATOM   583  C C   . LEU A 1 79  ? 9.253   -3.073  -4.297  1.00 9.87   ? 1079 LEU A C   1 
ATOM   584  O O   . LEU A 1 79  ? 8.750   -4.171  -4.107  1.00 10.66  ? 1079 LEU A O   1 
ATOM   585  C CB  . LEU A 1 79  ? 7.195   -2.240  -5.478  1.00 9.54   ? 1079 LEU A CB  1 
ATOM   586  C CG  . LEU A 1 79  ? 6.591   -1.334  -6.542  1.00 10.15  ? 1079 LEU A CG  1 
ATOM   587  C CD1 . LEU A 1 79  ? 5.068   -1.516  -6.617  1.00 12.33  ? 1079 LEU A CD1 1 
ATOM   588  C CD2 . LEU A 1 79  ? 6.848   0.117   -6.234  1.00 14.31  ? 1079 LEU A CD2 1 
ATOM   589  N N   . ASN A 1 80  ? 10.359  -2.650  -3.646  1.00 10.01  ? 1080 ASN A N   1 
ATOM   590  C CA  . ASN A 1 80  ? 11.051  -3.543  -2.729  1.00 9.09   ? 1080 ASN A CA  1 
ATOM   591  C C   . ASN A 1 80  ? 10.491  -3.462  -1.322  1.00 9.70   ? 1080 ASN A C   1 
ATOM   592  O O   . ASN A 1 80  ? 11.143  -2.988  -0.353  1.00 11.40  ? 1080 ASN A O   1 
ATOM   593  C CB  . ASN A 1 80  ? 12.551  -3.185  -2.718  1.00 10.69  ? 1080 ASN A CB  1 
ATOM   594  C CG  . ASN A 1 80  ? 13.359  -4.139  -1.867  1.00 11.90  ? 1080 ASN A CG  1 
ATOM   595  O OD1 . ASN A 1 80  ? 13.000  -5.304  -1.725  1.00 15.71  ? 1080 ASN A OD1 1 
ATOM   596  N ND2 . ASN A 1 80  ? 14.445  -3.673  -1.330  1.00 13.98  ? 1080 ASN A ND2 1 
ATOM   597  N N   . PHE A 1 81  ? 9.280   -3.940  -1.178  1.00 9.04   ? 1081 PHE A N   1 
ATOM   598  C CA  . PHE A 1 81  ? 8.576   -4.002  0.073   1.00 9.46   ? 1081 PHE A CA  1 
ATOM   599  C C   . PHE A 1 81  ? 7.478   -5.048  -0.078  1.00 9.05   ? 1081 PHE A C   1 
ATOM   600  O O   . PHE A 1 81  ? 7.191   -5.500  -1.194  1.00 9.57   ? 1081 PHE A O   1 
ATOM   601  C CB  . PHE A 1 81  ? 8.022   -2.640  0.527   1.00 9.46   ? 1081 PHE A CB  1 
ATOM   602  C CG  . PHE A 1 81  ? 7.253   -1.880  -0.523  1.00 9.49   ? 1081 PHE A CG  1 
ATOM   603  C CD1 . PHE A 1 81  ? 5.885   -2.166  -0.744  1.00 9.59   ? 1081 PHE A CD1 1 
ATOM   604  C CD2 . PHE A 1 81  ? 7.826   -0.871  -1.269  1.00 9.72   ? 1081 PHE A CD2 1 
ATOM   605  C CE1 . PHE A 1 81  ? 5.167   -1.411  -1.666  1.00 10.12  ? 1081 PHE A CE1 1 
ATOM   606  C CE2 . PHE A 1 81  ? 7.111   -0.105  -2.174  1.00 10.75  ? 1081 PHE A CE2 1 
ATOM   607  C CZ  . PHE A 1 81  ? 5.764   -0.404  -2.356  1.00 10.11  ? 1081 PHE A CZ  1 
ATOM   608  N N   . THR A 1 82  ? 6.845   -5.423  1.034   1.00 9.07   ? 1082 THR A N   1 
ATOM   609  C CA  . THR A 1 82  ? 5.807   -6.456  0.974   1.00 9.52   ? 1082 THR A CA  1 
ATOM   610  C C   . THR A 1 82  ? 4.649   -5.977  0.099   1.00 7.62   ? 1082 THR A C   1 
ATOM   611  O O   . THR A 1 82  ? 4.165   -4.868  0.259   1.00 8.62   ? 1082 THR A O   1 
ATOM   612  C CB  . THR A 1 82  ? 5.259   -6.697  2.399   1.00 10.27  ? 1082 THR A CB  1 
ATOM   613  O OG1 . THR A 1 82  ? 6.334   -7.172  3.215   1.00 14.41  ? 1082 THR A OG1 1 
ATOM   614  C CG2 . THR A 1 82  ? 4.150   -7.738  2.369   1.00 12.65  ? 1082 THR A CG2 1 
ATOM   615  N N   . ASN A 1 83  ? 4.189   -6.852  -0.785  1.00 8.45   ? 1083 ASN A N   1 
ATOM   616  C CA  . ASN A 1 83  ? 2.939   -6.622  -1.536  1.00 8.36   ? 1083 ASN A CA  1 
ATOM   617  C C   . ASN A 1 83  ? 2.060   -7.824  -1.372  1.00 8.26   ? 1083 ASN A C   1 
ATOM   618  O O   . ASN A 1 83  ? 2.472   -8.976  -1.497  1.00 9.53   ? 1083 ASN A O   1 
ATOM   619  C CB  . ASN A 1 83  ? 3.238   -6.352  -3.032  1.00 9.69   ? 1083 ASN A CB  1 
ATOM   620  C CG  . ASN A 1 83  ? 3.771   -4.955  -3.204  1.00 8.50   ? 1083 ASN A CG  1 
ATOM   621  O OD1 . ASN A 1 83  ? 3.022   -3.984  -3.280  1.00 8.71   ? 1083 ASN A OD1 1 
ATOM   622  N ND2 . ASN A 1 83  ? 5.085   -4.878  -3.198  1.00 9.93   ? 1083 ASN A ND2 1 
ATOM   623  N N   . LEU A 1 84  ? 0.792   -7.556  -1.062  1.00 8.81   ? 1084 LEU A N   1 
ATOM   624  C CA  . LEU A 1 84  ? -0.185  -8.572  -0.711  1.00 8.33   ? 1084 LEU A CA  1 
ATOM   625  C C   . LEU A 1 84  ? -1.114  -8.844  -1.896  1.00 8.09   ? 1084 LEU A C   1 
ATOM   626  O O   . LEU A 1 84  ? -1.569  -7.917  -2.556  1.00 8.58   ? 1084 LEU A O   1 
ATOM   627  C CB  . LEU A 1 84  ? -1.054  -8.124  0.486   1.00 9.53   ? 1084 LEU A CB  1 
ATOM   628  C CG  . LEU A 1 84  ? -0.171  -7.802  1.739   1.00 9.59   ? 1084 LEU A CG  1 
ATOM   629  C CD1 . LEU A 1 84  ? -1.062  -7.395  2.898   1.00 10.96  ? 1084 LEU A CD1 1 
ATOM   630  C CD2 . LEU A 1 84  ? 0.713   -8.966  2.151   1.00 10.99  ? 1084 LEU A CD2 1 
ATOM   631  N N   . ASN A 1 85  ? -1.371  -10.123 -2.133  1.00 8.90   ? 1085 ASN A N   1 
ATOM   632  C CA  . ASN A 1 85  ? -2.346  -10.504 -3.157  1.00 9.84   ? 1085 ASN A CA  1 
ATOM   633  C C   . ASN A 1 85  ? -3.705  -10.588 -2.466  1.00 9.45   ? 1085 ASN A C   1 
ATOM   634  O O   . ASN A 1 85  ? -4.029  -11.646 -1.897  1.00 10.16  ? 1085 ASN A O   1 
ATOM   635  C CB  . ASN A 1 85  ? -1.937  -11.872 -3.727  1.00 11.39  ? 1085 ASN A CB  1 
ATOM   636  C CG  . ASN A 1 85  ? -2.971  -12.387 -4.719  1.00 12.21  ? 1085 ASN A CG  1 
ATOM   637  O OD1 . ASN A 1 85  ? -3.868  -11.691 -5.129  1.00 12.14  ? 1085 ASN A OD1 1 
ATOM   638  N ND2 . ASN A 1 85  ? -2.834  -13.653 -5.056  1.00 16.53  ? 1085 ASN A ND2 1 
ATOM   639  N N   . ASP A 1 86  ? -4.449  -9.502  -2.437  1.00 9.95   ? 1086 ASP A N   1 
ATOM   640  C CA  . ASP A 1 86  ? -5.736  -9.490  -1.743  1.00 10.44  ? 1086 ASP A CA  1 
ATOM   641  C C   . ASP A 1 86  ? -6.780  -9.925  -2.740  1.00 11.21  ? 1086 ASP A C   1 
ATOM   642  O O   . ASP A 1 86  ? -7.612  -9.154  -3.225  1.00 11.32  ? 1086 ASP A O   1 
ATOM   643  C CB  . ASP A 1 86  ? -6.031  -8.082  -1.235  1.00 11.49  ? 1086 ASP A CB  1 
ATOM   644  C CG  . ASP A 1 86  ? -7.294  -7.995  -0.392  1.00 11.54  ? 1086 ASP A CG  1 
ATOM   645  O OD1 . ASP A 1 86  ? -7.658  -8.955  0.276   1.00 14.71  ? 1086 ASP A OD1 1 
ATOM   646  O OD2 . ASP A 1 86  ? -7.925  -6.927  -0.386  1.00 15.81  ? 1086 ASP A OD2 1 
ATOM   647  N N   . ALA A 1 87  ? -6.725  -11.218 -3.078  1.00 13.68  ? 1087 ALA A N   1 
ATOM   648  C CA  . ALA A 1 87  ? -7.372  -11.710 -4.268  1.00 14.81  ? 1087 ALA A CA  1 
ATOM   649  C C   . ALA A 1 87  ? -8.873  -11.471 -4.209  1.00 14.16  ? 1087 ALA A C   1 
ATOM   650  O O   . ALA A 1 87  ? -9.504  -11.251 -5.240  1.00 19.80  ? 1087 ALA A O   1 
ATOM   651  C CB  . ALA A 1 87  ? -7.089  -13.215 -4.418  1.00 18.25  ? 1087 ALA A CB  1 
ATOM   652  N N   . ASP A 1 88  ? -9.492  -11.617 -3.024  1.00 13.14  ? 1088 ASP A N   1 
ATOM   653  C CA  . ASP A 1 88  ? -10.941 -11.455 -2.974  1.00 15.50  ? 1088 ASP A CA  1 
ATOM   654  C C   . ASP A 1 88  ? -11.344 -10.111 -2.384  1.00 13.00  ? 1088 ASP A C   1 
ATOM   655  O O   . ASP A 1 88  ? -12.532 -9.859  -2.106  1.00 15.46  ? 1088 ASP A O   1 
ATOM   656  C CB  . ASP A 1 88  ? -11.574 -12.599 -2.171  1.00 18.62  ? 1088 ASP A CB  1 
ATOM   657  C CG  . ASP A 1 88  ? -11.347 -13.940 -2.855  1.00 20.65  ? 1088 ASP A CG  1 
ATOM   658  O OD1 . ASP A 1 88  ? -11.221 -14.053 -4.083  1.00 22.77  ? 1088 ASP A OD1 1 
ATOM   659  O OD2 . ASP A 1 88  ? -11.288 -14.929 -2.094  1.00 25.35  ? 1088 ASP A OD2 1 
ATOM   660  N N   . GLY A 1 89  ? -10.416 -9.181  -2.221  1.00 11.47  ? 1089 GLY A N   1 
ATOM   661  C CA  . GLY A 1 89  ? -10.762 -7.874  -1.751  1.00 11.58  ? 1089 GLY A CA  1 
ATOM   662  C C   . GLY A 1 89  ? -11.138 -7.765  -0.314  1.00 10.91  ? 1089 GLY A C   1 
ATOM   663  O O   . GLY A 1 89  ? -11.718 -6.749  0.090   1.00 11.62  ? 1089 GLY A O   1 
ATOM   664  N N   . VAL A 1 90  ? -10.828 -8.758  0.506   1.00 11.12  ? 1090 VAL A N   1 
ATOM   665  C CA  . VAL A 1 90  ? -11.206 -8.705  1.910   1.00 11.11  ? 1090 VAL A CA  1 
ATOM   666  C C   . VAL A 1 90  ? -10.488 -7.598  2.674   1.00 9.82   ? 1090 VAL A C   1 
ATOM   667  O O   . VAL A 1 90  ? -11.090 -6.919  3.493   1.00 10.78  ? 1090 VAL A O   1 
ATOM   668  C CB  . VAL A 1 90  ? -10.988 -10.102 2.530   1.00 13.00  ? 1090 VAL A CB  1 
ATOM   669  C CG1 . VAL A 1 90  ? -11.076 -10.106 4.059   1.00 15.42  ? 1090 VAL A CG1 1 
ATOM   670  C CG2 . VAL A 1 90  ? -12.000 -11.117 1.960   1.00 15.83  ? 1090 VAL A CG2 1 
ATOM   671  N N   . ILE A 1 91  ? -9.181  -7.431  2.411   1.00 10.16  ? 1091 ILE A N   1 
ATOM   672  C CA  . ILE A 1 91  ? -8.494  -6.327  3.120   1.00 9.82   ? 1091 ILE A CA  1 
ATOM   673  C C   . ILE A 1 91  ? -8.935  -4.996  2.573   1.00 8.73   ? 1091 ILE A C   1 
ATOM   674  O O   . ILE A 1 91  ? -9.153  -4.026  3.334   1.00 10.13  ? 1091 ILE A O   1 
ATOM   675  C CB  . ILE A 1 91  ? -6.942  -6.496  3.022   1.00 11.33  ? 1091 ILE A CB  1 
ATOM   676  C CG1 . ILE A 1 91  ? -6.521  -7.884  3.558   1.00 13.75  ? 1091 ILE A CG1 1 
ATOM   677  C CG2 . ILE A 1 91  ? -6.249  -5.360  3.712   1.00 12.45  ? 1091 ILE A CG2 1 
ATOM   678  C CD1 . ILE A 1 91  ? -5.070  -8.160  3.131   1.00 18.17  ? 1091 ILE A CD1 1 
ATOM   679  N N   . TRP A 1 92  ? -9.137  -4.882  1.264   1.00 9.61   ? 1092 TRP A N   1 
ATOM   680  C CA  . TRP A 1 92  ? -9.629  -3.647  0.674   1.00 10.01  ? 1092 TRP A CA  1 
ATOM   681  C C   . TRP A 1 92  ? -10.833 -3.106  1.283   1.00 11.39  ? 1092 TRP A C   1 
ATOM   682  O O   . TRP A 1 92  ? -11.230 -2.082  1.686   1.00 10.90  ? 1092 TRP A O   1 
ATOM   683  C CB  A TRP A 1 92  ? -9.976  -4.095  -0.784  0.48 12.14  ? 1092 TRP A CB  1 
ATOM   684  C CB  B TRP A 1 92  ? -9.884  -3.732  -0.794  0.52 11.41  ? 1092 TRP A CB  1 
ATOM   685  C CG  A TRP A 1 92  ? -10.115 -2.982  -1.786  0.48 8.76   ? 1092 TRP A CG  1 
ATOM   686  C CG  B TRP A 1 92  ? -8.638  -3.630  -1.568  0.52 9.78   ? 1092 TRP A CG  1 
ATOM   687  C CD1 A TRP A 1 92  ? -9.529  -1.758  -1.737  0.48 10.46  ? 1092 TRP A CD1 1 
ATOM   688  C CD1 B TRP A 1 92  ? -7.535  -4.419  -1.486  0.52 10.59  ? 1092 TRP A CD1 1 
ATOM   689  C CD2 A TRP A 1 92  ? -10.882 -2.978  -2.993  0.48 9.17   ? 1092 TRP A CD2 1 
ATOM   690  C CD2 B TRP A 1 92  ? -8.369  -2.651  -2.582  0.52 10.27  ? 1092 TRP A CD2 1 
ATOM   691  N NE1 A TRP A 1 92  ? -9.875  -0.983  -2.817  0.48 8.52   ? 1092 TRP A NE1 1 
ATOM   692  N NE1 B TRP A 1 92  ? -6.625  -4.052  -2.332  0.52 8.77   ? 1092 TRP A NE1 1 
ATOM   693  C CE2 A TRP A 1 92  ? -10.704 -1.724  -3.601  0.48 9.25   ? 1092 TRP A CE2 1 
ATOM   694  C CE2 B TRP A 1 92  ? -7.074  -2.964  -3.044  0.52 9.63   ? 1092 TRP A CE2 1 
ATOM   695  C CE3 A TRP A 1 92  ? -11.700 -3.932  -3.603  0.48 8.77   ? 1092 TRP A CE3 1 
ATOM   696  C CE3 B TRP A 1 92  ? -9.014  -1.563  -3.175  0.52 12.92  ? 1092 TRP A CE3 1 
ATOM   697  C CZ2 A TRP A 1 92  ? -11.333 -1.437  -4.803  0.48 10.15  ? 1092 TRP A CZ2 1 
ATOM   698  C CZ2 B TRP A 1 92  ? -6.260  -2.368  -4.033  0.52 7.50   ? 1092 TRP A CZ2 1 
ATOM   699  C CZ3 A TRP A 1 92  ? -12.314 -3.614  -4.807  0.48 9.50   ? 1092 TRP A CZ3 1 
ATOM   700  C CZ3 B TRP A 1 92  ? -8.301  -0.900  -4.173  0.52 12.74  ? 1092 TRP A CZ3 1 
ATOM   701  C CH2 A TRP A 1 92  ? -12.125 -2.361  -5.399  0.48 12.00  ? 1092 TRP A CH2 1 
ATOM   702  C CH2 B TRP A 1 92  ? -7.023  -1.316  -4.535  0.52 13.15  ? 1092 TRP A CH2 1 
ATOM   703  N N   . ALA A 1 93  ? -11.636 -4.202  1.669   1.00 9.97   ? 1093 ALA A N   1 
ATOM   704  C CA  . ALA A 1 93  ? -13.359 -4.048  2.342   1.00 12.04  ? 1093 ALA A CA  1 
ATOM   705  C C   . ALA A 1 93  ? -13.001 -3.552  3.703   1.00 11.11  ? 1093 ALA A C   1 
ATOM   706  O O   . ALA A 1 93  ? -13.696 -2.661  4.158   1.00 12.49  ? 1093 ALA A O   1 
ATOM   707  C CB  . ALA A 1 93  ? -14.040 -5.290  2.211   1.00 14.03  ? 1093 ALA A CB  1 
ATOM   708  N N   . ARG A 1 94  ? -12.004 -4.089  4.402   1.00 12.57  ? 1094 ARG A N   1 
ATOM   709  C CA  . ARG A 1 94  ? -11.745 -3.754  5.798   1.00 13.52  ? 1094 ARG A CA  1 
ATOM   710  C C   . ARG A 1 94  ? -11.409 -2.281  5.887   1.00 14.57  ? 1094 ARG A C   1 
ATOM   711  O O   . ARG A 1 94  ? -11.721 -1.634  6.881   1.00 16.13  ? 1094 ARG A O   1 
ATOM   712  C CB  . ARG A 1 94  ? -10.687 -4.735  6.340   1.00 16.74  ? 1094 ARG A CB  1 
ATOM   713  C CG  . ARG A 1 94  ? -10.284 -4.475  7.783   1.00 23.42  ? 1094 ARG A CG  1 
ATOM   714  C CD  . ARG A 1 94  ? -9.159  -5.514  7.975   1.00 33.78  ? 1094 ARG A CD  1 
ATOM   715  N NE  . ARG A 1 94  ? -9.790  -6.692  8.523   1.00 47.16  ? 1094 ARG A NE  1 
ATOM   716  C CZ  . ARG A 1 94  ? -10.023 -7.042  9.772   1.00 38.64  ? 1094 ARG A CZ  1 
ATOM   717  N NH1 . ARG A 1 94  ? -9.668  -6.309  10.819  1.00 34.35  ? 1094 ARG A NH1 1 
ATOM   718  N NH2 . ARG A 1 94  ? -10.634 -8.193  9.963   1.00 37.14  ? 1094 ARG A NH2 1 
ATOM   719  N N   . TYR A 1 95  ? -10.737 -1.763  4.846   1.00 13.98  ? 1095 TYR A N   1 
ATOM   720  C CA  . TYR A 1 95  ? -10.292 -0.417  4.832   1.00 18.08  ? 1095 TYR A CA  1 
ATOM   721  C C   . TYR A 1 95  ? -11.238 0.457   4.077   1.00 16.99  ? 1095 TYR A C   1 
ATOM   722  O O   . TYR A 1 95  ? -10.808 1.607   3.925   1.00 27.85  ? 1095 TYR A O   1 
ATOM   723  C CB  . TYR A 1 95  ? -8.856  -0.306  4.191   1.00 19.64  ? 1095 TYR A CB  1 
ATOM   724  C CG  . TYR A 1 95  ? -7.884  -0.622  5.318   1.00 19.28  ? 1095 TYR A CG  1 
ATOM   725  C CD1 . TYR A 1 95  ? -7.446  0.439   6.124   1.00 22.99  ? 1095 TYR A CD1 1 
ATOM   726  C CD2 . TYR A 1 95  ? -7.481  -1.920  5.578   1.00 19.44  ? 1095 TYR A CD2 1 
ATOM   727  C CE1 . TYR A 1 95  ? -6.570  0.228   7.168   1.00 21.55  ? 1095 TYR A CE1 1 
ATOM   728  C CE2 . TYR A 1 95  ? -6.609  -2.159  6.646   1.00 19.80  ? 1095 TYR A CE2 1 
ATOM   729  C CZ  . TYR A 1 95  ? -6.174  -1.061  7.413   1.00 21.05  ? 1095 TYR A CZ  1 
ATOM   730  O OH  . TYR A 1 95  ? -5.349  -1.383  8.443   1.00 24.52  ? 1095 TYR A OH  1 
ATOM   731  N N   A ASN A 1 96  ? -12.419 -0.103  3.792   0.55 14.02  ? 1096 ASN A N   1 
ATOM   732  N N   B ASN A 1 96  ? -12.374 0.158   3.446   0.45 16.41  ? 1096 ASN A N   1 
ATOM   733  C CA  A ASN A 1 96  ? -13.401 0.763   3.168   0.55 14.69  ? 1096 ASN A CA  1 
ATOM   734  C CA  B ASN A 1 96  ? -13.517 0.671   2.719   0.45 14.94  ? 1096 ASN A CA  1 
ATOM   735  C C   A ASN A 1 96  ? -12.769 1.571   2.026   0.55 10.61  ? 1096 ASN A C   1 
ATOM   736  C C   B ASN A 1 96  ? -13.472 0.797   1.173   0.45 11.92  ? 1096 ASN A C   1 
ATOM   737  O O   A ASN A 1 96  ? -12.954 2.778   1.906   0.55 13.08  ? 1096 ASN A O   1 
ATOM   738  O O   B ASN A 1 96  ? -13.932 1.795   0.551   0.45 11.23  ? 1096 ASN A O   1 
ATOM   739  C CB  A ASN A 1 96  ? -13.924 1.764   4.199   0.55 14.11  ? 1096 ASN A CB  1 
ATOM   740  C CB  B ASN A 1 96  ? -13.911 2.099   3.183   0.45 17.78  ? 1096 ASN A CB  1 
ATOM   741  C CG  A ASN A 1 96  ? -15.184 2.413   3.704   0.55 16.30  ? 1096 ASN A CG  1 
ATOM   742  C CG  B ASN A 1 96  ? -14.747 2.139   4.427   0.45 20.05  ? 1096 ASN A CG  1 
ATOM   743  O OD1 A ASN A 1 96  ? -15.898 1.844   2.881   0.55 14.20  ? 1096 ASN A OD1 1 
ATOM   744  O OD1 B ASN A 1 96  ? -15.052 1.091   4.996   0.45 25.27  ? 1096 ASN A OD1 1 
ATOM   745  N ND2 A ASN A 1 96  ? -15.529 3.584   4.203   0.55 16.30  ? 1096 ASN A ND2 1 
ATOM   746  N ND2 B ASN A 1 96  ? -15.140 3.324   4.885   0.45 24.08  ? 1096 ASN A ND2 1 
ATOM   747  N N   A VAL A 1 97  ? -11.912 0.873   1.247   0.45 8.56   ? 1097 VAL A N   1 
ATOM   748  N N   B VAL A 1 97  ? -12.941 -0.184  0.486   0.55 10.13  ? 1097 VAL A N   1 
ATOM   749  C CA  A VAL A 1 97  ? -11.248 1.527   0.129   0.45 9.84   ? 1097 VAL A CA  1 
ATOM   750  C CA  B VAL A 1 97  ? -12.748 -0.302  -0.968  0.55 9.60   ? 1097 VAL A CA  1 
ATOM   751  C C   A VAL A 1 97  ? -12.119 1.253   -1.100  0.45 8.97   ? 1097 VAL A C   1 
ATOM   752  C C   B VAL A 1 97  ? -12.466 1.010   -1.687  0.55 9.86   ? 1097 VAL A C   1 
ATOM   753  O O   A VAL A 1 97  ? -12.232 0.087   -1.492  0.45 10.39  ? 1097 VAL A O   1 
ATOM   754  O O   B VAL A 1 97  ? -13.144 1.413   -2.644  0.55 10.24  ? 1097 VAL A O   1 
ATOM   755  C CB  A VAL A 1 97  ? -9.815  1.049   -0.081  0.45 12.13  ? 1097 VAL A CB  1 
ATOM   756  C CB  B VAL A 1 97  ? -13.934 -1.050  -1.624  0.55 10.70  ? 1097 VAL A CB  1 
ATOM   757  C CG1 A VAL A 1 97  ? -9.180  1.644   -1.333  0.45 10.42  ? 1097 VAL A CG1 1 
ATOM   758  C CG1 B VAL A 1 97  ? -13.893 -2.460  -1.034  0.55 9.01   ? 1097 VAL A CG1 1 
ATOM   759  C CG2 A VAL A 1 97  ? -8.929  1.403   1.100   0.45 12.95  ? 1097 VAL A CG2 1 
ATOM   760  C CG2 B VAL A 1 97  ? -15.253 -0.355  -1.423  0.55 13.00  ? 1097 VAL A CG2 1 
ATOM   761  N N   A PRO A 1 98  ? -12.730 2.288   -1.641  0.53 10.87  ? 1098 PRO A N   1 
ATOM   762  N N   B PRO A 1 98  ? -11.373 1.665   -1.267  0.47 8.42   ? 1098 PRO A N   1 
ATOM   763  C CA  A PRO A 1 98  ? -13.580 2.140   -2.832  0.53 13.27  ? 1098 PRO A CA  1 
ATOM   764  C CA  B PRO A 1 98  ? -10.972 2.929   -1.877  0.47 8.75   ? 1098 PRO A CA  1 
ATOM   765  C C   A PRO A 1 98  ? -12.420 2.219   -3.781  0.53 24.15  ? 1098 PRO A C   1 
ATOM   766  C C   B PRO A 1 98  ? -10.556 2.715   -3.333  0.47 9.32   ? 1098 PRO A C   1 
ATOM   767  O O   A PRO A 1 98  ? -12.151 1.062   -4.103  0.53 36.35  ? 1098 PRO A O   1 
ATOM   768  O O   B PRO A 1 98  ? -9.873  1.768   -3.702  0.47 9.55   ? 1098 PRO A O   1 
ATOM   769  C CB  A PRO A 1 98  ? -14.525 3.329   -2.728  0.53 14.67  ? 1098 PRO A CB  1 
ATOM   770  C CB  B PRO A 1 98  ? -9.780  3.405   -1.050  0.47 9.38   ? 1098 PRO A CB  1 
ATOM   771  C CG  A PRO A 1 98  ? -13.541 4.389   -2.346  0.53 16.06  ? 1098 PRO A CG  1 
ATOM   772  C CG  B PRO A 1 98  ? -9.243  2.164   -0.428  0.47 8.83   ? 1098 PRO A CG  1 
ATOM   773  C CD  A PRO A 1 98  ? -12.700 3.715   -1.298  0.53 12.49  ? 1098 PRO A CD  1 
ATOM   774  C CD  B PRO A 1 98  ? -10.442 1.293   -0.171  0.47 9.75   ? 1098 PRO A CD  1 
ATOM   775  N N   A TRP A 1 99  ? -11.571 2.776   -4.525  0.50 18.30  ? 1099 TRP A N   1 
ATOM   776  N N   B TRP A 1 99  ? -10.939 3.649   -4.180  0.50 9.10   ? 1099 TRP A N   1 
ATOM   777  C CA  A TRP A 1 99  ? -10.955 2.163   -5.712  0.50 14.43  ? 1099 TRP A CA  1 
ATOM   778  C CA  B TRP A 1 99  ? -10.597 3.589   -5.600  0.50 9.22   ? 1099 TRP A CA  1 
ATOM   779  C C   A TRP A 1 99  ? -9.527  2.588   -5.471  0.50 11.49  ? 1099 TRP A C   1 
ATOM   780  C C   B TRP A 1 99  ? -9.070  3.744   -5.753  0.50 12.23  ? 1099 TRP A C   1 
ATOM   781  O O   A TRP A 1 99  ? -9.389  3.168   -4.386  0.50 8.77   ? 1099 TRP A O   1 
ATOM   782  O O   B TRP A 1 99  ? -8.616  4.787   -5.301  0.50 13.24  ? 1099 TRP A O   1 
ATOM   783  C CB  A TRP A 1 99  ? -11.526 2.752   -7.012  0.50 16.65  ? 1099 TRP A CB  1 
ATOM   784  C CB  B TRP A 1 99  ? -11.302 4.671   -6.411  0.50 10.97  ? 1099 TRP A CB  1 
ATOM   785  C CG  A TRP A 1 99  ? -12.526 3.814   -6.649  0.50 14.69  ? 1099 TRP A CG  1 
ATOM   786  C CG  B TRP A 1 99  ? -11.523 4.316   -7.861  0.50 9.09   ? 1099 TRP A CG  1 
ATOM   787  C CD1 A TRP A 1 99  ? -13.797 3.931   -6.695  0.50 15.31  ? 1099 TRP A CD1 1 
ATOM   788  C CD1 B TRP A 1 99  ? -11.083 3.287   -8.621  0.50 10.51  ? 1099 TRP A CD1 1 
ATOM   789  C CD2 A TRP A 1 99  ? -12.383 5.140   -6.131  0.50 13.75  ? 1099 TRP A CD2 1 
ATOM   790  C CD2 B TRP A 1 99  ? -12.325 5.121   -8.723  0.50 9.86   ? 1099 TRP A CD2 1 
ATOM   791  N NE1 A TRP A 1 99  ? -14.664 4.791   -6.374  0.50 12.54  ? 1099 TRP A NE1 1 
ATOM   792  N NE1 B TRP A 1 99  ? -11.603 3.448   -9.916  0.50 12.70  ? 1099 TRP A NE1 1 
ATOM   793  C CE2 A TRP A 1 99  ? -13.658 5.696   -5.983  0.50 12.63  ? 1099 TRP A CE2 1 
ATOM   794  C CE2 B TRP A 1 99  ? -12.362 4.535   -10.030 0.50 13.43  ? 1099 TRP A CE2 1 
ATOM   795  C CE3 A TRP A 1 99  ? -11.248 5.866   -5.806  0.50 14.48  ? 1099 TRP A CE3 1 
ATOM   796  C CE3 B TRP A 1 99  ? -13.055 6.306   -8.507  0.50 11.81  ? 1099 TRP A CE3 1 
ATOM   797  C CZ2 A TRP A 1 99  ? -13.878 6.976   -5.495  0.50 15.19  ? 1099 TRP A CZ2 1 
ATOM   798  C CZ2 B TRP A 1 99  ? -13.110 5.291   -10.867 0.50 16.54  ? 1099 TRP A CZ2 1 
ATOM   799  C CZ3 A TRP A 1 99  ? -11.436 7.153   -5.310  0.50 18.04  ? 1099 TRP A CZ3 1 
ATOM   800  C CZ3 B TRP A 1 99  ? -13.795 6.979   -9.431  0.50 21.81  ? 1099 TRP A CZ3 1 
ATOM   801  C CH2 A TRP A 1 99  ? -12.725 7.661   -5.175  0.50 16.66  ? 1099 TRP A CH2 1 
ATOM   802  C CH2 B TRP A 1 99  ? -13.815 6.395   -10.697 0.50 21.93  ? 1099 TRP A CH2 1 
ATOM   803  N N   . GLN A 1 100 ? -8.516  2.603   -6.307  1.00 15.00  ? 1100 GLN A N   1 
ATOM   804  C CA  . GLN A 1 100 ? -7.094  2.727   -6.307  1.00 12.15  ? 1100 GLN A CA  1 
ATOM   805  C C   . GLN A 1 100 ? -6.698  3.962   -7.082  1.00 14.42  ? 1100 GLN A C   1 
ATOM   806  O O   . GLN A 1 100 ? -7.458  4.361   -7.964  1.00 17.95  ? 1100 GLN A O   1 
ATOM   807  C CB  A GLN A 1 100 ? -6.578  1.516   -7.084  0.54 8.06   ? 1100 GLN A CB  1 
ATOM   808  C CB  B GLN A 1 100 ? -6.302  1.514   -6.759  0.46 8.85   ? 1100 GLN A CB  1 
ATOM   809  C CG  A GLN A 1 100 ? -6.457  1.681   -8.614  0.54 8.35   ? 1100 GLN A CG  1 
ATOM   810  C CG  B GLN A 1 100 ? -6.692  0.419   -5.800  0.46 10.12  ? 1100 GLN A CG  1 
ATOM   811  C CD  A GLN A 1 100 ? -7.806  1.644   -9.327  0.54 9.87   ? 1100 GLN A CD  1 
ATOM   812  C CD  B GLN A 1 100 ? -7.910  -0.306  -6.181  0.46 8.75   ? 1100 GLN A CD  1 
ATOM   813  O OE1 A GLN A 1 100 ? -7.886  2.423   -10.295 0.54 8.80   ? 1100 GLN A OE1 1 
ATOM   814  O OE1 B GLN A 1 100 ? -8.768  0.244   -6.921  0.46 8.88   ? 1100 GLN A OE1 1 
ATOM   815  N NE2 A GLN A 1 100 ? -8.785  0.889   -8.884  0.54 8.23   ? 1100 GLN A NE2 1 
ATOM   816  N NE2 B GLN A 1 100 ? -8.043  -1.505  -5.658  0.46 10.14  ? 1100 GLN A NE2 1 
ATOM   817  N N   . PRO A 1 101 ? -5.559  4.525   -6.796  1.00 16.69  ? 1101 PRO A N   1 
ATOM   818  C CA  . PRO A 1 101 ? -4.698  4.207   -5.650  1.00 15.49  ? 1101 PRO A CA  1 
ATOM   819  C C   . PRO A 1 101 ? -5.199  4.887   -4.379  1.00 18.04  ? 1101 PRO A C   1 
ATOM   820  O O   . PRO A 1 101 ? -5.842  5.931   -4.360  1.00 26.33  ? 1101 PRO A O   1 
ATOM   821  C CB  . PRO A 1 101 ? -3.375  4.842   -6.083  1.00 17.65  ? 1101 PRO A CB  1 
ATOM   822  C CG  . PRO A 1 101 ? -3.685  5.948   -7.059  1.00 23.15  ? 1101 PRO A CG  1 
ATOM   823  C CD  . PRO A 1 101 ? -5.033  5.646   -7.638  1.00 23.03  ? 1101 PRO A CD  1 
ATOM   824  N N   . ALA A 1 102 ? -4.860  4.258   -3.242  1.00 14.03  ? 1102 ALA A N   1 
ATOM   825  C CA  . ALA A 1 102 ? -5.202  4.856   -1.950  1.00 13.52  ? 1102 ALA A CA  1 
ATOM   826  C C   . ALA A 1 102 ? -4.035  4.606   -1.014  1.00 10.19  ? 1102 ALA A C   1 
ATOM   827  O O   . ALA A 1 102 ? -3.408  3.569   -1.085  1.00 9.17   ? 1102 ALA A O   1 
ATOM   828  C CB  . ALA A 1 102 ? -6.457  4.276   -1.329  1.00 19.24  ? 1102 ALA A CB  1 
ATOM   829  N N   . PHE A 1 103 ? -3.769  5.566   -0.136  1.00 10.81  ? 1103 PHE A N   1 
ATOM   830  C CA  . PHE A 1 103 ? -2.746  5.478   0.889   1.00 9.48   ? 1103 PHE A CA  1 
ATOM   831  C C   . PHE A 1 103 ? -3.358  5.570   2.282   1.00 9.85   ? 1103 PHE A C   1 
ATOM   832  O O   . PHE A 1 103 ? -4.243  6.410   2.480   1.00 11.16  ? 1103 PHE A O   1 
ATOM   833  C CB  . PHE A 1 103 ? -1.761  6.621   0.761   1.00 10.28  ? 1103 PHE A CB  1 
ATOM   834  C CG  . PHE A 1 103 ? -0.916  6.684   -0.482  1.00 12.10  ? 1103 PHE A CG  1 
ATOM   835  C CD1 . PHE A 1 103 ? -1.457  7.257   -1.643  1.00 17.11  ? 1103 PHE A CD1 1 
ATOM   836  C CD2 . PHE A 1 103 ? 0.368   6.215   -0.463  1.00 12.82  ? 1103 PHE A CD2 1 
ATOM   837  C CE1 . PHE A 1 103 ? -0.667  7.354   -2.767  1.00 20.14  ? 1103 PHE A CE1 1 
ATOM   838  C CE2 . PHE A 1 103 ? 1.172   6.309   -1.599  1.00 15.23  ? 1103 PHE A CE2 1 
ATOM   839  C CZ  . PHE A 1 103 ? 0.624   6.879   -2.717  1.00 17.88  ? 1103 PHE A CZ  1 
ATOM   840  N N   . VAL A 1 104 ? -2.814  4.789   3.200   1.00 9.38   ? 1104 VAL A N   1 
ATOM   841  C CA  . VAL A 1 104 ? -3.043  4.984   4.620   1.00 10.45  ? 1104 VAL A CA  1 
ATOM   842  C C   . VAL A 1 104 ? -1.692  5.187   5.254   1.00 9.30   ? 1104 VAL A C   1 
ATOM   843  O O   . VAL A 1 104 ? -0.848  4.316   5.214   1.00 10.10  ? 1104 VAL A O   1 
ATOM   844  C CB  . VAL A 1 104 ? -3.815  3.838   5.268   1.00 11.26  ? 1104 VAL A CB  1 
ATOM   845  C CG1 . VAL A 1 104 ? -4.092  4.147   6.723   1.00 14.23  ? 1104 VAL A CG1 1 
ATOM   846  C CG2 . VAL A 1 104 ? -5.160  3.496   4.542   1.00 13.30  ? 1104 VAL A CG2 1 
ATOM   847  N N   . PHE A 1 105 ? -1.528  6.354   5.914   1.00 10.18  ? 1105 PHE A N   1 
ATOM   848  C CA  . PHE A 1 105 ? -0.274  6.743   6.546   1.00 10.74  ? 1105 PHE A CA  1 
ATOM   849  C C   . PHE A 1 105 ? -0.422  6.554   8.045   1.00 10.41  ? 1105 PHE A C   1 
ATOM   850  O O   . PHE A 1 105 ? -1.182  7.331   8.684   1.00 12.45  ? 1105 PHE A O   1 
ATOM   851  C CB  . PHE A 1 105 ? 0.009   8.203   6.199   1.00 11.31  ? 1105 PHE A CB  1 
ATOM   852  C CG  . PHE A 1 105 ? 0.349   8.433   4.753   1.00 11.08  ? 1105 PHE A CG  1 
ATOM   853  C CD1 . PHE A 1 105 ? 1.612   8.185   4.260   1.00 11.86  ? 1105 PHE A CD1 1 
ATOM   854  C CD2 . PHE A 1 105 ? -0.660  8.879   3.887   1.00 11.36  ? 1105 PHE A CD2 1 
ATOM   855  C CE1 . PHE A 1 105 ? 1.907   8.366   2.945   1.00 12.46  ? 1105 PHE A CE1 1 
ATOM   856  C CE2 . PHE A 1 105 ? -0.378  9.081   2.543   1.00 12.83  ? 1105 PHE A CE2 1 
ATOM   857  C CZ  . PHE A 1 105 ? 0.905   8.818   2.088   1.00 12.53  ? 1105 PHE A CZ  1 
ATOM   858  N N   . TYR A 1 106 ? 0.236   5.566   8.632   1.00 11.14  ? 1106 TYR A N   1 
ATOM   859  C CA  . TYR A 1 106 ? 0.122   5.268   10.063  1.00 11.30  ? 1106 TYR A CA  1 
ATOM   860  C C   . TYR A 1 106 ? 1.330   5.763   10.835  1.00 11.12  ? 1106 TYR A C   1 
ATOM   861  O O   . TYR A 1 106 ? 2.480   5.535   10.482  1.00 10.48  ? 1106 TYR A O   1 
ATOM   862  C CB  . TYR A 1 106 ? 0.152   3.787   10.256  1.00 11.67  ? 1106 TYR A CB  1 
ATOM   863  C CG  . TYR A 1 106 ? -1.172  3.039   10.096  1.00 13.14  ? 1106 TYR A CG  1 
ATOM   864  C CD1 . TYR A 1 106 ? -2.119  3.134   11.090  1.00 15.87  ? 1106 TYR A CD1 1 
ATOM   865  C CD2 . TYR A 1 106 ? -1.434  2.299   8.982   1.00 15.52  ? 1106 TYR A CD2 1 
ATOM   866  C CE1 . TYR A 1 106 ? -3.306  2.474   10.965  1.00 19.03  ? 1106 TYR A CE1 1 
ATOM   867  C CE2 . TYR A 1 106 ? -2.645  1.602   8.858   1.00 16.64  ? 1106 TYR A CE2 1 
ATOM   868  C CZ  . TYR A 1 106 ? -3.570  1.706   9.852   1.00 19.31  ? 1106 TYR A CZ  1 
ATOM   869  O OH  . TYR A 1 106 ? -4.764  1.026   9.726   1.00 26.37  ? 1106 TYR A OH  1 
ATOM   870  N N   . ARG A 1 107 ? 1.015   6.463   11.921  1.00 12.71  ? 1107 ARG A N   1 
ATOM   871  C CA  . ARG A 1 107 ? 1.997   6.735   12.948  1.00 14.45  ? 1107 ARG A CA  1 
ATOM   872  C C   . ARG A 1 107 ? 2.113   5.522   13.876  1.00 14.13  ? 1107 ARG A C   1 
ATOM   873  O O   . ARG A 1 107 ? 1.221   4.676   13.936  1.00 16.20  ? 1107 ARG A O   1 
ATOM   874  C CB  . ARG A 1 107 ? 1.611   7.954   13.797  1.00 15.48  ? 1107 ARG A CB  1 
ATOM   875  C CG  . ARG A 1 107 ? 1.604   9.245   12.952  1.00 20.96  ? 1107 ARG A CG  1 
ATOM   876  C CD  . ARG A 1 107 ? 1.327   10.398  13.934  1.00 26.89  ? 1107 ARG A CD  1 
ATOM   877  N NE  . ARG A 1 107 ? 2.420   10.610  14.869  1.00 32.24  ? 1107 ARG A NE  1 
ATOM   878  C CZ  . ARG A 1 107 ? 3.450   11.419  14.633  1.00 32.52  ? 1107 ARG A CZ  1 
ATOM   879  N NH1 . ARG A 1 107 ? 3.509   12.086  13.479  1.00 44.51  ? 1107 ARG A NH1 1 
ATOM   880  N NH2 . ARG A 1 107 ? 4.392   11.544  15.550  1.00 54.92  ? 1107 ARG A NH2 1 
ATOM   881  N N   . ALA A 1 108 ? 3.236   5.466   14.634  1.00 16.11  ? 1108 ALA A N   1 
ATOM   882  C CA  . ALA A 1 108 ? 3.444   4.371   15.582  1.00 16.60  ? 1108 ALA A CA  1 
ATOM   883  C C   . ALA A 1 108 ? 2.358   4.336   16.640  1.00 20.76  ? 1108 ALA A C   1 
ATOM   884  O O   . ALA A 1 108 ? 2.054   3.283   17.175  1.00 25.32  ? 1108 ALA A O   1 
ATOM   885  C CB  . ALA A 1 108 ? 4.828   4.544   16.247  1.00 17.63  ? 1108 ALA A CB  1 
ATOM   886  N N   . ASP A 1 109 ? 1.734   5.491   16.925  1.00 23.19  ? 1109 ASP A N   1 
ATOM   887  C CA  . ASP A 1 109 ? 0.679   5.496   17.955  1.00 27.64  ? 1109 ASP A CA  1 
ATOM   888  C C   . ASP A 1 109 ? -0.672  5.015   17.447  1.00 27.56  ? 1109 ASP A C   1 
ATOM   889  O O   . ASP A 1 109 ? -1.613  4.998   18.218  1.00 34.20  ? 1109 ASP A O   1 
ATOM   890  C CB  . ASP A 1 109 ? 0.533   6.892   18.531  1.00 32.49  ? 1109 ASP A CB  1 
ATOM   891  C CG  . ASP A 1 109 ? -0.069  7.894   17.572  1.00 30.11  ? 1109 ASP A CG  1 
ATOM   892  O OD1 . ASP A 1 109 ? -0.436  7.605   16.438  1.00 25.45  ? 1109 ASP A OD1 1 
ATOM   893  O OD2 . ASP A 1 109 ? -0.205  9.050   18.037  1.00 39.22  ? 1109 ASP A OD2 1 
ATOM   894  N N   . GLY A 1 110 ? -0.736  4.600   16.193  1.00 26.03  ? 1110 GLY A N   1 
ATOM   895  C CA  . GLY A 1 110 ? -1.967  3.995   15.731  1.00 26.62  ? 1110 GLY A CA  1 
ATOM   896  C C   . GLY A 1 110 ? -2.876  4.921   14.965  1.00 23.25  ? 1110 GLY A C   1 
ATOM   897  O O   . GLY A 1 110 ? -3.788  4.410   14.311  1.00 25.33  ? 1110 GLY A O   1 
ATOM   898  N N   . THR A 1 111 ? -2.628  6.214   15.081  1.00 23.33  ? 1111 THR A N   1 
ATOM   899  C CA  . THR A 1 111 ? -3.430  7.149   14.291  1.00 21.80  ? 1111 THR A CA  1 
ATOM   900  C C   . THR A 1 111 ? -2.983  7.122   12.831  1.00 18.04  ? 1111 THR A C   1 
ATOM   901  O O   . THR A 1 111 ? -1.855  6.701   12.531  1.00 16.93  ? 1111 THR A O   1 
ATOM   902  C CB  . THR A 1 111 ? -3.372  8.571   14.870  1.00 23.33  ? 1111 THR A CB  1 
ATOM   903  O OG1 . THR A 1 111 ? -2.031  9.051   14.709  1.00 24.36  ? 1111 THR A OG1 1 
ATOM   904  C CG2 . THR A 1 111 ? -3.735  8.659   16.360  1.00 28.59  ? 1111 THR A CG2 1 
ATOM   905  N N   . SER A 1 112 ? -3.890  7.511   11.957  1.00 19.02  ? 1112 SER A N   1 
ATOM   906  C CA  . SER A 1 112 ? -3.632  7.452   10.520  1.00 15.52  ? 1112 SER A CA  1 
ATOM   907  C C   . SER A 1 112 ? -4.335  8.597   9.787   1.00 16.63  ? 1112 SER A C   1 
ATOM   908  O O   . SER A 1 112 ? -5.245  9.247   10.271  1.00 21.56  ? 1112 SER A O   1 
ATOM   909  C CB  . SER A 1 112 ? -4.037  6.087   9.978   1.00 17.53  ? 1112 SER A CB  1 
ATOM   910  O OG  . SER A 1 112 ? -5.398  5.811   10.085  1.00 21.03  ? 1112 SER A OG  1 
ATOM   911  N N   . THR A 1 113 ? -3.873  8.801   8.579   1.00 14.15  ? 1113 THR A N   1 
ATOM   912  C CA  . THR A 1 113 ? -4.455  9.682   7.600   1.00 15.35  ? 1113 THR A CA  1 
ATOM   913  C C   . THR A 1 113 ? -4.515  8.961   6.282   1.00 12.72  ? 1113 THR A C   1 
ATOM   914  O O   . THR A 1 113 ? -3.619  8.209   5.941   1.00 17.54  ? 1113 THR A O   1 
ATOM   915  C CB  . THR A 1 113 ? -3.653  10.962  7.438   1.00 17.73  ? 1113 THR A CB  1 
ATOM   916  O OG1 . THR A 1 113 ? -2.305  10.616  7.193   1.00 31.28  ? 1113 THR A OG1 1 
ATOM   917  C CG2 . THR A 1 113 ? -3.606  11.678  8.765   1.00 22.39  ? 1113 THR A CG2 1 
ATOM   918  N N   . PHE A 1 114 ? -5.567  9.178   5.540   1.00 10.54  ? 1114 PHE A N   1 
ATOM   919  C CA  . PHE A 1 114 ? -5.732  8.564   4.239   1.00 11.27  ? 1114 PHE A CA  1 
ATOM   920  C C   . PHE A 1 114 ? -5.711  9.569   3.121   1.00 10.64  ? 1114 PHE A C   1 
ATOM   921  O O   . PHE A 1 114 ? -6.113  10.746  3.289   1.00 11.25  ? 1114 PHE A O   1 
ATOM   922  C CB  A PHE A 1 114 ? -6.780  7.470   4.271   0.45 12.98  ? 1114 PHE A CB  1 
ATOM   923  C CB  B PHE A 1 114 ? -7.274  8.215   4.312   0.55 11.26  ? 1114 PHE A CB  1 
ATOM   924  C CG  A PHE A 1 114 ? -8.194  7.896   4.043   0.45 12.98  ? 1114 PHE A CG  1 
ATOM   925  C CG  B PHE A 1 114 ? -7.805  7.629   3.033   0.55 12.31  ? 1114 PHE A CG  1 
ATOM   926  C CD1 A PHE A 1 114 ? -8.639  8.119   2.761   0.45 14.31  ? 1114 PHE A CD1 1 
ATOM   927  C CD1 B PHE A 1 114 ? -7.524  6.315   2.655   0.55 12.99  ? 1114 PHE A CD1 1 
ATOM   928  C CD2 A PHE A 1 114 ? -9.060  8.017   5.101   0.45 11.93  ? 1114 PHE A CD2 1 
ATOM   929  C CD2 B PHE A 1 114 ? -8.578  8.343   2.134   0.55 16.42  ? 1114 PHE A CD2 1 
ATOM   930  C CE1 A PHE A 1 114 ? -9.953  8.539   2.612   0.45 17.05  ? 1114 PHE A CE1 1 
ATOM   931  C CE1 B PHE A 1 114 ? -8.004  5.805   1.471   0.55 15.27  ? 1114 PHE A CE1 1 
ATOM   932  C CE2 A PHE A 1 114 ? -10.405 8.446   5.009   0.45 10.07  ? 1114 PHE A CE2 1 
ATOM   933  C CE2 B PHE A 1 114 ? -9.070  7.834   0.954   0.55 16.27  ? 1114 PHE A CE2 1 
ATOM   934  C CZ  A PHE A 1 114 ? -10.807 8.557   3.712   0.45 14.94  ? 1114 PHE A CZ  1 
ATOM   935  C CZ  B PHE A 1 114 ? -8.779  6.523   0.580   0.55 16.67  ? 1114 PHE A CZ  1 
ATOM   936  N N   . VAL A 1 115 ? -5.259  9.117   1.932   1.00 11.53  ? 1115 VAL A N   1 
ATOM   937  C CA  . VAL A 1 115 ? -5.362  9.872   0.722   1.00 14.55  ? 1115 VAL A CA  1 
ATOM   938  C C   . VAL A 1 115 ? -6.022  8.903   -0.277  1.00 19.44  ? 1115 VAL A C   1 
ATOM   939  O O   . VAL A 1 115 ? -5.498  7.810   -0.487  1.00 26.54  ? 1115 VAL A O   1 
ATOM   940  C CB  . VAL A 1 115 ? -4.005  10.410  0.243   1.00 18.45  ? 1115 VAL A CB  1 
ATOM   941  C CG1 . VAL A 1 115 ? -4.099  11.138  -1.067  1.00 30.12  ? 1115 VAL A CG1 1 
ATOM   942  C CG2 . VAL A 1 115 ? -3.430  11.302  1.366   1.00 18.39  ? 1115 VAL A CG2 1 
ATOM   943  N N   . ASN A 1 116 ? -7.142  9.183   -0.916  1.00 17.32  ? 1116 ASN A N   1 
ATOM   944  C CA  . ASN A 1 116 ? -7.860  8.312   -1.904  1.00 14.88  ? 1116 ASN A CA  1 
ATOM   945  C C   . ASN A 1 116 ? -8.435  9.224   -2.958  1.00 16.23  ? 1116 ASN A C   1 
ATOM   946  O O   . ASN A 1 116 ? -9.639  9.411   -3.046  1.00 19.20  ? 1116 ASN A O   1 
ATOM   947  C CB  . ASN A 1 116 ? -8.941  7.437   -1.243  1.00 20.54  ? 1116 ASN A CB  1 
ATOM   948  C CG  . ASN A 1 116 ? -9.616  6.477   -2.232  1.00 21.89  ? 1116 ASN A CG  1 
ATOM   949  O OD1 . ASN A 1 116 ? -9.022  6.072   -3.243  1.00 26.42  ? 1116 ASN A OD1 1 
ATOM   950  N ND2 . ASN A 1 116 ? -10.867 6.117   -1.917  1.00 21.04  ? 1116 ASN A ND2 1 
ATOM   951  N N   . ASN A 1 117 ? -7.565  9.803   -3.767  1.00 21.59  ? 1117 ASN A N   1 
ATOM   952  C CA  . ASN A 1 117 ? -7.908  10.742  -4.811  1.00 17.22  ? 1117 ASN A CA  1 
ATOM   953  C C   . ASN A 1 117 ? -7.950  10.177  -6.190  1.00 20.87  ? 1117 ASN A C   1 
ATOM   954  O O   . ASN A 1 117 ? -6.906  9.760   -6.711  1.00 21.66  ? 1117 ASN A O   1 
ATOM   955  C CB  . ASN A 1 117 ? -6.712  11.705  -4.656  1.00 20.84  ? 1117 ASN A CB  1 
ATOM   956  C CG  . ASN A 1 117 ? -6.900  12.759  -5.708  1.00 20.47  ? 1117 ASN A CG  1 
ATOM   957  O OD1 . ASN A 1 117 ? -7.870  12.957  -6.431  1.00 24.82  ? 1117 ASN A OD1 1 
ATOM   958  N ND2 . ASN A 1 117 ? -5.920  13.648  -5.792  1.00 24.72  ? 1117 ASN A ND2 1 
ATOM   959  N N   . PRO A 1 118 ? -9.123  10.210  -6.810  1.00 25.53  ? 1118 PRO A N   1 
ATOM   960  C CA  . PRO A 1 118 ? -9.246  9.638   -8.129  1.00 26.28  ? 1118 PRO A CA  1 
ATOM   961  C C   . PRO A 1 118 ? -8.733  10.529  -9.259  1.00 27.08  ? 1118 PRO A C   1 
ATOM   962  O O   . PRO A 1 118 ? -8.644  10.122  -10.426 1.00 25.88  ? 1118 PRO A O   1 
ATOM   963  C CB  . PRO A 1 118 ? -10.753 9.421   -8.202  1.00 31.00  ? 1118 PRO A CB  1 
ATOM   964  C CG  . PRO A 1 118 ? -11.390 10.465  -7.345  1.00 28.91  ? 1118 PRO A CG  1 
ATOM   965  C CD  . PRO A 1 118 ? -10.371 10.760  -6.235  1.00 27.58  ? 1118 PRO A CD  1 
ATOM   966  N N   . THR A 1 119 ? -8.303  11.770  -9.030  1.00 26.37  ? 1119 THR A N   1 
ATOM   967  C CA  . THR A 1 119 ? -8.084  12.638  -10.178 1.00 26.29  ? 1119 THR A CA  1 
ATOM   968  C C   . THR A 1 119 ? -6.630  12.751  -10.600 1.00 24.30  ? 1119 THR A C   1 
ATOM   969  O O   . THR A 1 119 ? -6.352  13.224  -11.699 1.00 22.60  ? 1119 THR A O   1 
ATOM   970  C CB  . THR A 1 119 ? -8.668  14.050  -9.906  1.00 29.52  ? 1119 THR A CB  1 
ATOM   971  O OG1 . THR A 1 119 ? -7.899  14.676  -8.894  1.00 29.51  ? 1119 THR A OG1 1 
ATOM   972  C CG2 . THR A 1 119 ? -10.105 13.971  -9.398  1.00 35.43  ? 1119 THR A CG2 1 
ATOM   973  N N   . ALA A 1 120 ? -5.694  12.335  -9.751  1.00 22.29  ? 1120 ALA A N   1 
ATOM   974  C CA  . ALA A 1 120 ? -4.308  12.589  -10.010 1.00 19.98  ? 1120 ALA A CA  1 
ATOM   975  C C   . ALA A 1 120 ? -3.400  11.665  -9.218  1.00 18.83  ? 1120 ALA A C   1 
ATOM   976  O O   . ALA A 1 120 ? -3.795  11.210  -8.168  1.00 31.92  ? 1120 ALA A O   1 
ATOM   977  C CB  . ALA A 1 120 ? -3.949  14.038  -9.675  1.00 24.27  ? 1120 ALA A CB  1 
ATOM   978  N N   . ALA A 1 121 ? -2.208  11.428  -9.721  1.00 16.41  ? 1121 ALA A N   1 
ATOM   979  C CA  . ALA A 1 121 ? -1.210  10.668  -8.938  1.00 15.83  ? 1121 ALA A CA  1 
ATOM   980  C C   . ALA A 1 121 ? -0.557  11.579  -7.917  1.00 14.00  ? 1121 ALA A C   1 
ATOM   981  O O   . ALA A 1 121 ? -0.249  12.734  -8.224  1.00 17.77  ? 1121 ALA A O   1 
ATOM   982  C CB  . ALA A 1 121 ? -0.209  10.111  -9.936  1.00 15.58  ? 1121 ALA A CB  1 
ATOM   983  N N   . MET A 1 122 ? -0.303  11.020  -6.744  1.00 13.80  ? 1122 MET A N   1 
ATOM   984  C CA  . MET A 1 122 ? 0.492   11.754  -5.761  1.00 13.96  ? 1122 MET A CA  1 
ATOM   985  C C   . MET A 1 122 ? 1.924   11.909  -6.249  1.00 14.37  ? 1122 MET A C   1 
ATOM   986  O O   . MET A 1 122 ? 2.522   10.950  -6.715  1.00 15.07  ? 1122 MET A O   1 
ATOM   987  C CB  . MET A 1 122 ? 0.485   10.992  -4.450  1.00 14.54  ? 1122 MET A CB  1 
ATOM   988  C CG  . MET A 1 122 ? 1.120   11.820  -3.311  1.00 13.73  ? 1122 MET A CG  1 
ATOM   989  S SD  . MET A 1 122 ? 1.190   10.886  -1.747  1.00 13.90  ? 1122 MET A SD  1 
ATOM   990  C CE  . MET A 1 122 ? -0.523  10.815  -1.356  1.00 15.05  ? 1122 MET A CE  1 
ATOM   991  N N   . SER A 1 123 ? 2.488   13.122  -6.082  1.00 14.68  ? 1123 SER A N   1 
ATOM   992  C CA  . SER A 1 123 ? 3.881   13.353  -6.509  1.00 15.08  ? 1123 SER A CA  1 
ATOM   993  C C   . SER A 1 123 ? 4.802   12.724  -5.469  1.00 14.46  ? 1123 SER A C   1 
ATOM   994  O O   . SER A 1 123 ? 4.492   12.508  -4.300  1.00 13.73  ? 1123 SER A O   1 
ATOM   995  C CB  . SER A 1 123 ? 4.194   14.841  -6.589  1.00 16.76  ? 1123 SER A CB  1 
ATOM   996  O OG  . SER A 1 123 ? 4.180   15.431  -5.243  1.00 19.07  ? 1123 SER A OG  1 
ATOM   997  N N   . GLN A 1 124 ? 6.063   12.535  -5.931  1.00 14.72  ? 1124 GLN A N   1 
ATOM   998  C CA  . GLN A 1 124 ? 7.080   12.064  -4.982  1.00 13.79  ? 1124 GLN A CA  1 
ATOM   999  C C   . GLN A 1 124 ? 7.339   13.036  -3.856  1.00 13.32  ? 1124 GLN A C   1 
ATOM   1000 O O   . GLN A 1 124 ? 7.504   12.631  -2.707  1.00 14.52  ? 1124 GLN A O   1 
ATOM   1001 C CB  . GLN A 1 124 ? 8.395   11.750  -5.727  1.00 14.58  ? 1124 GLN A CB  1 
ATOM   1002 C CG  . GLN A 1 124 ? 9.378   11.041  -4.771  1.00 15.57  ? 1124 GLN A CG  1 
ATOM   1003 C CD  . GLN A 1 124 ? 10.691  10.702  -5.408  1.00 18.49  ? 1124 GLN A CD  1 
ATOM   1004 O OE1 . GLN A 1 124 ? 11.701  10.409  -4.748  1.00 20.11  ? 1124 GLN A OE1 1 
ATOM   1005 N NE2 . GLN A 1 124 ? 10.765  10.730  -6.718  1.00 25.80  ? 1124 GLN A NE2 1 
ATOM   1006 N N   . ASP A 1 125 ? 7.399   14.327  -4.190  1.00 15.39  ? 1125 ASP A N   1 
ATOM   1007 C CA  . ASP A 1 125 ? 7.627   15.316  -3.148  1.00 17.00  ? 1125 ASP A CA  1 
ATOM   1008 C C   . ASP A 1 125 ? 6.526   15.253  -2.100  1.00 15.06  ? 1125 ASP A C   1 
ATOM   1009 O O   . ASP A 1 125 ? 6.785   15.332  -0.905  1.00 16.72  ? 1125 ASP A O   1 
ATOM   1010 C CB  . ASP A 1 125 ? 7.690   16.721  -3.754  1.00 23.75  ? 1125 ASP A CB  1 
ATOM   1011 C CG  . ASP A 1 125 ? 9.055   17.064  -4.316  1.00 32.10  ? 1125 ASP A CG  1 
ATOM   1012 O OD1 . ASP A 1 125 ? 9.961   16.224  -4.485  1.00 31.29  ? 1125 ASP A OD1 1 
ATOM   1013 O OD2 . ASP A 1 125 ? 9.242   18.270  -4.622  1.00 43.51  ? 1125 ASP A OD2 1 
ATOM   1014 N N   . GLU A 1 126 ? 5.269   15.110  -2.593  1.00 15.42  ? 1126 GLU A N   1 
ATOM   1015 C CA  . GLU A 1 126 ? 4.209   15.053  -1.595  1.00 15.08  ? 1126 GLU A CA  1 
ATOM   1016 C C   . GLU A 1 126 ? 4.319   13.799  -0.723  1.00 13.34  ? 1126 GLU A C   1 
ATOM   1017 O O   . GLU A 1 126 ? 4.175   13.832  0.476   1.00 15.61  ? 1126 GLU A O   1 
ATOM   1018 C CB  . GLU A 1 126 ? 2.816   15.129  -2.219  1.00 16.19  ? 1126 GLU A CB  1 
ATOM   1019 C CG  . GLU A 1 126 ? 1.702   14.997  -1.187  1.00 16.75  ? 1126 GLU A CG  1 
ATOM   1020 C CD  . GLU A 1 126 ? 0.296   15.142  -1.777  1.00 20.12  ? 1126 GLU A CD  1 
ATOM   1021 O OE1 . GLU A 1 126 ? 0.095   15.844  -2.790  1.00 21.56  ? 1126 GLU A OE1 1 
ATOM   1022 O OE2 . GLU A 1 126 ? -0.604  14.487  -1.194  1.00 19.31  ? 1126 GLU A OE2 1 
ATOM   1023 N N   . LEU A 1 127 ? 4.567   12.650  -1.375  1.00 12.72  ? 1127 LEU A N   1 
ATOM   1024 C CA  . LEU A 1 127 ? 4.704   11.383  -0.649  1.00 12.46  ? 1127 LEU A CA  1 
ATOM   1025 C C   . LEU A 1 127 ? 5.858   11.416  0.347   1.00 11.80  ? 1127 LEU A C   1 
ATOM   1026 O O   . LEU A 1 127 ? 5.677   10.986  1.495   1.00 12.72  ? 1127 LEU A O   1 
ATOM   1027 C CB  . LEU A 1 127 ? 4.903   10.257  -1.677  1.00 11.62  ? 1127 LEU A CB  1 
ATOM   1028 C CG  . LEU A 1 127 ? 5.096   8.860   -1.063  1.00 10.42  ? 1127 LEU A CG  1 
ATOM   1029 C CD1 . LEU A 1 127 ? 3.921   8.432   -0.222  1.00 11.61  ? 1127 LEU A CD1 1 
ATOM   1030 C CD2 . LEU A 1 127 ? 5.373   7.842   -2.173  1.00 13.25  ? 1127 LEU A CD2 1 
ATOM   1031 N N   . SER A 1 128 ? 6.990   11.941  -0.071  1.00 13.18  ? 1128 SER A N   1 
ATOM   1032 C CA  . SER A 1 128 ? 8.139   12.044  0.828   1.00 14.25  ? 1128 SER A CA  1 
ATOM   1033 C C   . SER A 1 128 ? 7.783   12.854  2.067   1.00 16.60  ? 1128 SER A C   1 
ATOM   1034 O O   . SER A 1 128 ? 8.137   12.489  3.197   1.00 17.02  ? 1128 SER A O   1 
ATOM   1035 C CB  . SER A 1 128 ? 9.300   12.645  0.006   1.00 18.36  ? 1128 SER A CB  1 
ATOM   1036 O OG  . SER A 1 128 ? 10.383  12.831  0.849   1.00 25.48  ? 1128 SER A OG  1 
ATOM   1037 N N   . GLY A 1 129 ? 7.065   13.992  1.884   1.00 16.61  ? 1129 GLY A N   1 
ATOM   1038 C CA  . GLY A 1 129 ? 6.710   14.798  3.041   1.00 18.26  ? 1129 GLY A CA  1 
ATOM   1039 C C   . GLY A 1 129 ? 5.699   14.070  3.939   1.00 18.40  ? 1129 GLY A C   1 
ATOM   1040 O O   . GLY A 1 129 ? 5.855   14.164  5.161   1.00 18.27  ? 1129 GLY A O   1 
ATOM   1041 N N   . ARG A 1 130 ? 4.733   13.372  3.359   1.00 15.36  ? 1130 ARG A N   1 
ATOM   1042 C CA  . ARG A 1 130 ? 3.780   12.653  4.253   1.00 15.31  ? 1130 ARG A CA  1 
ATOM   1043 C C   . ARG A 1 130 ? 4.502   11.569  5.051   1.00 14.64  ? 1130 ARG A C   1 
ATOM   1044 O O   . ARG A 1 130 ? 4.227   11.320  6.234   1.00 18.09  ? 1130 ARG A O   1 
ATOM   1045 C CB  . ARG A 1 130 ? 2.619   12.079  3.440   1.00 15.24  ? 1130 ARG A CB  1 
ATOM   1046 C CG  . ARG A 1 130 ? 1.750   13.195  2.797   1.00 16.56  ? 1130 ARG A CG  1 
ATOM   1047 C CD  . ARG A 1 130 ? 0.684   12.532  1.940   1.00 16.24  ? 1130 ARG A CD  1 
ATOM   1048 N NE  . ARG A 1 130 ? -0.277  13.445  1.381   1.00 17.07  ? 1130 ARG A NE  1 
ATOM   1049 C CZ  . ARG A 1 130 ? -1.317  13.995  2.015   1.00 19.18  ? 1130 ARG A CZ  1 
ATOM   1050 N NH1 . ARG A 1 130 ? -1.622  13.763  3.275   1.00 23.65  ? 1130 ARG A NH1 1 
ATOM   1051 N NH2 . ARG A 1 130 ? -2.093  14.817  1.295   1.00 25.71  ? 1130 ARG A NH2 1 
ATOM   1052 N N   . VAL A 1 131 ? 5.460   10.910  4.386   1.00 14.01  ? 1131 VAL A N   1 
ATOM   1053 C CA  . VAL A 1 131 ? 6.199   9.835   5.101   1.00 13.94  ? 1131 VAL A CA  1 
ATOM   1054 C C   . VAL A 1 131 ? 7.106   10.421  6.185   1.00 15.35  ? 1131 VAL A C   1 
ATOM   1055 O O   . VAL A 1 131 ? 7.139   9.878   7.311   1.00 16.84  ? 1131 VAL A O   1 
ATOM   1056 C CB  . VAL A 1 131 ? 6.965   9.015   4.053   1.00 14.38  ? 1131 VAL A CB  1 
ATOM   1057 C CG1 . VAL A 1 131 ? 7.973   8.092   4.722   1.00 14.40  ? 1131 VAL A CG1 1 
ATOM   1058 C CG2 . VAL A 1 131 ? 5.961   8.221   3.212   1.00 12.59  ? 1131 VAL A CG2 1 
ATOM   1059 N N   . ALA A 1 132 ? 7.792   11.534  5.887   1.00 17.73  ? 1132 ALA A N   1 
ATOM   1060 C CA  . ALA A 1 132 ? 8.600   12.180  6.927   1.00 19.73  ? 1132 ALA A CA  1 
ATOM   1061 C C   . ALA A 1 132 ? 7.745   12.560  8.117   1.00 18.66  ? 1132 ALA A C   1 
ATOM   1062 O O   . ALA A 1 132 ? 8.236   12.557  9.271   1.00 22.16  ? 1132 ALA A O   1 
ATOM   1063 C CB  . ALA A 1 132 ? 9.238   13.415  6.313   1.00 24.79  ? 1132 ALA A CB  1 
ATOM   1064 N N   . ALA A 1 133 ? 6.490   12.965  7.903   1.00 20.38  ? 1133 ALA A N   1 
ATOM   1065 C CA  . ALA A 1 133 ? 5.668   13.455  9.019   1.00 22.45  ? 1133 ALA A CA  1 
ATOM   1066 C C   . ALA A 1 133 ? 5.363   12.336  10.002  1.00 21.36  ? 1133 ALA A C   1 
ATOM   1067 O O   . ALA A 1 133 ? 5.050   12.606  11.144  1.00 28.55  ? 1133 ALA A O   1 
ATOM   1068 C CB  . ALA A 1 133 ? 4.313   14.062  8.570   1.00 23.76  ? 1133 ALA A CB  1 
ATOM   1069 N N   . LEU A 1 134 ? 5.440   11.087  9.565   1.00 18.53  ? 1134 LEU A N   1 
ATOM   1070 C CA  . LEU A 1 134 ? 5.206   9.977   10.520  1.00 20.43  ? 1134 LEU A CA  1 
ATOM   1071 C C   . LEU A 1 134 ? 6.361   10.073  11.569  1.00 23.72  ? 1134 LEU A C   1 
ATOM   1072 O O   . LEU A 1 134 ? 5.491   9.309   12.517  1.00 22.37  ? 1134 LEU A O   1 
ATOM   1073 C CB  . LEU A 1 134 ? 5.053   8.700   9.742   1.00 16.81  ? 1134 LEU A CB  1 
ATOM   1074 C CG  . LEU A 1 134 ? 4.088   8.629   8.562   1.00 15.86  ? 1134 LEU A CG  1 
ATOM   1075 C CD1 . LEU A 1 134 ? 4.170   7.299   7.816   1.00 17.16  ? 1134 LEU A CD1 1 
ATOM   1076 C CD2 . LEU A 1 134 ? 2.657   8.847   9.067   1.00 17.48  ? 1134 LEU A CD2 1 
HETATM 1077 O O   . HOH B 2 .   ? -13.300 -7.504  5.072   1.00 13.61  ? 9001 HOH A O   1 
HETATM 1078 O O   . HOH B 2 .   ? 13.222  2.840   -7.882  0.50 11.64  ? 9002 HOH A O   1 
HETATM 1079 O O   . HOH B 2 .   ? 10.925  1.285   3.803   1.00 12.48  ? 9003 HOH A O   1 
HETATM 1080 O O   . HOH B 2 .   ? 7.429   -4.133  3.668   1.00 15.13  ? 9004 HOH A O   1 
HETATM 1081 O O   . HOH B 2 .   ? 9.122   -0.875  3.630   1.00 13.27  ? 9005 HOH A O   1 
HETATM 1082 O O   . HOH B 2 .   ? 10.257  1.285   -14.381 1.00 13.91  ? 9006 HOH A O   1 
HETATM 1083 O O   . HOH B 2 .   ? 11.285  0.153   -2.734  1.00 13.50  ? 9007 HOH A O   1 
HETATM 1084 O O   . HOH B 2 .   ? 8.184   0.671   10.618  1.00 14.66  ? 9008 HOH A O   1 
HETATM 1085 O O   . HOH B 2 .   ? 12.354  -0.513  -0.146  1.00 13.89  ? 9009 HOH A O   1 
HETATM 1086 O O   . HOH B 2 .   ? -14.768 -10.883 -0.651  1.00 17.77  ? 9010 HOH A O   1 
HETATM 1087 O O   . HOH B 2 .   ? -0.951  9.922   9.756   1.00 17.49  ? 9011 HOH A O   1 
HETATM 1088 O O   . HOH B 2 .   ? 12.698  -5.715  -10.578 1.00 18.30  ? 9012 HOH A O   1 
HETATM 1089 O O   . HOH B 2 .   ? 5.963   -9.324  -1.304  1.00 16.77  ? 9013 HOH A O   1 
HETATM 1090 O O   . HOH B 2 .   ? -6.468  -11.104 1.478   1.00 18.81  ? 9014 HOH A O   1 
HETATM 1091 O O   . HOH B 2 .   ? 1.080   -5.869  -14.874 1.00 13.24  ? 9015 HOH A O   1 
HETATM 1092 O O   . HOH B 2 .   ? 9.379   9.024   8.834   1.00 22.50  ? 9016 HOH A O   1 
HETATM 1093 O O   . HOH B 2 .   ? -5.364  -12.068 -7.332  1.00 19.34  ? 9017 HOH A O   1 
HETATM 1094 O O   . HOH B 2 .   ? 2.247   -1.635  -16.004 1.00 20.15  ? 9018 HOH A O   1 
HETATM 1095 O O   . HOH B 2 .   ? -7.939  8.909   11.015  1.00 20.56  ? 9019 HOH A O   1 
HETATM 1096 O O   . HOH B 2 .   ? -1.560  -5.083  -15.506 1.00 18.60  ? 9020 HOH A O   1 
HETATM 1097 O O   . HOH B 2 .   ? 0.755   6.243   -15.932 1.00 20.59  ? 9021 HOH A O   1 
HETATM 1098 O O   . HOH B 2 .   ? -3.725  -11.574 0.943   1.00 23.24  ? 9022 HOH A O   1 
HETATM 1099 O O   . HOH B 2 .   ? -6.067  8.596   -9.045  1.00 18.08  ? 9023 HOH A O   1 
HETATM 1100 O O   . HOH B 2 .   ? 7.523   -9.198  -8.514  1.00 14.41  ? 9024 HOH A O   1 
HETATM 1101 O O   . HOH B 2 .   ? 4.429   10.002  -8.321  1.00 17.43  ? 9025 HOH A O   1 
HETATM 1102 O O   . HOH B 2 .   ? 5.753   -11.955 4.907   1.00 19.05  ? 9026 HOH A O   1 
HETATM 1103 O O   . HOH B 2 .   ? -11.547 -7.261  -5.543  1.00 21.68  ? 9027 HOH A O   1 
HETATM 1104 O O   . HOH B 2 .   ? 3.167   -3.979  -15.039 1.00 17.76  ? 9028 HOH A O   1 
HETATM 1105 O O   . HOH B 2 .   ? 1.330   1.035   11.954  1.00 20.89  ? 9029 HOH A O   1 
HETATM 1106 O O   . HOH B 2 .   ? 9.195   -3.317  10.148  1.00 17.93  ? 9030 HOH A O   1 
HETATM 1107 O O   . HOH B 2 .   ? 3.494   16.257  1.778   1.00 24.33  ? 9031 HOH A O   1 
HETATM 1108 O O   . HOH B 2 .   ? 5.198   5.405   -14.321 1.00 20.18  ? 9032 HOH A O   1 
HETATM 1109 O O   . HOH B 2 .   ? 0.728   15.387  -5.325  1.00 21.10  ? 9033 HOH A O   1 
HETATM 1110 O O   . HOH B 2 .   ? 17.926  4.101   2.779   1.00 23.28  ? 9034 HOH A O   1 
HETATM 1111 O O   . HOH B 2 .   ? 15.662  0.819   2.179   1.00 19.99  ? 9035 HOH A O   1 
HETATM 1112 O O   . HOH B 2 .   ? 7.657   15.386  -6.870  1.00 21.98  ? 9036 HOH A O   1 
HETATM 1113 O O   . HOH B 2 .   ? 6.190   -12.766 -12.354 1.00 19.84  ? 9037 HOH A O   1 
HETATM 1114 O O   . HOH B 2 .   ? 6.217   -7.824  -3.579  1.00 18.61  ? 9038 HOH A O   1 
HETATM 1115 O O   . HOH B 2 .   ? 12.737  9.510   -1.970  1.00 24.14  ? 9039 HOH A O   1 
HETATM 1116 O O   . HOH B 2 .   ? -7.153  -11.471 4.126   1.00 22.48  ? 9040 HOH A O   1 
HETATM 1117 O O   . HOH B 2 .   ? 8.751   9.357   -9.216  1.00 21.20  ? 9041 HOH A O   1 
HETATM 1118 O O   . HOH B 2 .   ? 14.304  9.651   -5.629  1.00 19.81  ? 9042 HOH A O   1 
HETATM 1119 O O   . HOH B 2 .   ? 7.845   -10.484 -12.284 1.00 22.65  ? 9043 HOH A O   1 
HETATM 1120 O O   . HOH B 2 .   ? 10.690  -1.230  7.974   1.00 30.44  ? 9044 HOH A O   1 
HETATM 1121 O O   . HOH B 2 .   ? 3.196   8.127   16.751  1.00 28.05  ? 9045 HOH A O   1 
HETATM 1122 O O   . HOH B 2 .   ? 5.724   -5.551  9.797   1.00 17.55  ? 9046 HOH A O   1 
HETATM 1123 O O   . HOH B 2 .   ? -0.260  -14.793 -3.671  1.00 24.89  ? 9047 HOH A O   1 
HETATM 1124 O O   . HOH B 2 .   ? 13.811  5.809   7.685   1.00 30.67  ? 9048 HOH A O   1 
HETATM 1125 O O   . HOH B 2 .   ? 6.663   -9.941  3.085   1.00 25.54  ? 9049 HOH A O   1 
HETATM 1126 O O   . HOH B 2 .   ? -5.555  16.018  -7.102  1.00 35.70  ? 9050 HOH A O   1 
HETATM 1127 O O   . HOH B 2 .   ? 5.339   7.437   14.531  1.00 21.57  ? 9051 HOH A O   1 
HETATM 1128 O O   . HOH B 2 .   ? -1.107  -14.810 -13.447 1.00 25.85  ? 9052 HOH A O   1 
HETATM 1129 O O   . HOH B 2 .   ? 14.774  -0.890  -1.433  1.00 20.09  ? 9053 HOH A O   1 
HETATM 1130 O O   . HOH B 2 .   ? -9.629  -9.636  12.750  1.00 35.77  ? 9054 HOH A O   1 
HETATM 1131 O O   . HOH B 2 .   ? -1.820  14.393  -6.454  1.00 28.74  ? 9055 HOH A O   1 
HETATM 1132 O O   . HOH B 2 .   ? 9.669   9.847   11.590  1.00 33.06  ? 9056 HOH A O   1 
HETATM 1133 O O   . HOH B 2 .   ? -9.872  -13.634 1.164   1.00 22.19  ? 9057 HOH A O   1 
HETATM 1134 O O   . HOH B 2 .   ? 4.108   -11.395 9.195   1.00 19.40  ? 9058 HOH A O   1 
HETATM 1135 O O   . HOH B 2 .   ? 9.481   11.992  -9.019  1.00 33.17  ? 9059 HOH A O   1 
HETATM 1136 O O   . HOH B 2 .   ? 13.181  -0.184  2.597   1.00 20.47  ? 9060 HOH A O   1 
HETATM 1137 O O   . HOH B 2 .   ? -6.907  6.162   7.853   1.00 17.42  ? 9061 HOH A O   1 
HETATM 1138 O O   . HOH B 2 .   ? 12.663  -8.682  -13.162 1.00 26.34  ? 9062 HOH A O   1 
HETATM 1139 O O   . HOH B 2 .   ? 8.006   -6.570  -15.169 1.00 18.96  ? 9063 HOH A O   1 
HETATM 1140 O O   . HOH B 2 .   ? -4.663  -0.220  -18.265 0.50 21.73  ? 9064 HOH A O   1 
HETATM 1141 O O   . HOH B 2 .   ? 11.983  10.285  0.713   1.00 20.77  ? 9065 HOH A O   1 
HETATM 1142 O O   . HOH B 2 .   ? 12.807  10.081  -8.138  1.00 25.09  ? 9066 HOH A O   1 
HETATM 1143 O O   . HOH B 2 .   ? -1.882  10.298  12.357  1.00 26.86  ? 9067 HOH A O   1 
HETATM 1144 O O   . HOH B 2 .   ? -14.644 -5.419  6.141   1.00 22.74  ? 9068 HOH A O   1 
HETATM 1145 O O   . HOH B 2 .   ? 15.169  -4.005  -4.867  0.50 26.01  ? 9069 HOH A O   1 
HETATM 1146 O O   . HOH B 2 .   ? 10.144  -9.089  -7.708  1.00 25.76  ? 9070 HOH A O   1 
HETATM 1147 O O   . HOH B 2 .   ? -7.456  13.345  -14.153 1.00 57.37  ? 9071 HOH A O   1 
HETATM 1148 O O   . HOH B 2 .   ? 6.234   -5.613  5.458   1.00 20.75  ? 9072 HOH A O   1 
HETATM 1149 O O   . HOH B 2 .   ? -1.741  12.506  -12.309 1.00 32.82  ? 9073 HOH A O   1 
HETATM 1150 O O   . HOH B 2 .   ? 1.802   -18.818 2.072   1.00 30.81  ? 9074 HOH A O   1 
HETATM 1151 O O   . HOH B 2 .   ? 17.324  8.327   2.819   1.00 29.47  ? 9075 HOH A O   1 
HETATM 1152 O O   . HOH B 2 .   ? -10.754 3.929   5.585   1.00 28.88  ? 9076 HOH A O   1 
HETATM 1153 O O   . HOH B 2 .   ? 8.902   -6.978  -3.562  1.00 20.12  ? 9077 HOH A O   1 
HETATM 1154 O O   . HOH B 2 .   ? -7.902  -10.264 -7.565  1.00 25.43  ? 9078 HOH A O   1 
HETATM 1155 O O   . HOH B 2 .   ? -2.512  13.510  -2.949  1.00 32.78  ? 9079 HOH A O   1 
HETATM 1156 O O   . HOH B 2 .   ? 1.614   12.191  6.961   1.00 24.69  ? 9080 HOH A O   1 
HETATM 1157 O O   . HOH B 2 .   ? -7.498  -11.853 8.151   1.00 31.71  ? 9081 HOH A O   1 
HETATM 1158 O O   . HOH B 2 .   ? 6.900   16.438  6.238   1.00 37.91  ? 9082 HOH A O   1 
HETATM 1159 O O   . HOH B 2 .   ? 6.915   13.194  -8.522  1.00 27.30  ? 9083 HOH A O   1 
HETATM 1160 O O   . HOH B 2 .   ? 2.069   -20.116 -1.770  1.00 41.39  ? 9084 HOH A O   1 
HETATM 1161 O O   . HOH B 2 .   ? 11.698  -9.238  -10.481 1.00 23.59  ? 9085 HOH A O   1 
HETATM 1162 O O   . HOH B 2 .   ? 3.091   -16.587 -5.946  1.00 26.48  ? 9086 HOH A O   1 
HETATM 1163 O O   . HOH B 2 .   ? 0.070   -14.820 8.960   1.00 34.89  ? 9087 HOH A O   1 
HETATM 1164 O O   . HOH B 2 .   ? -15.860 -0.564  6.313   1.00 39.34  ? 9088 HOH A O   1 
HETATM 1165 O O   . HOH B 2 .   ? -12.280 -14.814 0.355   1.00 20.42  ? 9089 HOH A O   1 
HETATM 1166 O O   . HOH B 2 .   ? -12.689 16.356  -8.813  1.00 43.48  ? 9090 HOH A O   1 
HETATM 1167 O O   . HOH B 2 .   ? 14.410  14.598  -5.613  1.00 67.04  ? 9091 HOH A O   1 
HETATM 1168 O O   . HOH B 2 .   ? -17.594 4.903   3.017   1.00 37.27  ? 9092 HOH A O   1 
HETATM 1169 O O   . HOH B 2 .   ? -10.213 -20.286 -3.125  1.00 54.26  ? 9093 HOH A O   1 
HETATM 1170 O O   . HOH B 2 .   ? -4.195  -15.575 -6.692  1.00 38.31  ? 9094 HOH A O   1 
HETATM 1171 O O   . HOH B 2 .   ? 7.862   14.980  12.538  1.00 47.88  ? 9095 HOH A O   1 
HETATM 1172 O O   . HOH B 2 .   ? -13.969 9.500   -6.850  1.00 46.52  ? 9096 HOH A O   1 
HETATM 1173 O O   . HOH B 2 .   ? -3.923  15.252  3.958   1.00 26.82  ? 9097 HOH A O   1 
HETATM 1174 O O   . HOH B 2 .   ? 11.623  8.551   7.532   1.00 28.95  ? 9098 HOH A O   1 
HETATM 1175 O O   . HOH B 2 .   ? 10.558  2.908   12.980  1.00 29.43  ? 9099 HOH A O   1 
HETATM 1176 O O   . HOH B 2 .   ? -3.663  -10.776 12.918  1.00 35.54  ? 9100 HOH A O   1 
HETATM 1177 O O   . HOH B 2 .   ? -0.681  12.067  5.577   1.00 22.62  ? 9101 HOH A O   1 
HETATM 1178 O O   . HOH B 2 .   ? -2.222  -16.202 -2.500  1.00 48.96  ? 9102 HOH A O   1 
HETATM 1179 O O   . HOH B 2 .   ? -5.180  8.247   -3.631  1.00 22.10  ? 9103 HOH A O   1 
HETATM 1180 O O   . HOH B 2 .   ? 10.799  11.387  3.695   1.00 24.52  ? 9104 HOH A O   1 
HETATM 1181 O O   . HOH B 2 .   ? -16.359 5.893   5.674   1.00 27.71  ? 9105 HOH A O   1 
HETATM 1182 O O   . HOH B 2 .   ? -9.225  -11.448 -0.230  1.00 19.28  ? 9106 HOH A O   1 
HETATM 1183 O O   . HOH B 2 .   ? 7.298   -6.382  7.681   1.00 17.04  ? 9107 HOH A O   1 
HETATM 1184 O O   . HOH B 2 .   ? 15.647  11.827  -5.281  1.00 24.10  ? 9108 HOH A O   1 
HETATM 1185 O O   . HOH B 2 .   ? 6.313   -9.440  -5.993  1.00 22.10  ? 9109 HOH A O   1 
HETATM 1186 O O   . HOH B 2 .   ? 14.065  11.454  -10.353 1.00 21.69  ? 9110 HOH A O   1 
HETATM 1187 O O   . HOH B 2 .   ? -11.761 1.012   7.566   1.00 18.12  ? 9111 HOH A O   1 
HETATM 1188 O O   . HOH B 2 .   ? -3.699  -6.777  -15.699 1.00 29.97  ? 9112 HOH A O   1 
HETATM 1189 O O   . HOH B 2 .   ? 4.676   -4.907  -17.206 1.00 24.04  ? 9113 HOH A O   1 
HETATM 1190 O O   . HOH B 2 .   ? 8.587   12.008  13.385  1.00 41.54  ? 9114 HOH A O   1 
HETATM 1191 O O   . HOH B 2 .   ? -14.836 -8.932  1.272   1.00 20.75  ? 9115 HOH A O   1 
HETATM 1192 O O   . HOH B 2 .   ? -3.197  9.267   -5.362  1.00 37.00  ? 9116 HOH A O   1 
HETATM 1193 O O   . HOH B 2 .   ? 0.921   11.989  9.702   1.00 29.32  ? 9117 HOH A O   1 
HETATM 1194 O O   . HOH B 2 .   ? 9.376   -9.284  -5.222  1.00 27.36  ? 9118 HOH A O   1 
HETATM 1195 O O   . HOH B 2 .   ? -1.738  15.064  6.480   1.00 44.57  ? 9119 HOH A O   1 
HETATM 1196 O O   . HOH B 2 .   ? -1.618  -0.073  15.704  1.00 30.76  ? 9120 HOH A O   1 
HETATM 1197 O O   . HOH B 2 .   ? 1.231   -7.520  -17.024 1.00 26.75  ? 9121 HOH A O   1 
HETATM 1198 O O   . HOH B 2 .   ? -10.102 1.560   13.316  1.00 43.14  ? 9122 HOH A O   1 
HETATM 1199 O O   . HOH B 2 .   ? -0.350  2.657   -17.059 1.00 28.47  ? 9123 HOH A O   1 
HETATM 1200 O O   . HOH B 2 .   ? 12.808  11.193  8.349   1.00 44.49  ? 9124 HOH A O   1 
HETATM 1201 O O   . HOH B 2 .   ? -11.319 -9.005  -17.944 1.00 35.11  ? 9125 HOH A O   1 
HETATM 1202 O O   . HOH B 2 .   ? -6.465  8.159   13.359  1.00 29.92  ? 9126 HOH A O   1 
HETATM 1203 O O   . HOH B 2 .   ? 6.979   -7.987  14.817  1.00 30.52  ? 9127 HOH A O   1 
HETATM 1204 O O   . HOH B 2 .   ? -6.143  -14.310 -8.038  1.00 45.24  ? 9128 HOH A O   1 
HETATM 1205 O O   . HOH B 2 .   ? 5.970   -11.354 -2.291  1.00 42.84  ? 9129 HOH A O   1 
HETATM 1206 O O   . HOH B 2 .   ? 13.233  -5.547  1.605   1.00 42.75  ? 9130 HOH A O   1 
HETATM 1207 O O   . HOH B 2 .   ? 15.789  10.180  -1.698  1.00 40.36  ? 9131 HOH A O   1 
HETATM 1208 O O   . HOH B 2 .   ? 5.731   8.332   -12.823 1.00 31.06  ? 9132 HOH A O   1 
HETATM 1209 O O   . HOH B 2 .   ? 0.498   1.819   14.000  1.00 36.36  ? 9133 HOH A O   1 
HETATM 1210 O O   . HOH B 2 .   ? 10.995  12.731  9.892   1.00 31.50  ? 9134 HOH A O   1 
HETATM 1211 O O   . HOH B 2 .   ? 3.410   5.883   -16.051 1.00 37.64  ? 9135 HOH A O   1 
HETATM 1212 O O   . HOH B 2 .   ? -8.541  -10.525 6.503   1.00 32.94  ? 9136 HOH A O   1 
HETATM 1213 O O   . HOH B 2 .   ? -7.149  12.203  -16.124 1.00 39.77  ? 9137 HOH A O   1 
HETATM 1214 O O   . HOH B 2 .   ? 4.150   7.473   18.724  1.00 42.52  ? 9138 HOH A O   1 
HETATM 1215 O O   . HOH B 2 .   ? 5.410   2.077   19.504  1.00 42.35  ? 9139 HOH A O   1 
HETATM 1216 O O   . HOH B 2 .   ? 3.295   16.443  4.473   1.00 39.28  ? 9140 HOH A O   1 
HETATM 1217 O O   . HOH B 2 .   ? -2.717  12.954  14.773  1.00 58.12  ? 9141 HOH A O   1 
HETATM 1218 O O   . HOH B 2 .   ? -4.488  -14.838 2.228   1.00 39.06  ? 9142 HOH A O   1 
HETATM 1219 O O   . HOH B 2 .   ? 10.864  -7.096  -1.220  1.00 41.38  ? 9143 HOH A O   1 
HETATM 1220 O O   . HOH B 2 .   ? 7.813   -9.709  0.642   1.00 37.07  ? 9144 HOH A O   1 
HETATM 1221 O O   . HOH B 2 .   ? 8.957   16.665  0.285   1.00 29.63  ? 9145 HOH A O   1 
HETATM 1222 O O   . HOH B 2 .   ? -0.389  -17.410 3.327   1.00 29.00  ? 9146 HOH A O   1 
HETATM 1223 O O   . HOH B 2 .   ? 8.577   -9.707  -14.489 1.00 32.13  ? 9147 HOH A O   1 
HETATM 1224 O O   . HOH B 2 .   ? 3.380   -14.006 8.895   1.00 30.91  ? 9148 HOH A O   1 
HETATM 1225 O O   . HOH B 2 .   ? 2.035   -9.767  -16.755 1.00 34.64  ? 9149 HOH A O   1 
HETATM 1226 O O   . HOH B 2 .   ? 2.804   -0.899  -18.106 1.00 55.42  ? 9151 HOH A O   1 
HETATM 1227 O O   . HOH B 2 .   ? 1.002   -16.982 -5.094  1.00 38.40  ? 9152 HOH A O   1 
HETATM 1228 O O   . HOH B 2 .   ? 3.226   18.315  -4.892  1.00 51.32  ? 9153 HOH A O   1 
HETATM 1229 O O   . HOH B 2 .   ? 7.866   6.857   15.437  1.00 37.47  ? 9154 HOH A O   1 
HETATM 1230 O O   . HOH B 2 .   ? -3.930  17.599  4.094   1.00 37.29  ? 9155 HOH A O   1 
HETATM 1231 O O   . HOH B 2 .   ? 10.867  14.046  -4.385  1.00 31.71  ? 9156 HOH A O   1 
HETATM 1232 O O   . HOH B 2 .   ? -4.610  13.686  -13.109 1.00 43.40  ? 9157 HOH A O   1 
HETATM 1233 O O   . HOH B 2 .   ? -12.489 -17.119 -2.840  1.00 35.21  ? 9158 HOH A O   1 
HETATM 1234 O O   . HOH B 2 .   ? -18.502 6.798   4.372   1.00 43.71  ? 9159 HOH A O   1 
HETATM 1235 O O   . HOH B 2 .   ? 0.770   17.135  2.076   1.00 50.77  ? 9160 HOH A O   1 
HETATM 1236 O O   . HOH B 2 .   ? -7.166  -7.686  -14.516 1.00 40.45  ? 9161 HOH A O   1 
HETATM 1237 O O   . HOH B 2 .   ? 3.222   -5.269  16.278  1.00 36.07  ? 9162 HOH A O   1 
HETATM 1238 O O   . HOH B 2 .   ? -10.318 0.184   -11.210 1.00 98.31  ? 9163 HOH A O   1 
HETATM 1239 O O   . HOH B 2 .   ? -3.851  -15.226 -9.959  1.00 28.37  ? 9164 HOH A O   1 
HETATM 1240 O O   . HOH B 2 .   ? -15.921 -6.861  -0.357  1.00 31.50  ? 9165 HOH A O   1 
HETATM 1241 O O   . HOH B 2 .   ? -13.666 -5.700  -1.450  1.00 34.28  ? 9166 HOH A O   1 
HETATM 1242 O O   . HOH B 2 .   ? 9.914   -3.790  3.958   1.00 32.61  ? 9167 HOH A O   1 
HETATM 1243 O O   . HOH B 2 .   ? 7.629   16.431  8.996   1.00 44.19  ? 9168 HOH A O   1 
HETATM 1244 O O   . HOH B 2 .   ? -9.957  4.780   3.295   1.00 48.65  ? 9169 HOH A O   1 
HETATM 1245 O O   . HOH B 2 .   ? 10.639  -8.737  -14.764 1.00 38.76  ? 9170 HOH A O   1 
HETATM 1246 O O   . HOH B 2 .   ? -5.800  -8.465  -18.583 1.00 55.40  ? 9171 HOH A O   1 
HETATM 1247 O O   . HOH B 2 .   ? 10.719  -11.490 1.134   1.00 41.70  ? 9172 HOH A O   1 
HETATM 1248 O O   . HOH B 2 .   ? 8.130   -13.247 3.941   1.00 40.89  ? 9173 HOH A O   1 
HETATM 1249 O O   . HOH B 2 .   ? 15.994  -6.905  -3.590  0.50 46.39  ? 9174 HOH A O   1 
HETATM 1250 O O   . HOH B 2 .   ? -10.651 -8.928  -7.284  1.00 43.32  ? 9175 HOH A O   1 
HETATM 1251 O O   . HOH B 2 .   ? -6.591  -13.462 -0.282  1.00 46.64  ? 9176 HOH A O   1 
HETATM 1252 O O   . HOH B 2 .   ? 1.047   -0.441  19.614  1.00 51.63  ? 9177 HOH A O   1 
HETATM 1253 O O   . HOH B 2 .   ? -9.255  18.980  -11.245 1.00 50.63  ? 9178 HOH A O   1 
HETATM 1254 O O   . HOH B 2 .   ? -5.104  -6.182  -17.597 1.00 38.21  ? 9179 HOH A O   1 
HETATM 1255 O O   . HOH B 2 .   ? 2.610   -10.914 13.895  1.00 38.39  ? 9180 HOH A O   1 
HETATM 1256 O O   . HOH B 2 .   ? 12.139  13.443  -11.390 1.00 46.42  ? 9181 HOH A O   1 
HETATM 1257 O O   . HOH B 2 .   ? -1.128  18.625  0.240   1.00 63.30  ? 9182 HOH A O   1 
HETATM 1258 O O   . HOH B 2 .   ? -16.409 2.455   0.404   1.00 49.02  ? 9183 HOH A O   1 
HETATM 1259 O O   . HOH B 2 .   ? -11.820 -12.390 -6.976  1.00 44.45  ? 9184 HOH A O   1 
HETATM 1260 O O   . HOH B 2 .   ? 12.516  9.671   11.897  1.00 51.23  ? 9185 HOH A O   1 
HETATM 1261 O O   . HOH B 2 .   ? 12.214  12.238  -2.155  1.00 46.69  ? 9186 HOH A O   1 
HETATM 1262 O O   . HOH B 2 .   ? -4.776  -9.208  -14.479 1.00 27.83  ? 9187 HOH A O   1 
HETATM 1263 O O   . HOH B 2 .   ? 6.112   -12.183 -5.859  1.00 23.63  ? 9188 HOH A O   1 
HETATM 1264 O O   . HOH B 2 .   ? 1.712   15.076  6.545   1.00 29.67  ? 9189 HOH A O   1 
HETATM 1265 O O   . HOH B 2 .   ? 6.713   -5.788  14.203  1.00 33.57  ? 9190 HOH A O   1 
HETATM 1266 O O   . HOH B 2 .   ? -12.953 7.275   -0.709  1.00 45.47  ? 9191 HOH A O   1 
HETATM 1267 O O   . HOH B 2 .   ? -8.291  4.299   6.522   1.00 36.91  ? 9192 HOH A O   1 
HETATM 1268 O O   . HOH B 2 .   ? -1.114  18.106  -7.970  1.00 59.60  ? 9193 HOH A O   1 
HETATM 1269 O O   . HOH B 2 .   ? -1.330  -17.691 -12.063 1.00 38.66  ? 9194 HOH A O   1 
HETATM 1270 O O   . HOH B 2 .   ? -11.453 17.057  -10.613 1.00 38.69  ? 9195 HOH A O   1 
HETATM 1271 O O   . HOH B 2 .   ? -3.481  10.873  -3.774  1.00 38.18  ? 9196 HOH A O   1 
HETATM 1272 O O   . HOH B 2 .   ? -9.768  -15.940 -5.451  1.00 37.29  ? 9197 HOH A O   1 
HETATM 1273 O O   . HOH B 2 .   ? -4.262  11.410  12.042  1.00 37.49  ? 9198 HOH A O   1 
HETATM 1274 O O   . HOH B 2 .   ? -7.054  -13.962 -10.933 1.00 41.58  ? 9199 HOH A O   1 
HETATM 1275 O O   . HOH B 2 .   ? 14.848  -8.328  -2.163  1.00 56.01  ? 9200 HOH A O   1 
HETATM 1276 O O   . HOH B 2 .   ? 6.481   -8.890  -16.977 1.00 37.51  ? 9201 HOH A O   1 
HETATM 1277 O O   . HOH B 2 .   ? 13.408  11.953  -12.867 1.00 49.90  ? 9202 HOH A O   1 
HETATM 1278 O O   . HOH B 2 .   ? 3.312   6.929   -20.451 1.00 112.68 ? 9203 HOH A O   1 
HETATM 1279 O O   . HOH B 2 .   ? -1.836  -8.489  -17.524 1.00 36.00  ? 9204 HOH A O   1 
HETATM 1280 O O   . HOH B 2 .   ? 8.893   18.146  4.527   1.00 53.03  ? 9205 HOH A O   1 
HETATM 1281 O O   . HOH B 2 .   ? -3.878  -18.175 6.150   1.00 58.84  ? 9206 HOH A O   1 
HETATM 1282 O O   . HOH B 2 .   ? -0.779  -2.930  -17.471 1.00 48.11  ? 9207 HOH A O   1 
HETATM 1283 O O   . HOH B 2 .   ? -0.611  0.154   -17.914 1.00 43.17  ? 9208 HOH A O   1 
HETATM 1284 O O   . HOH B 2 .   ? 2.071   19.509  3.950   1.00 44.86  ? 9209 HOH A O   1 
HETATM 1285 O O   . HOH B 2 .   ? 2.422   10.778  -13.657 1.00 43.78  ? 9210 HOH A O   1 
HETATM 1286 O O   . HOH B 2 .   ? 12.036  -3.697  3.094   1.00 56.26  ? 9211 HOH A O   1 
HETATM 1287 O O   . HOH B 2 .   ? 9.659   -6.591  2.549   1.00 55.43  ? 9212 HOH A O   1 
HETATM 1288 O O   . HOH B 2 .   ? 18.071  5.821   5.546   1.00 38.35  ? 9213 HOH A O   1 
HETATM 1289 O O   . HOH B 2 .   ? -3.754  -14.281 13.301  1.00 41.42  ? 9214 HOH A O   1 
HETATM 1290 O O   . HOH B 2 .   ? -0.522  5.636   22.260  1.00 53.97  ? 9215 HOH A O   1 
HETATM 1291 O O   . HOH B 2 .   ? -1.790  16.939  -10.275 1.00 47.82  ? 9216 HOH A O   1 
HETATM 1292 O O   . HOH B 2 .   ? -6.831  -10.487 -14.458 1.00 45.86  ? 9217 HOH A O   1 
HETATM 1293 O O   . HOH B 2 .   ? -10.544 -21.566 1.453   1.00 51.68  ? 9218 HOH A O   1 
HETATM 1294 O O   . HOH B 2 .   ? -2.885  16.712  -7.568  1.00 33.28  ? 9219 HOH A O   1 
HETATM 1295 O O   . HOH B 2 .   ? -7.630  6.191   15.237  1.00 45.31  ? 9220 HOH A O   1 
HETATM 1296 O O   . HOH B 2 .   ? 1.003   14.227  -9.440  1.00 60.71  ? 9221 HOH A O   1 
HETATM 1297 O O   . HOH B 2 .   ? 8.006   1.943   16.498  1.00 38.74  ? 9222 HOH A O   1 
HETATM 1298 O O   . HOH B 2 .   ? 6.430   17.812  -7.676  1.00 33.22  ? 9223 HOH A O   1 
HETATM 1299 O O   . HOH B 2 .   ? 3.175   2.759   -17.331 1.00 48.12  ? 9224 HOH A O   1 
HETATM 1300 O O   . HOH B 2 .   ? -4.246  16.693  -11.991 1.00 48.78  ? 9225 HOH A O   1 
HETATM 1301 O O   . HOH B 2 .   ? 14.623  13.879  0.757   1.00 65.37  ? 9226 HOH A O   1 
HETATM 1302 O O   . HOH B 2 .   ? -12.370 -4.937  16.337  1.00 50.53  ? 9227 HOH A O   1 
HETATM 1303 O O   . HOH B 2 .   ? -13.079 4.951   1.179   1.00 44.81  ? 9228 HOH A O   1 
HETATM 1304 O O   . HOH B 2 .   ? 0.425   -6.937  17.480  1.00 42.36  ? 9229 HOH A O   1 
HETATM 1305 O O   . HOH B 2 .   ? 7.310   -10.742 -4.142  1.00 38.73  ? 9230 HOH A O   1 
HETATM 1306 O O   . HOH B 2 .   ? -0.295  -15.283 6.520   1.00 60.64  ? 9231 HOH A O   1 
HETATM 1307 O O   . HOH B 2 .   ? 8.818   4.444   15.990  1.00 54.58  ? 9232 HOH A O   1 
HETATM 1308 O O   . HOH B 2 .   ? -3.248  19.888  -11.240 1.00 75.64  ? 9233 HOH A O   1 
HETATM 1309 O O   . HOH B 2 .   ? 3.419   14.160  -13.578 1.00 123.10 ? 9234 HOH A O   1 
HETATM 1310 O O   . HOH B 2 .   ? 17.150  6.661   10.786  1.00 37.92  ? 9235 HOH A O   1 
HETATM 1311 O O   . HOH B 2 .   ? 6.130   17.953  1.057   1.00 47.48  ? 9236 HOH A O   1 
HETATM 1312 O O   . HOH B 2 .   ? 14.952  10.136  4.295   1.00 41.46  ? 9237 HOH A O   1 
HETATM 1313 O O   . HOH B 2 .   ? 5.525   -3.792  -19.409 1.00 51.57  ? 9238 HOH A O   1 
HETATM 1314 O O   . HOH B 2 .   ? -2.270  -1.267  18.563  1.00 53.49  ? 9239 HOH A O   1 
HETATM 1315 O O   . HOH B 2 .   ? 3.145   -9.346  15.487  1.00 40.37  ? 9240 HOH A O   1 
HETATM 1316 O O   . HOH B 2 .   ? -14.940 -2.166  7.684   1.00 32.11  ? 9241 HOH A O   1 
HETATM 1317 O O   . HOH B 2 .   ? 16.187  12.220  -2.680  1.00 44.90  ? 9242 HOH A O   1 
HETATM 1318 O O   . HOH B 2 .   ? -6.829  16.550  -9.849  1.00 39.25  ? 9243 HOH A O   1 
HETATM 1319 O O   . HOH B 2 .   ? -9.263  -8.170  -16.124 1.00 48.65  ? 9244 HOH A O   1 
HETATM 1320 O O   . HOH B 2 .   ? -0.328  -17.504 -2.543  1.00 48.60  ? 9245 HOH A O   1 
HETATM 1321 O O   . HOH B 2 .   ? 3.545   5.107   20.148  1.00 44.81  ? 9246 HOH A O   1 
HETATM 1322 O O   . HOH B 2 .   ? -2.150  17.010  -3.213  1.00 45.06  ? 9247 HOH A O   1 
HETATM 1323 O O   . HOH B 2 .   ? -8.734  -16.338 -2.593  1.00 39.82  ? 9248 HOH A O   1 
HETATM 1324 O O   . HOH B 2 .   ? 10.186  16.125  4.407   1.00 61.25  ? 9249 HOH A O   1 
HETATM 1325 O O   . HOH B 2 .   ? -0.398  14.133  13.019  1.00 68.40  ? 9251 HOH A O   1 
HETATM 1326 O O   . HOH B 2 .   ? 3.836   11.326  -11.064 1.00 47.35  ? 9252 HOH A O   1 
HETATM 1327 O O   . HOH B 2 .   ? 2.547   -5.235  -18.653 1.00 47.56  ? 9253 HOH A O   1 
HETATM 1328 O O   . HOH B 2 .   ? 11.911  15.554  6.012   1.00 51.52  ? 9254 HOH A O   1 
HETATM 1329 O O   . HOH B 2 .   ? -8.339  -11.531 10.428  1.00 43.08  ? 9255 HOH A O   1 
HETATM 1330 O O   . HOH B 2 .   ? 2.078   15.553  11.342  1.00 46.15  ? 9256 HOH A O   1 
HETATM 1331 O O   . HOH B 2 .   ? 9.343   -14.188 -0.500  1.00 34.82  ? 9257 HOH A O   1 
HETATM 1332 O O   . HOH B 2 .   ? 0.671   18.368  -2.654  1.00 44.42  ? 9258 HOH A O   1 
HETATM 1333 O O   . HOH B 2 .   ? 16.464  6.090   8.032   1.00 43.54  ? 9259 HOH A O   1 
HETATM 1334 O O   . HOH B 2 .   ? 16.238  10.600  1.212   1.00 41.26  ? 9260 HOH A O   1 
HETATM 1335 O O   . HOH B 2 .   ? 1.382   17.417  -6.720  1.00 44.17  ? 9261 HOH A O   1 
HETATM 1336 O O   . HOH B 2 .   ? 10.286  4.876   14.132  1.00 40.66  ? 9262 HOH A O   1 
HETATM 1337 O O   . HOH B 2 .   ? -8.755  -11.849 -9.934  1.00 40.57  ? 9263 HOH A O   1 
HETATM 1338 O O   . HOH B 2 .   ? -3.296  1.068   21.882  1.00 53.65  ? 9264 HOH A O   1 
HETATM 1339 O O   . HOH B 2 .   ? -2.508  -18.342 -1.005  1.00 75.45  ? 9265 HOH A O   1 
HETATM 1340 O O   . HOH B 2 .   ? 13.892  11.229  2.586   1.00 51.84  ? 9266 HOH A O   1 
HETATM 1341 O O   . HOH B 2 .   ? 10.229  16.011  -7.584  1.00 46.13  ? 9267 HOH A O   1 
HETATM 1342 O O   . HOH B 2 .   ? -5.553  -16.181 -15.475 1.00 61.62  ? 9268 HOH A O   1 
HETATM 1343 O O   . HOH B 2 .   ? -6.714  -2.272  -19.561 1.00 41.06  ? 9269 HOH A O   1 
HETATM 1344 O O   . HOH B 2 .   ? -0.173  13.335  15.934  1.00 52.80  ? 9270 HOH A O   1 
HETATM 1345 O O   . HOH B 2 .   ? -2.891  9.653   19.750  1.00 51.56  ? 9271 HOH A O   1 
HETATM 1346 O O   . HOH B 2 .   ? -6.873  -17.130 2.154   1.00 48.84  ? 9272 HOH A O   1 
HETATM 1347 O O   . HOH B 2 .   ? -0.903  -18.140 -14.951 1.00 47.74  ? 9273 HOH A O   1 
HETATM 1348 O O   . HOH B 2 .   ? 0.687   13.491  -12.594 1.00 46.25  ? 9274 HOH A O   1 
HETATM 1349 O O   . HOH B 2 .   ? 4.124   18.180  16.518  1.00 66.53  ? 9276 HOH A O   1 
HETATM 1350 O O   . HOH B 2 .   ? -15.608 7.109   -1.535  1.00 51.36  ? 9277 HOH A O   1 
HETATM 1351 O O   . HOH B 2 .   ? -14.392 11.187  -8.469  1.00 46.74  ? 9278 HOH A O   1 
HETATM 1352 O O   . HOH B 2 .   ? -0.332  -12.275 -16.011 1.00 52.64  ? 9279 HOH A O   1 
HETATM 1353 O O   . HOH B 2 .   ? -10.041 -14.180 -6.916  1.00 48.04  ? 9280 HOH A O   1 
HETATM 1354 O O   . HOH B 2 .   ? -3.114  -10.617 -16.751 1.00 36.59  ? 9281 HOH A O   1 
HETATM 1355 O O   . HOH B 2 .   ? 7.050   6.395   18.576  1.00 52.85  ? 9282 HOH A O   1 
HETATM 1356 O O   . HOH B 2 .   ? 0.833   8.020   -20.062 1.00 55.25  ? 9283 HOH A O   1 
HETATM 1357 O O   . HOH B 2 .   ? -5.773  -11.997 12.933  1.00 50.05  ? 9284 HOH A O   1 
HETATM 1358 O O   . HOH B 2 .   ? 3.205   20.661  2.285   1.00 50.20  ? 9285 HOH A O   1 
HETATM 1359 O O   . HOH B 2 .   ? -0.298  19.489  -6.332  1.00 55.79  ? 9286 HOH A O   1 
HETATM 1360 O O   . HOH B 2 .   ? 6.133   -7.825  -18.983 1.00 55.94  ? 9288 HOH A O   1 
HETATM 1361 O O   . HOH B 2 .   ? 12.067  17.392  -4.235  1.00 55.00  ? 9289 HOH A O   1 
HETATM 1362 O O   . HOH B 2 .   ? -8.188  -15.030 0.233   1.00 49.70  ? 9291 HOH A O   1 
HETATM 1363 O O   . HOH B 2 .   ? 1.920   12.774  11.679  1.00 43.79  ? 9292 HOH A O   1 
HETATM 1364 O O   . HOH B 2 .   ? 1.997   19.600  -6.333  1.00 92.90  ? 9293 HOH A O   1 
HETATM 1365 O O   . HOH B 2 .   ? 15.508  12.850  4.949   1.00 59.32  ? 9294 HOH A O   1 
HETATM 1366 O O   . HOH B 2 .   ? -6.786  -14.509 5.928   1.00 49.46  ? 9295 HOH A O   1 
HETATM 1367 O O   . HOH B 2 .   ? 0.115   0.721   17.857  1.00 47.37  ? 9296 HOH A O   1 
HETATM 1368 O O   . HOH B 2 .   ? -4.509  -14.386 -1.718  1.00 42.84  ? 9297 HOH A O   1 
HETATM 1369 O O   . HOH B 2 .   ? -4.598  -3.923  -18.887 1.00 40.05  ? 9298 HOH A O   1 
HETATM 1370 O O   . HOH B 2 .   ? 2.022   16.694  8.653   1.00 48.40  ? 9299 HOH A O   1 
HETATM 1371 O O   . HOH B 2 .   ? 2.795   16.616  13.889  1.00 64.77  ? 9300 HOH A O   1 
HETATM 1372 O O   . HOH B 2 .   ? -4.035  -10.051 15.226  1.00 45.67  ? 9301 HOH A O   1 
HETATM 1373 O O   . HOH B 2 .   ? 12.309  13.667  3.753   1.00 59.89  ? 9302 HOH A O   1 
HETATM 1374 O O   . HOH B 2 .   ? 7.570   -11.970 0.965   1.00 54.10  ? 9303 HOH A O   1 
HETATM 1375 O O   . HOH B 2 .   ? -4.173  5.936   18.628  1.00 57.66  ? 9304 HOH A O   1 
HETATM 1376 O O   . HOH B 2 .   ? 2.695   18.787  -1.104  1.00 47.46  ? 9305 HOH A O   1 
HETATM 1377 O O   . HOH B 2 .   ? 0.168   4.657   -18.064 1.00 47.86  ? 9306 HOH A O   1 
HETATM 1378 O O   . HOH B 2 .   ? -9.883  -18.958 -5.427  1.00 68.75  ? 9307 HOH A O   1 
HETATM 1379 O O   . HOH B 2 .   ? -1.344  10.250  16.489  1.00 157.91 ? 9308 HOH A O   1 
HETATM 1380 O O   . HOH B 2 .   ? 5.157   13.464  -9.980  1.00 72.48  ? 9309 HOH A O   1 
HETATM 1381 O O   . HOH B 2 .   ? 3.080   18.485  -7.920  1.00 144.25 ? 9310 HOH A O   1 
HETATM 1382 O O   . HOH B 2 .   ? 4.442   8.787   -15.085 1.00 71.31  ? 9311 HOH A O   1 
HETATM 1383 O O   . HOH B 2 .   ? 6.369   15.880  14.495  1.00 81.36  ? 9312 HOH A O   1 
HETATM 1384 O O   . HOH B 2 .   ? 3.186   2.376   -20.651 1.00 61.69  ? 9313 HOH A O   1 
HETATM 1385 O O   . HOH B 2 .   ? -4.511  -14.319 -16.812 1.00 50.00  ? 9314 HOH A O   1 
HETATM 1386 O O   . HOH B 2 .   ? 3.879   -7.363  -18.361 1.00 50.00  ? 9315 HOH A O   1 
HETATM 1387 O O   . HOH B 2 .   ? 7.283   -5.169  -17.490 1.00 50.00  ? 9316 HOH A O   1 
HETATM 1388 O O   . HOH B 2 .   ? -3.144  -2.095  -18.683 1.00 50.00  ? 9317 HOH A O   1 
HETATM 1389 O O   . HOH B 2 .   ? 5.156   18.623  -1.927  1.00 50.00  ? 9318 HOH A O   1 
HETATM 1390 O O   . HOH B 2 .   ? 4.472   6.430   -18.491 1.00 50.00  ? 9319 HOH A O   1 
HETATM 1391 O O   . HOH B 2 .   ? -12.902 -21.292 1.050   1.00 50.00  ? 9320 HOH A O   1 
HETATM 1392 O O   . HOH B 2 .   ? 5.822   -2.550  16.955  1.00 50.00  ? 9322 HOH A O   1 
HETATM 1393 O O   . HOH B 2 .   ? -6.401  -16.654 -5.655  1.00 50.00  ? 9323 HOH A O   1 
HETATM 1394 O O   . HOH B 2 .   ? 4.289   15.095  12.266  1.00 50.00  ? 9324 HOH A O   1 
HETATM 1395 O O   . HOH B 2 .   ? 15.732  7.672   6.423   1.00 50.00  ? 9326 HOH A O   1 
HETATM 1396 O O   . HOH B 2 .   ? -8.111  21.013  -9.792  1.00 50.00  ? 9327 HOH A O   1 
HETATM 1397 O O   . HOH B 2 .   ? 1.994   7.755   21.710  1.00 50.00  ? 9328 HOH A O   1 
# 
